data_2IDA
#
_entry.id   2IDA
#
loop_
_entity.id
_entity.type
_entity.pdbx_description
1 polymer 'Hypothetical protein'
2 non-polymer 'ZINC ION'
#
_entity_poly.entity_id   1
_entity_poly.type   'polypeptide(L)'
_entity_poly.pdbx_seq_one_letter_code
;MTMGCRHVAGIRTVTPSALGCEECLKIGSPWVHLRICRTCGHVGCCDDSPHKHATRHFHATGHPIIEGYDPPEGWGWCYV
DEVMFDLSDRMTPHNGPIPRYV
;
_entity_poly.pdbx_strand_id   A
#
loop_
_chem_comp.id
_chem_comp.type
_chem_comp.name
_chem_comp.formula
ZN non-polymer 'ZINC ION' 'Zn 2'
#
# COMPACT_ATOMS: atom_id res chain seq x y z
N MET A 1 15.40 -6.94 6.39
CA MET A 1 14.65 -7.92 5.56
C MET A 1 15.26 -8.03 4.17
N THR A 2 15.41 -6.90 3.50
CA THR A 2 16.01 -6.87 2.17
C THR A 2 16.69 -5.53 1.96
N MET A 3 17.82 -5.53 1.25
CA MET A 3 18.53 -4.29 0.91
C MET A 3 17.63 -3.38 0.10
N GLY A 4 17.37 -2.19 0.63
CA GLY A 4 16.50 -1.25 -0.05
C GLY A 4 17.15 -0.62 -1.27
N CYS A 5 16.48 -0.75 -2.41
CA CYS A 5 16.93 -0.11 -3.65
C CYS A 5 16.87 1.42 -3.51
N ARG A 6 17.49 2.12 -4.46
CA ARG A 6 17.56 3.59 -4.43
C ARG A 6 16.17 4.24 -4.32
N HIS A 7 15.12 3.51 -4.71
CA HIS A 7 13.76 4.01 -4.59
C HIS A 7 13.37 4.28 -3.14
N VAL A 8 13.96 3.51 -2.23
CA VAL A 8 13.64 3.64 -0.80
C VAL A 8 14.12 4.96 -0.26
N ALA A 9 15.18 5.48 -0.86
CA ALA A 9 15.79 6.71 -0.40
C ALA A 9 14.87 7.90 -0.61
N GLY A 10 13.81 7.70 -1.39
CA GLY A 10 12.90 8.78 -1.70
C GLY A 10 11.51 8.58 -1.12
N ILE A 11 11.35 7.55 -0.31
CA ILE A 11 10.06 7.29 0.33
C ILE A 11 10.07 7.79 1.77
N ARG A 12 8.92 8.25 2.23
CA ARG A 12 8.80 8.80 3.58
C ARG A 12 7.57 8.23 4.29
N THR A 13 7.32 8.74 5.48
CA THR A 13 6.11 8.40 6.22
C THR A 13 4.98 9.34 5.81
N VAL A 14 3.89 8.76 5.31
CA VAL A 14 2.81 9.54 4.73
C VAL A 14 1.52 9.36 5.52
N THR A 15 0.44 9.95 5.01
CA THR A 15 -0.86 9.83 5.64
C THR A 15 -1.87 9.27 4.64
N PRO A 16 -2.58 8.20 5.02
CA PRO A 16 -3.59 7.56 4.16
C PRO A 16 -4.76 8.47 3.84
N SER A 17 -5.32 8.31 2.66
CA SER A 17 -6.43 9.14 2.22
C SER A 17 -7.74 8.67 2.83
N ALA A 18 -7.86 7.37 3.08
CA ALA A 18 -9.06 6.80 3.67
C ALA A 18 -8.70 5.73 4.68
N LEU A 19 -9.72 5.00 5.15
CA LEU A 19 -9.52 3.92 6.12
C LEU A 19 -9.30 2.60 5.42
N GLY A 20 -9.18 2.68 4.11
CA GLY A 20 -8.99 1.50 3.29
C GLY A 20 -8.85 1.88 1.83
N CYS A 21 -9.16 0.94 0.95
CA CYS A 21 -9.08 1.21 -0.48
C CYS A 21 -10.18 2.17 -0.89
N GLU A 22 -9.78 3.40 -1.18
CA GLU A 22 -10.71 4.49 -1.50
C GLU A 22 -11.62 4.11 -2.66
N GLU A 23 -11.06 3.45 -3.65
CA GLU A 23 -11.81 3.04 -4.83
C GLU A 23 -12.90 2.03 -4.47
N CYS A 24 -12.56 1.07 -3.63
CA CYS A 24 -13.53 0.06 -3.20
C CYS A 24 -14.61 0.71 -2.33
N LEU A 25 -14.22 1.72 -1.57
CA LEU A 25 -15.14 2.42 -0.69
C LEU A 25 -16.16 3.23 -1.49
N LYS A 26 -15.81 3.58 -2.74
CA LYS A 26 -16.69 4.40 -3.58
C LYS A 26 -17.91 3.60 -4.02
N ILE A 27 -17.79 2.28 -3.97
CA ILE A 27 -18.90 1.40 -4.37
C ILE A 27 -19.31 0.50 -3.21
N GLY A 28 -18.76 0.77 -2.04
CA GLY A 28 -19.08 -0.01 -0.85
C GLY A 28 -18.77 -1.48 -1.03
N SER A 29 -17.60 -1.76 -1.59
CA SER A 29 -17.20 -3.13 -1.84
C SER A 29 -16.00 -3.52 -0.98
N PRO A 30 -15.94 -4.79 -0.55
CA PRO A 30 -14.87 -5.29 0.31
C PRO A 30 -13.55 -5.46 -0.43
N TRP A 31 -12.48 -5.66 0.34
CA TRP A 31 -11.17 -5.89 -0.23
C TRP A 31 -10.49 -7.06 0.47
N VAL A 32 -9.42 -7.55 -0.10
CA VAL A 32 -8.66 -8.62 0.52
C VAL A 32 -7.56 -8.03 1.41
N HIS A 33 -6.62 -7.32 0.80
CA HIS A 33 -5.56 -6.64 1.54
C HIS A 33 -5.23 -5.31 0.90
N LEU A 34 -4.54 -4.44 1.63
CA LEU A 34 -4.32 -3.07 1.19
C LEU A 34 -2.84 -2.73 1.07
N ARG A 35 -2.52 -2.01 0.01
CA ARG A 35 -1.17 -1.52 -0.23
C ARG A 35 -1.19 -0.01 -0.38
N ILE A 36 -0.47 0.69 0.48
CA ILE A 36 -0.41 2.14 0.44
C ILE A 36 0.97 2.60 0.00
N CYS A 37 1.04 3.61 -0.87
CA CYS A 37 2.32 4.15 -1.29
C CYS A 37 3.03 4.80 -0.13
N ARG A 38 4.36 4.75 -0.15
CA ARG A 38 5.16 5.50 0.80
C ARG A 38 5.44 6.90 0.25
N THR A 39 4.56 7.35 -0.65
CA THR A 39 4.75 8.60 -1.35
C THR A 39 3.50 9.49 -1.27
N CYS A 40 2.45 9.11 -2.00
CA CYS A 40 1.24 9.94 -2.08
C CYS A 40 0.28 9.64 -0.92
N GLY A 41 0.49 8.50 -0.26
CA GLY A 41 -0.35 8.14 0.87
C GLY A 41 -1.72 7.60 0.46
N HIS A 42 -1.86 7.27 -0.81
CA HIS A 42 -3.13 6.74 -1.31
C HIS A 42 -3.12 5.23 -1.18
N VAL A 43 -4.26 4.66 -0.83
CA VAL A 43 -4.36 3.24 -0.56
C VAL A 43 -4.88 2.50 -1.79
N GLY A 44 -4.76 1.17 -1.78
CA GLY A 44 -5.31 0.38 -2.85
C GLY A 44 -5.25 -1.09 -2.53
N CYS A 45 -6.21 -1.86 -3.02
CA CYS A 45 -6.20 -3.29 -2.80
C CYS A 45 -5.14 -3.94 -3.68
N CYS A 46 -4.53 -5.00 -3.15
CA CYS A 46 -3.44 -5.68 -3.82
C CYS A 46 -3.89 -6.33 -5.13
N ASP A 47 -2.92 -6.81 -5.92
CA ASP A 47 -3.22 -7.47 -7.18
C ASP A 47 -3.83 -8.84 -6.93
N ASP A 48 -3.67 -9.32 -5.70
CA ASP A 48 -4.30 -10.55 -5.25
C ASP A 48 -5.81 -10.37 -5.21
N SER A 49 -6.24 -9.12 -5.04
CA SER A 49 -7.64 -8.77 -5.10
C SER A 49 -8.03 -8.53 -6.56
N PRO A 50 -9.23 -8.98 -6.97
CA PRO A 50 -9.68 -8.85 -8.37
C PRO A 50 -9.82 -7.39 -8.82
N HIS A 51 -9.92 -6.49 -7.85
CA HIS A 51 -10.07 -5.06 -8.14
C HIS A 51 -8.75 -4.47 -8.61
N LYS A 52 -7.65 -4.95 -8.01
CA LYS A 52 -6.29 -4.53 -8.37
C LYS A 52 -6.14 -3.01 -8.40
N HIS A 53 -6.41 -2.35 -7.29
CA HIS A 53 -6.30 -0.90 -7.25
C HIS A 53 -4.84 -0.46 -7.15
N ALA A 54 -4.05 -1.23 -6.40
CA ALA A 54 -2.66 -0.87 -6.16
C ALA A 54 -1.82 -0.94 -7.43
N THR A 55 -2.10 -1.92 -8.28
CA THR A 55 -1.33 -2.12 -9.50
C THR A 55 -1.69 -1.09 -10.56
N ARG A 56 -2.99 -0.87 -10.77
CA ARG A 56 -3.45 0.11 -11.74
C ARG A 56 -3.02 1.51 -11.32
N HIS A 57 -3.07 1.77 -10.01
CA HIS A 57 -2.63 3.05 -9.46
C HIS A 57 -1.14 3.24 -9.71
N PHE A 58 -0.36 2.18 -9.52
CA PHE A 58 1.08 2.23 -9.76
C PHE A 58 1.38 2.68 -11.19
N HIS A 59 0.70 2.06 -12.15
CA HIS A 59 0.90 2.39 -13.56
C HIS A 59 0.42 3.81 -13.87
N ALA A 60 -0.59 4.26 -13.13
CA ALA A 60 -1.18 5.56 -13.38
C ALA A 60 -0.33 6.70 -12.83
N THR A 61 0.26 6.48 -11.66
CA THR A 61 0.99 7.55 -10.97
C THR A 61 2.50 7.35 -11.03
N GLY A 62 2.95 6.11 -11.08
CA GLY A 62 4.37 5.83 -11.05
C GLY A 62 4.90 5.75 -9.63
N HIS A 63 4.18 5.04 -8.78
CA HIS A 63 4.59 4.88 -7.38
C HIS A 63 4.89 3.41 -7.12
N PRO A 64 6.16 3.01 -7.27
CA PRO A 64 6.56 1.60 -7.25
C PRO A 64 6.64 0.98 -5.86
N ILE A 65 6.73 1.81 -4.82
CA ILE A 65 6.88 1.28 -3.47
C ILE A 65 5.59 1.43 -2.67
N ILE A 66 5.10 0.30 -2.20
CA ILE A 66 3.89 0.24 -1.40
C ILE A 66 4.15 -0.49 -0.09
N GLU A 67 3.35 -0.19 0.91
CA GLU A 67 3.44 -0.83 2.21
C GLU A 67 2.12 -1.50 2.55
N GLY A 68 2.20 -2.64 3.24
CA GLY A 68 1.00 -3.31 3.68
C GLY A 68 0.33 -2.56 4.80
N TYR A 69 -0.80 -1.92 4.50
CA TYR A 69 -1.48 -1.10 5.49
C TYR A 69 -2.54 -1.92 6.23
N ASP A 70 -3.30 -2.71 5.49
CA ASP A 70 -4.28 -3.62 6.09
C ASP A 70 -3.58 -4.64 7.00
N PRO A 71 -2.48 -5.28 6.53
CA PRO A 71 -1.59 -6.03 7.39
C PRO A 71 -0.35 -5.20 7.73
N PRO A 72 -0.39 -4.44 8.86
CA PRO A 72 0.68 -3.51 9.24
C PRO A 72 1.92 -4.21 9.77
N GLU A 73 2.45 -5.14 8.98
CA GLU A 73 3.64 -5.89 9.35
C GLU A 73 4.87 -4.99 9.34
N GLY A 74 4.92 -4.07 8.39
CA GLY A 74 6.05 -3.17 8.29
C GLY A 74 7.02 -3.59 7.20
N TRP A 75 6.51 -3.69 5.98
CA TRP A 75 7.34 -4.06 4.84
C TRP A 75 7.01 -3.19 3.64
N GLY A 76 7.96 -3.07 2.74
CA GLY A 76 7.75 -2.29 1.54
C GLY A 76 8.03 -3.10 0.29
N TRP A 77 7.06 -3.13 -0.61
CA TRP A 77 7.21 -3.85 -1.85
C TRP A 77 7.46 -2.88 -2.99
N CYS A 78 8.50 -3.14 -3.76
CA CYS A 78 8.83 -2.29 -4.89
C CYS A 78 8.49 -3.02 -6.19
N TYR A 79 7.40 -2.62 -6.83
CA TYR A 79 6.88 -3.32 -8.02
C TYR A 79 7.96 -3.56 -9.09
N VAL A 80 8.68 -2.51 -9.45
CA VAL A 80 9.67 -2.59 -10.52
C VAL A 80 10.86 -3.48 -10.15
N ASP A 81 11.07 -3.66 -8.85
CA ASP A 81 12.19 -4.47 -8.36
C ASP A 81 11.72 -5.88 -8.01
N GLU A 82 10.48 -5.95 -7.55
CA GLU A 82 9.87 -7.19 -7.06
C GLU A 82 10.51 -7.63 -5.75
N VAL A 83 11.17 -6.69 -5.08
CA VAL A 83 11.79 -6.97 -3.80
C VAL A 83 10.93 -6.44 -2.66
N MET A 84 10.84 -7.22 -1.60
CA MET A 84 10.10 -6.82 -0.41
C MET A 84 11.06 -6.59 0.75
N PHE A 85 11.23 -5.34 1.12
CA PHE A 85 12.17 -4.96 2.17
C PHE A 85 11.43 -4.53 3.42
N ASP A 86 12.18 -4.17 4.45
CA ASP A 86 11.62 -3.87 5.76
C ASP A 86 11.36 -2.37 5.95
N LEU A 87 10.24 -2.09 6.57
CA LEU A 87 9.87 -0.72 6.96
C LEU A 87 9.28 -0.76 8.36
N SER A 88 9.90 -1.55 9.22
CA SER A 88 9.37 -1.85 10.54
C SER A 88 9.25 -0.61 11.42
N ASP A 89 10.18 0.32 11.30
CA ASP A 89 10.17 1.51 12.15
C ASP A 89 9.59 2.70 11.40
N ARG A 90 9.42 2.54 10.11
CA ARG A 90 8.88 3.62 9.29
C ARG A 90 7.41 3.37 8.94
N MET A 91 6.89 2.23 9.39
CA MET A 91 5.52 1.81 9.06
C MET A 91 4.50 2.93 9.30
N THR A 92 3.55 3.04 8.39
CA THR A 92 2.55 4.09 8.43
C THR A 92 1.58 3.88 9.59
N PRO A 93 1.42 4.89 10.47
CA PRO A 93 0.46 4.85 11.57
C PRO A 93 -0.98 4.77 11.08
N HIS A 94 -1.87 4.25 11.90
CA HIS A 94 -3.26 4.08 11.49
C HIS A 94 -4.02 5.40 11.64
N ASN A 95 -4.73 5.77 10.59
CA ASN A 95 -5.53 7.00 10.59
C ASN A 95 -6.96 6.68 11.02
N GLY A 96 -7.19 5.42 11.34
CA GLY A 96 -8.48 4.97 11.78
C GLY A 96 -8.54 3.45 11.83
N PRO A 97 -9.72 2.87 12.08
CA PRO A 97 -9.89 1.43 12.12
C PRO A 97 -10.21 0.85 10.74
N ILE A 98 -9.29 0.06 10.22
CA ILE A 98 -9.47 -0.54 8.89
C ILE A 98 -10.41 -1.73 8.96
N PRO A 99 -11.53 -1.68 8.22
CA PRO A 99 -12.51 -2.77 8.19
C PRO A 99 -12.00 -3.99 7.44
N ARG A 100 -11.62 -5.01 8.19
CA ARG A 100 -11.20 -6.27 7.59
C ARG A 100 -12.43 -7.10 7.23
N TYR A 101 -12.73 -7.17 5.95
CA TYR A 101 -13.90 -7.88 5.48
C TYR A 101 -13.62 -9.37 5.31
N VAL A 102 -12.46 -9.68 4.75
CA VAL A 102 -12.10 -11.06 4.47
C VAL A 102 -11.57 -11.76 5.73
ZN ZN B . 12.95 -0.17 -6.52
ZN ZN C . 0.50 6.55 -5.10
N MET A 1 14.72 -8.02 5.86
CA MET A 1 14.50 -8.89 4.68
C MET A 1 15.60 -8.65 3.64
N THR A 2 15.81 -7.40 3.28
CA THR A 2 16.85 -7.01 2.33
C THR A 2 17.07 -5.50 2.41
N MET A 3 18.15 -5.03 1.79
CA MET A 3 18.46 -3.61 1.79
C MET A 3 17.56 -2.87 0.82
N GLY A 4 16.92 -3.62 -0.07
CA GLY A 4 15.95 -3.05 -0.98
C GLY A 4 16.58 -2.41 -2.19
N CYS A 5 16.47 -1.10 -2.28
CA CYS A 5 17.00 -0.35 -3.41
C CYS A 5 17.05 1.14 -3.07
N ARG A 6 17.76 1.91 -3.88
CA ARG A 6 17.95 3.34 -3.61
C ARG A 6 16.63 4.11 -3.65
N HIS A 7 15.60 3.48 -4.23
CA HIS A 7 14.27 4.09 -4.28
C HIS A 7 13.71 4.31 -2.87
N VAL A 8 14.17 3.49 -1.92
CA VAL A 8 13.71 3.57 -0.54
C VAL A 8 14.18 4.88 0.10
N ALA A 9 15.31 5.37 -0.37
CA ALA A 9 15.92 6.55 0.22
C ALA A 9 15.10 7.82 -0.09
N GLY A 10 14.10 7.68 -0.95
CA GLY A 10 13.29 8.82 -1.32
C GLY A 10 11.93 8.82 -0.63
N ILE A 11 11.52 7.66 -0.13
CA ILE A 11 10.22 7.53 0.49
C ILE A 11 10.24 8.01 1.93
N ARG A 12 9.10 8.48 2.41
CA ARG A 12 8.99 9.01 3.75
C ARG A 12 7.75 8.44 4.44
N THR A 13 7.56 8.81 5.70
CA THR A 13 6.37 8.41 6.43
C THR A 13 5.21 9.34 6.08
N VAL A 14 4.26 8.82 5.34
CA VAL A 14 3.20 9.64 4.77
C VAL A 14 1.91 9.55 5.57
N THR A 15 0.92 10.33 5.15
CA THR A 15 -0.39 10.31 5.76
C THR A 15 -1.34 9.47 4.91
N PRO A 16 -2.01 8.47 5.51
CA PRO A 16 -2.98 7.65 4.81
C PRO A 16 -4.21 8.45 4.39
N SER A 17 -4.36 8.65 3.08
CA SER A 17 -5.46 9.42 2.54
C SER A 17 -6.79 8.68 2.69
N ALA A 18 -6.71 7.38 2.95
CA ALA A 18 -7.91 6.55 3.05
C ALA A 18 -7.75 5.55 4.18
N LEU A 19 -8.88 4.99 4.63
CA LEU A 19 -8.86 3.93 5.62
C LEU A 19 -8.78 2.58 4.95
N GLY A 20 -9.54 2.42 3.89
CA GLY A 20 -9.51 1.21 3.10
C GLY A 20 -9.44 1.52 1.62
N CYS A 21 -10.03 0.66 0.81
CA CYS A 21 -10.11 0.93 -0.62
C CYS A 21 -11.23 1.94 -0.86
N GLU A 22 -10.83 3.20 -1.04
CA GLU A 22 -11.78 4.30 -1.19
C GLU A 22 -12.72 4.07 -2.38
N GLU A 23 -12.19 3.49 -3.44
CA GLU A 23 -12.96 3.17 -4.62
C GLU A 23 -14.05 2.16 -4.29
N CYS A 24 -13.71 1.16 -3.50
CA CYS A 24 -14.70 0.18 -3.08
C CYS A 24 -15.73 0.82 -2.15
N LEU A 25 -15.27 1.75 -1.33
CA LEU A 25 -16.13 2.42 -0.36
C LEU A 25 -17.17 3.31 -1.04
N LYS A 26 -16.98 3.62 -2.31
CA LYS A 26 -17.88 4.51 -3.02
C LYS A 26 -19.11 3.76 -3.50
N ILE A 27 -18.99 2.45 -3.66
CA ILE A 27 -20.08 1.63 -4.19
C ILE A 27 -20.41 0.45 -3.27
N GLY A 28 -19.79 0.41 -2.11
CA GLY A 28 -20.05 -0.66 -1.15
C GLY A 28 -19.45 -1.99 -1.60
N SER A 29 -18.20 -1.94 -2.02
CA SER A 29 -17.50 -3.11 -2.49
C SER A 29 -16.46 -3.56 -1.46
N PRO A 30 -16.14 -4.87 -1.45
CA PRO A 30 -15.16 -5.43 -0.53
C PRO A 30 -13.72 -5.31 -1.04
N TRP A 31 -12.78 -5.66 -0.18
CA TRP A 31 -11.37 -5.73 -0.54
C TRP A 31 -10.71 -6.78 0.34
N VAL A 32 -9.61 -7.33 -0.13
CA VAL A 32 -8.91 -8.36 0.63
C VAL A 32 -7.75 -7.75 1.40
N HIS A 33 -6.83 -7.11 0.68
CA HIS A 33 -5.67 -6.49 1.31
C HIS A 33 -5.48 -5.06 0.79
N LEU A 34 -4.66 -4.30 1.52
CA LEU A 34 -4.46 -2.89 1.23
C LEU A 34 -2.98 -2.53 1.25
N ARG A 35 -2.53 -1.85 0.21
CA ARG A 35 -1.15 -1.39 0.12
C ARG A 35 -1.11 0.11 -0.15
N ILE A 36 -0.41 0.84 0.71
CA ILE A 36 -0.35 2.29 0.62
C ILE A 36 1.01 2.75 0.07
N CYS A 37 1.00 3.78 -0.76
CA CYS A 37 2.26 4.35 -1.24
C CYS A 37 3.03 4.99 -0.10
N ARG A 38 4.34 4.85 -0.13
CA ARG A 38 5.20 5.61 0.76
C ARG A 38 5.54 6.96 0.13
N THR A 39 4.89 7.21 -1.01
CA THR A 39 5.06 8.45 -1.75
C THR A 39 3.88 9.40 -1.55
N CYS A 40 2.74 9.07 -2.14
CA CYS A 40 1.58 9.96 -2.14
C CYS A 40 0.64 9.68 -0.97
N GLY A 41 0.94 8.63 -0.19
CA GLY A 41 0.13 8.30 0.98
C GLY A 41 -1.27 7.80 0.63
N HIS A 42 -1.48 7.42 -0.62
CA HIS A 42 -2.78 6.90 -1.02
C HIS A 42 -2.80 5.38 -0.89
N VAL A 43 -3.90 4.86 -0.36
CA VAL A 43 -4.05 3.43 -0.13
C VAL A 43 -4.75 2.77 -1.31
N GLY A 44 -4.27 1.59 -1.70
CA GLY A 44 -4.92 0.87 -2.78
C GLY A 44 -5.11 -0.60 -2.43
N CYS A 45 -6.24 -1.17 -2.86
CA CYS A 45 -6.49 -2.59 -2.63
C CYS A 45 -5.59 -3.43 -3.52
N CYS A 46 -5.06 -4.51 -2.98
CA CYS A 46 -4.07 -5.32 -3.68
C CYS A 46 -4.64 -5.93 -4.96
N ASP A 47 -3.74 -6.55 -5.73
CA ASP A 47 -4.09 -7.21 -6.98
C ASP A 47 -4.77 -8.55 -6.71
N ASP A 48 -4.83 -8.91 -5.44
CA ASP A 48 -5.54 -10.11 -5.02
C ASP A 48 -7.00 -9.78 -4.75
N SER A 49 -7.29 -8.49 -4.76
CA SER A 49 -8.64 -8.00 -4.54
C SER A 49 -9.32 -7.72 -5.88
N PRO A 50 -10.67 -7.74 -5.92
CA PRO A 50 -11.45 -7.64 -7.16
C PRO A 50 -11.13 -6.40 -8.00
N HIS A 51 -10.73 -5.31 -7.35
CA HIS A 51 -10.48 -4.06 -8.06
C HIS A 51 -9.03 -3.96 -8.56
N LYS A 52 -8.09 -4.54 -7.81
CA LYS A 52 -6.65 -4.44 -8.13
C LYS A 52 -6.25 -2.98 -8.31
N HIS A 53 -6.84 -2.12 -7.49
CA HIS A 53 -6.67 -0.67 -7.64
C HIS A 53 -5.23 -0.26 -7.34
N ALA A 54 -4.54 -1.02 -6.49
CA ALA A 54 -3.17 -0.69 -6.11
C ALA A 54 -2.20 -0.79 -7.29
N THR A 55 -2.40 -1.79 -8.14
CA THR A 55 -1.52 -2.00 -9.28
C THR A 55 -1.84 -0.97 -10.37
N ARG A 56 -3.13 -0.80 -10.63
CA ARG A 56 -3.60 0.19 -11.60
C ARG A 56 -3.12 1.58 -11.22
N HIS A 57 -3.21 1.90 -9.94
CA HIS A 57 -2.73 3.17 -9.41
C HIS A 57 -1.24 3.36 -9.72
N PHE A 58 -0.44 2.32 -9.53
CA PHE A 58 0.99 2.39 -9.80
C PHE A 58 1.26 2.78 -11.25
N HIS A 59 0.58 2.11 -12.18
CA HIS A 59 0.83 2.33 -13.60
C HIS A 59 0.40 3.73 -14.02
N ALA A 60 -0.57 4.29 -13.30
CA ALA A 60 -1.07 5.63 -13.61
C ALA A 60 -0.18 6.72 -13.00
N THR A 61 0.06 6.63 -11.70
CA THR A 61 0.80 7.67 -10.99
C THR A 61 2.31 7.49 -11.10
N GLY A 62 2.75 6.25 -11.22
CA GLY A 62 4.17 5.96 -11.25
C GLY A 62 4.77 5.89 -9.86
N HIS A 63 4.08 5.21 -8.95
CA HIS A 63 4.57 5.06 -7.58
C HIS A 63 4.90 3.60 -7.30
N PRO A 64 6.17 3.23 -7.48
CA PRO A 64 6.60 1.83 -7.42
C PRO A 64 6.73 1.29 -6.00
N ILE A 65 6.83 2.16 -5.01
CA ILE A 65 7.01 1.71 -3.64
C ILE A 65 5.74 1.85 -2.83
N ILE A 66 5.33 0.73 -2.27
CA ILE A 66 4.12 0.65 -1.46
C ILE A 66 4.44 -0.08 -0.16
N GLU A 67 3.58 0.10 0.83
CA GLU A 67 3.75 -0.53 2.12
C GLU A 67 2.48 -1.26 2.52
N GLY A 68 2.61 -2.33 3.27
CA GLY A 68 1.46 -3.07 3.74
C GLY A 68 0.65 -2.27 4.73
N TYR A 69 -0.51 -1.79 4.28
CA TYR A 69 -1.36 -0.94 5.11
C TYR A 69 -2.28 -1.80 5.98
N ASP A 70 -2.83 -2.85 5.38
CA ASP A 70 -3.73 -3.74 6.10
C ASP A 70 -2.96 -4.75 6.99
N PRO A 71 -1.79 -5.29 6.55
CA PRO A 71 -0.99 -6.19 7.37
C PRO A 71 0.02 -5.42 8.22
N PRO A 72 -0.10 -5.50 9.55
CA PRO A 72 0.77 -4.76 10.50
C PRO A 72 2.19 -5.32 10.59
N GLU A 73 2.66 -5.95 9.51
CA GLU A 73 3.99 -6.52 9.48
C GLU A 73 5.03 -5.43 9.22
N GLY A 74 4.62 -4.39 8.52
CA GLY A 74 5.51 -3.29 8.20
C GLY A 74 6.54 -3.66 7.15
N TRP A 75 6.10 -3.82 5.92
CA TRP A 75 6.99 -4.17 4.82
C TRP A 75 6.74 -3.27 3.62
N GLY A 76 7.77 -3.07 2.83
CA GLY A 76 7.65 -2.25 1.65
C GLY A 76 7.93 -3.03 0.39
N TRP A 77 7.12 -2.81 -0.63
CA TRP A 77 7.24 -3.50 -1.89
C TRP A 77 7.56 -2.50 -2.99
N CYS A 78 8.51 -2.84 -3.84
CA CYS A 78 8.86 -1.98 -4.95
C CYS A 78 8.54 -2.69 -6.26
N TYR A 79 7.45 -2.27 -6.91
CA TYR A 79 6.94 -2.92 -8.13
C TYR A 79 8.05 -3.22 -9.15
N VAL A 80 8.82 -2.20 -9.48
CA VAL A 80 9.83 -2.31 -10.54
C VAL A 80 11.01 -3.19 -10.12
N ASP A 81 11.20 -3.38 -8.83
CA ASP A 81 12.32 -4.18 -8.33
C ASP A 81 11.84 -5.60 -8.01
N GLU A 82 10.60 -5.70 -7.54
CA GLU A 82 10.02 -6.96 -7.09
C GLU A 82 10.76 -7.49 -5.87
N VAL A 83 11.35 -6.58 -5.11
CA VAL A 83 11.99 -6.93 -3.85
C VAL A 83 11.17 -6.38 -2.69
N MET A 84 11.01 -7.19 -1.66
CA MET A 84 10.30 -6.79 -0.46
C MET A 84 11.28 -6.55 0.68
N PHE A 85 11.19 -5.38 1.30
CA PHE A 85 12.04 -5.04 2.41
C PHE A 85 11.20 -4.63 3.60
N ASP A 86 11.78 -4.61 4.78
CA ASP A 86 11.03 -4.27 5.98
C ASP A 86 10.97 -2.77 6.15
N LEU A 87 9.82 -2.28 6.60
CA LEU A 87 9.60 -0.86 6.82
C LEU A 87 9.04 -0.60 8.20
N SER A 88 9.00 -1.63 9.05
CA SER A 88 8.40 -1.54 10.38
C SER A 88 9.03 -0.41 11.20
N ASP A 89 10.27 -0.06 10.86
CA ASP A 89 10.99 1.03 11.53
C ASP A 89 10.34 2.39 11.26
N ARG A 90 9.59 2.48 10.17
CA ARG A 90 9.00 3.74 9.74
C ARG A 90 7.58 3.50 9.23
N MET A 91 7.00 2.37 9.62
CA MET A 91 5.77 1.89 8.98
C MET A 91 4.58 2.80 9.22
N THR A 92 3.69 2.84 8.23
CA THR A 92 2.46 3.59 8.31
C THR A 92 1.31 2.64 8.66
N PRO A 93 0.88 2.61 9.92
CA PRO A 93 -0.17 1.70 10.37
C PRO A 93 -1.56 2.17 10.00
N HIS A 94 -2.51 1.25 9.96
CA HIS A 94 -3.89 1.60 9.67
C HIS A 94 -4.52 2.29 10.87
N ASN A 95 -4.78 3.58 10.72
CA ASN A 95 -5.24 4.42 11.82
C ASN A 95 -6.73 4.26 12.05
N GLY A 96 -7.45 3.81 11.04
CA GLY A 96 -8.89 3.68 11.16
C GLY A 96 -9.33 2.24 11.25
N PRO A 97 -10.55 2.01 11.74
CA PRO A 97 -11.13 0.67 11.85
C PRO A 97 -11.54 0.12 10.49
N ILE A 98 -10.68 -0.70 9.90
CA ILE A 98 -10.93 -1.26 8.58
C ILE A 98 -11.86 -2.47 8.68
N PRO A 99 -12.98 -2.43 7.95
CA PRO A 99 -13.92 -3.57 7.88
C PRO A 99 -13.24 -4.83 7.35
N ARG A 100 -13.17 -5.84 8.18
CA ARG A 100 -12.52 -7.09 7.81
C ARG A 100 -13.44 -7.94 6.96
N TYR A 101 -13.17 -8.02 5.67
CA TYR A 101 -13.99 -8.81 4.76
C TYR A 101 -13.51 -10.25 4.73
N VAL A 102 -12.26 -10.45 5.12
CA VAL A 102 -11.69 -11.79 5.17
C VAL A 102 -11.47 -12.24 6.62
ZN ZN B . 13.13 0.02 -6.41
ZN ZN C . 0.56 6.73 -5.15
N MET A 1 11.23 -10.38 4.22
CA MET A 1 12.01 -9.30 3.59
C MET A 1 13.18 -9.88 2.80
N THR A 2 13.35 -9.43 1.57
CA THR A 2 14.46 -9.87 0.75
C THR A 2 15.55 -8.80 0.69
N MET A 3 15.23 -7.63 0.15
CA MET A 3 16.19 -6.53 -0.01
C MET A 3 15.47 -5.21 -0.21
N GLY A 4 16.16 -4.12 0.12
CA GLY A 4 15.65 -2.80 -0.18
C GLY A 4 16.24 -2.29 -1.49
N CYS A 5 16.20 -0.99 -1.70
CA CYS A 5 16.73 -0.43 -2.94
C CYS A 5 16.85 1.09 -2.84
N ARG A 6 17.59 1.66 -3.80
CA ARG A 6 17.83 3.11 -3.88
C ARG A 6 16.53 3.92 -3.84
N HIS A 7 15.46 3.34 -4.37
CA HIS A 7 14.17 4.00 -4.47
C HIS A 7 13.62 4.35 -3.08
N VAL A 8 14.07 3.61 -2.07
CA VAL A 8 13.58 3.79 -0.71
C VAL A 8 13.87 5.21 -0.20
N ALA A 9 14.93 5.83 -0.72
CA ALA A 9 15.29 7.19 -0.32
C ALA A 9 14.39 8.22 -1.01
N GLY A 10 13.47 7.76 -1.85
CA GLY A 10 12.56 8.66 -2.52
C GLY A 10 11.16 8.62 -1.91
N ILE A 11 10.97 7.74 -0.94
CA ILE A 11 9.69 7.63 -0.25
C ILE A 11 9.74 8.34 1.08
N ARG A 12 8.59 8.79 1.55
CA ARG A 12 8.49 9.43 2.85
C ARG A 12 7.39 8.80 3.66
N THR A 13 7.34 9.11 4.94
CA THR A 13 6.30 8.60 5.80
C THR A 13 5.04 9.44 5.65
N VAL A 14 4.09 8.89 4.90
CA VAL A 14 2.89 9.61 4.53
C VAL A 14 1.77 9.38 5.55
N THR A 15 0.63 9.99 5.29
CA THR A 15 -0.54 9.84 6.15
C THR A 15 -1.66 9.15 5.36
N PRO A 16 -2.34 8.17 5.97
CA PRO A 16 -3.42 7.43 5.30
C PRO A 16 -4.57 8.33 4.88
N SER A 17 -4.85 8.34 3.59
CA SER A 17 -5.96 9.12 3.04
C SER A 17 -7.29 8.45 3.37
N ALA A 18 -7.25 7.14 3.56
CA ALA A 18 -8.46 6.38 3.88
C ALA A 18 -8.11 5.21 4.80
N LEU A 19 -9.14 4.53 5.30
CA LEU A 19 -8.95 3.34 6.13
C LEU A 19 -8.92 2.11 5.23
N GLY A 20 -9.87 2.05 4.32
CA GLY A 20 -9.92 0.95 3.37
C GLY A 20 -9.42 1.36 2.01
N CYS A 21 -9.70 0.56 1.00
CA CYS A 21 -9.30 0.90 -0.37
C CYS A 21 -9.99 2.17 -0.82
N GLU A 22 -9.20 3.19 -1.12
CA GLU A 22 -9.72 4.52 -1.44
C GLU A 22 -10.62 4.50 -2.67
N GLU A 23 -10.51 3.44 -3.46
CA GLU A 23 -11.39 3.26 -4.61
C GLU A 23 -12.62 2.45 -4.23
N CYS A 24 -12.40 1.27 -3.68
CA CYS A 24 -13.48 0.33 -3.37
C CYS A 24 -14.53 0.93 -2.42
N LEU A 25 -14.10 1.86 -1.56
CA LEU A 25 -14.98 2.47 -0.57
C LEU A 25 -16.17 3.20 -1.20
N LYS A 26 -16.03 3.63 -2.45
CA LYS A 26 -17.08 4.41 -3.11
C LYS A 26 -18.30 3.53 -3.42
N ILE A 27 -18.06 2.24 -3.65
CA ILE A 27 -19.15 1.32 -3.97
C ILE A 27 -19.34 0.29 -2.86
N GLY A 28 -18.41 0.26 -1.93
CA GLY A 28 -18.49 -0.69 -0.83
C GLY A 28 -18.18 -2.11 -1.26
N SER A 29 -17.19 -2.24 -2.15
CA SER A 29 -16.80 -3.55 -2.64
C SER A 29 -15.74 -4.18 -1.74
N PRO A 30 -15.78 -5.52 -1.60
CA PRO A 30 -14.82 -6.25 -0.77
C PRO A 30 -13.40 -6.22 -1.34
N TRP A 31 -12.43 -6.46 -0.47
CA TRP A 31 -11.03 -6.53 -0.87
C TRP A 31 -10.30 -7.60 -0.09
N VAL A 32 -9.16 -8.03 -0.60
CA VAL A 32 -8.37 -9.05 0.06
C VAL A 32 -7.29 -8.42 0.92
N HIS A 33 -6.54 -7.48 0.33
CA HIS A 33 -5.46 -6.80 1.05
C HIS A 33 -5.42 -5.34 0.66
N LEU A 34 -4.83 -4.52 1.53
CA LEU A 34 -4.75 -3.08 1.33
C LEU A 34 -3.32 -2.61 1.47
N ARG A 35 -2.91 -1.72 0.58
CA ARG A 35 -1.56 -1.20 0.62
C ARG A 35 -1.57 0.31 0.41
N ILE A 36 -0.84 1.01 1.26
CA ILE A 36 -0.77 2.45 1.20
C ILE A 36 0.46 2.88 0.43
N CYS A 37 0.24 3.78 -0.50
CA CYS A 37 1.31 4.27 -1.35
C CYS A 37 2.20 5.24 -0.59
N ARG A 38 3.46 4.83 -0.36
CA ARG A 38 4.40 5.58 0.47
C ARG A 38 4.84 6.89 -0.17
N THR A 39 4.25 7.24 -1.30
CA THR A 39 4.64 8.45 -2.00
C THR A 39 3.59 9.54 -1.84
N CYS A 40 2.31 9.16 -1.86
CA CYS A 40 1.24 10.16 -1.87
C CYS A 40 0.14 9.83 -0.88
N GLY A 41 0.34 8.77 -0.09
CA GLY A 41 -0.60 8.43 0.97
C GLY A 41 -1.91 7.84 0.47
N HIS A 42 -1.96 7.47 -0.80
CA HIS A 42 -3.18 6.95 -1.38
C HIS A 42 -3.29 5.45 -1.10
N VAL A 43 -4.43 5.03 -0.59
CA VAL A 43 -4.62 3.63 -0.21
C VAL A 43 -5.28 2.85 -1.35
N GLY A 44 -4.65 1.75 -1.73
CA GLY A 44 -5.19 0.93 -2.80
C GLY A 44 -5.24 -0.53 -2.42
N CYS A 45 -6.09 -1.28 -3.08
CA CYS A 45 -6.21 -2.71 -2.83
C CYS A 45 -5.09 -3.46 -3.53
N CYS A 46 -4.68 -4.57 -2.93
CA CYS A 46 -3.63 -5.41 -3.48
C CYS A 46 -4.01 -5.94 -4.87
N ASP A 47 -3.00 -6.26 -5.66
CA ASP A 47 -3.19 -6.83 -6.99
C ASP A 47 -3.91 -8.19 -6.90
N ASP A 48 -3.88 -8.80 -5.72
CA ASP A 48 -4.60 -10.03 -5.48
C ASP A 48 -6.09 -9.83 -5.71
N SER A 49 -6.59 -8.67 -5.29
CA SER A 49 -7.98 -8.33 -5.47
C SER A 49 -8.23 -7.94 -6.93
N PRO A 50 -9.39 -8.34 -7.49
CA PRO A 50 -9.72 -8.18 -8.92
C PRO A 50 -9.46 -6.77 -9.46
N HIS A 51 -9.60 -5.76 -8.61
CA HIS A 51 -9.37 -4.38 -9.02
C HIS A 51 -7.91 -4.14 -9.41
N LYS A 52 -6.99 -4.70 -8.61
CA LYS A 52 -5.55 -4.49 -8.80
C LYS A 52 -5.22 -3.00 -8.89
N HIS A 53 -5.92 -2.19 -8.11
CA HIS A 53 -5.79 -0.75 -8.26
C HIS A 53 -4.43 -0.25 -7.78
N ALA A 54 -3.73 -1.08 -7.01
CA ALA A 54 -2.40 -0.72 -6.55
C ALA A 54 -1.40 -0.66 -7.70
N THR A 55 -1.43 -1.70 -8.54
CA THR A 55 -0.52 -1.78 -9.69
C THR A 55 -0.90 -0.74 -10.73
N ARG A 56 -2.21 -0.56 -10.91
CA ARG A 56 -2.74 0.45 -11.81
C ARG A 56 -2.30 1.84 -11.37
N HIS A 57 -2.38 2.09 -10.07
CA HIS A 57 -1.98 3.38 -9.50
C HIS A 57 -0.51 3.66 -9.80
N PHE A 58 0.31 2.62 -9.76
CA PHE A 58 1.73 2.75 -10.06
C PHE A 58 1.94 3.30 -11.46
N HIS A 59 1.24 2.75 -12.43
CA HIS A 59 1.39 3.19 -13.82
C HIS A 59 0.78 4.57 -14.01
N ALA A 60 -0.26 4.86 -13.24
CA ALA A 60 -0.99 6.12 -13.35
C ALA A 60 -0.20 7.30 -12.75
N THR A 61 0.35 7.12 -11.56
CA THR A 61 1.04 8.21 -10.87
C THR A 61 2.55 8.10 -10.98
N GLY A 62 3.04 6.90 -11.26
CA GLY A 62 4.48 6.69 -11.29
C GLY A 62 5.05 6.56 -9.89
N HIS A 63 4.39 5.78 -9.05
CA HIS A 63 4.80 5.62 -7.66
C HIS A 63 5.15 4.16 -7.40
N PRO A 64 6.45 3.82 -7.44
CA PRO A 64 6.92 2.43 -7.46
C PRO A 64 6.99 1.74 -6.10
N ILE A 65 6.70 2.47 -5.03
CA ILE A 65 6.78 1.89 -3.70
C ILE A 65 5.50 2.07 -2.90
N ILE A 66 5.02 0.96 -2.35
CA ILE A 66 3.86 0.96 -1.49
C ILE A 66 4.20 0.24 -0.18
N GLU A 67 3.27 0.27 0.75
CA GLU A 67 3.48 -0.34 2.05
C GLU A 67 2.26 -1.17 2.45
N GLY A 68 2.50 -2.29 3.10
CA GLY A 68 1.42 -3.13 3.58
C GLY A 68 0.59 -2.44 4.63
N TYR A 69 -0.60 -1.99 4.26
CA TYR A 69 -1.43 -1.18 5.13
C TYR A 69 -2.40 -2.05 5.92
N ASP A 70 -2.94 -3.07 5.28
CA ASP A 70 -3.90 -3.96 5.93
C ASP A 70 -3.24 -4.89 6.97
N PRO A 71 -2.01 -5.42 6.74
CA PRO A 71 -1.35 -6.26 7.73
C PRO A 71 -0.55 -5.44 8.74
N PRO A 72 -0.75 -5.70 10.04
CA PRO A 72 -0.03 -5.02 11.12
C PRO A 72 1.44 -5.45 11.21
N GLU A 73 2.09 -5.57 10.06
CA GLU A 73 3.48 -5.98 10.00
C GLU A 73 4.38 -4.77 9.79
N GLY A 74 4.17 -4.06 8.69
CA GLY A 74 5.00 -2.93 8.37
C GLY A 74 6.09 -3.28 7.38
N TRP A 75 5.72 -3.40 6.11
CA TRP A 75 6.69 -3.70 5.06
C TRP A 75 6.36 -2.95 3.79
N GLY A 76 7.37 -2.73 2.96
CA GLY A 76 7.18 -2.01 1.73
C GLY A 76 7.42 -2.87 0.51
N TRP A 77 6.67 -2.60 -0.54
CA TRP A 77 6.78 -3.34 -1.78
C TRP A 77 7.17 -2.41 -2.91
N CYS A 78 8.19 -2.78 -3.67
CA CYS A 78 8.62 -1.99 -4.81
C CYS A 78 8.26 -2.72 -6.10
N TYR A 79 7.35 -2.12 -6.87
CA TYR A 79 6.77 -2.78 -8.05
C TYR A 79 7.82 -3.29 -9.04
N VAL A 80 8.58 -2.38 -9.63
CA VAL A 80 9.54 -2.74 -10.68
C VAL A 80 10.67 -3.63 -10.14
N ASP A 81 10.89 -3.59 -8.84
CA ASP A 81 11.94 -4.38 -8.21
C ASP A 81 11.40 -5.77 -7.86
N GLU A 82 10.13 -5.79 -7.47
CA GLU A 82 9.45 -7.01 -7.04
C GLU A 82 10.06 -7.53 -5.74
N VAL A 83 10.70 -6.64 -5.00
CA VAL A 83 11.30 -7.00 -3.73
C VAL A 83 10.52 -6.38 -2.57
N MET A 84 10.36 -7.16 -1.51
CA MET A 84 9.69 -6.68 -0.32
C MET A 84 10.71 -6.46 0.80
N PHE A 85 10.60 -5.32 1.45
CA PHE A 85 11.51 -4.96 2.54
C PHE A 85 10.73 -4.47 3.75
N ASP A 86 11.30 -4.62 4.93
CA ASP A 86 10.61 -4.23 6.16
C ASP A 86 10.67 -2.72 6.34
N LEU A 87 9.54 -2.13 6.73
CA LEU A 87 9.45 -0.70 6.98
C LEU A 87 8.82 -0.43 8.34
N SER A 88 8.78 -1.45 9.19
CA SER A 88 8.05 -1.37 10.45
C SER A 88 8.61 -0.26 11.35
N ASP A 89 9.88 0.07 11.17
CA ASP A 89 10.53 1.13 11.95
C ASP A 89 10.03 2.51 11.51
N ARG A 90 9.52 2.58 10.29
CA ARG A 90 9.15 3.84 9.68
C ARG A 90 7.84 3.70 8.92
N MET A 91 6.96 2.86 9.43
CA MET A 91 5.74 2.50 8.72
C MET A 91 4.64 3.52 8.95
N THR A 92 3.60 3.41 8.14
CA THR A 92 2.44 4.27 8.27
C THR A 92 1.39 3.59 9.17
N PRO A 93 1.02 4.24 10.28
CA PRO A 93 0.02 3.72 11.20
C PRO A 93 -1.38 3.67 10.56
N HIS A 94 -2.27 2.91 11.16
CA HIS A 94 -3.62 2.77 10.63
C HIS A 94 -4.44 4.00 10.97
N ASN A 95 -5.38 4.34 10.10
CA ASN A 95 -6.19 5.53 10.26
C ASN A 95 -7.49 5.21 11.01
N GLY A 96 -7.55 4.00 11.55
CA GLY A 96 -8.73 3.58 12.27
C GLY A 96 -9.05 2.12 12.02
N PRO A 97 -10.17 1.63 12.56
CA PRO A 97 -10.60 0.24 12.36
C PRO A 97 -10.98 -0.04 10.90
N ILE A 98 -10.25 -0.95 10.27
CA ILE A 98 -10.44 -1.25 8.87
C ILE A 98 -11.37 -2.45 8.69
N PRO A 99 -12.39 -2.31 7.84
CA PRO A 99 -13.32 -3.41 7.53
C PRO A 99 -12.64 -4.55 6.77
N ARG A 100 -12.43 -5.65 7.46
CA ARG A 100 -11.85 -6.84 6.85
C ARG A 100 -12.95 -7.73 6.29
N TYR A 101 -12.74 -8.23 5.08
CA TYR A 101 -13.72 -9.09 4.44
C TYR A 101 -13.24 -10.54 4.40
N VAL A 102 -12.15 -10.78 3.69
CA VAL A 102 -11.62 -12.12 3.54
C VAL A 102 -11.14 -12.70 4.87
ZN ZN B . 13.00 -0.18 -6.12
ZN ZN C . 0.82 7.25 -5.14
N MET A 1 11.83 -10.84 4.50
CA MET A 1 12.19 -9.58 3.80
C MET A 1 13.53 -9.74 3.09
N THR A 2 13.83 -8.80 2.21
CA THR A 2 15.13 -8.75 1.56
C THR A 2 15.73 -7.35 1.72
N MET A 3 16.86 -7.11 1.07
CA MET A 3 17.58 -5.86 1.21
C MET A 3 16.80 -4.69 0.60
N GLY A 4 16.72 -3.60 1.36
CA GLY A 4 16.09 -2.40 0.86
C GLY A 4 16.88 -1.80 -0.29
N CYS A 5 16.17 -1.35 -1.32
CA CYS A 5 16.83 -0.82 -2.50
C CYS A 5 16.92 0.70 -2.42
N ARG A 6 17.75 1.29 -3.29
CA ARG A 6 17.98 2.73 -3.28
C ARG A 6 16.68 3.53 -3.40
N HIS A 7 15.66 2.92 -4.00
CA HIS A 7 14.35 3.54 -4.13
C HIS A 7 13.75 3.87 -2.75
N VAL A 8 14.17 3.11 -1.73
CA VAL A 8 13.66 3.30 -0.37
C VAL A 8 14.07 4.67 0.16
N ALA A 9 15.19 5.20 -0.34
CA ALA A 9 15.66 6.52 0.06
C ALA A 9 14.85 7.62 -0.63
N GLY A 10 13.88 7.22 -1.44
CA GLY A 10 13.05 8.17 -2.15
C GLY A 10 11.62 8.20 -1.63
N ILE A 11 11.33 7.37 -0.63
CA ILE A 11 9.99 7.32 -0.05
C ILE A 11 9.92 8.17 1.20
N ARG A 12 8.73 8.68 1.51
CA ARG A 12 8.56 9.55 2.67
C ARG A 12 7.39 9.08 3.52
N THR A 13 7.30 9.62 4.72
CA THR A 13 6.17 9.37 5.60
C THR A 13 4.93 10.04 5.04
N VAL A 14 3.94 9.23 4.68
CA VAL A 14 2.74 9.75 4.04
C VAL A 14 1.53 9.57 4.95
N THR A 15 0.46 10.25 4.59
CA THR A 15 -0.76 10.20 5.37
C THR A 15 -1.80 9.32 4.67
N PRO A 16 -2.29 8.28 5.37
CA PRO A 16 -3.31 7.38 4.85
C PRO A 16 -4.67 8.07 4.75
N SER A 17 -5.02 8.48 3.54
CA SER A 17 -6.26 9.21 3.30
C SER A 17 -7.47 8.28 3.44
N ALA A 18 -7.22 6.98 3.42
CA ALA A 18 -8.28 6.00 3.52
C ALA A 18 -7.87 4.86 4.44
N LEU A 19 -8.85 4.06 4.85
CA LEU A 19 -8.58 2.90 5.68
C LEU A 19 -8.62 1.65 4.81
N GLY A 20 -9.76 1.42 4.18
CA GLY A 20 -9.88 0.34 3.23
C GLY A 20 -9.62 0.81 1.82
N CYS A 21 -9.98 0.00 0.84
CA CYS A 21 -9.84 0.39 -0.56
C CYS A 21 -10.87 1.45 -0.90
N GLU A 22 -10.43 2.70 -0.95
CA GLU A 22 -11.30 3.85 -1.15
C GLU A 22 -12.19 3.69 -2.39
N GLU A 23 -11.62 3.16 -3.46
CA GLU A 23 -12.35 3.02 -4.70
C GLU A 23 -13.37 1.88 -4.61
N CYS A 24 -13.02 0.82 -3.91
CA CYS A 24 -13.97 -0.27 -3.70
C CYS A 24 -15.11 0.19 -2.78
N LEU A 25 -14.81 1.12 -1.91
CA LEU A 25 -15.81 1.66 -0.98
C LEU A 25 -16.89 2.46 -1.72
N LYS A 26 -16.55 3.02 -2.88
CA LYS A 26 -17.49 3.85 -3.61
C LYS A 26 -18.54 2.99 -4.32
N ILE A 27 -18.24 1.70 -4.43
CA ILE A 27 -19.15 0.74 -5.04
C ILE A 27 -19.61 -0.29 -4.02
N GLY A 28 -19.22 -0.09 -2.76
CA GLY A 28 -19.60 -1.00 -1.70
C GLY A 28 -19.04 -2.41 -1.90
N SER A 29 -17.75 -2.48 -2.18
CA SER A 29 -17.10 -3.76 -2.42
C SER A 29 -15.94 -3.97 -1.45
N PRO A 30 -15.66 -5.24 -1.11
CA PRO A 30 -14.58 -5.58 -0.18
C PRO A 30 -13.21 -5.63 -0.88
N TRP A 31 -12.26 -6.30 -0.24
CA TRP A 31 -10.90 -6.37 -0.75
C TRP A 31 -10.18 -7.60 -0.21
N VAL A 32 -9.07 -7.96 -0.84
CA VAL A 32 -8.25 -9.07 -0.38
C VAL A 32 -7.19 -8.56 0.59
N HIS A 33 -6.24 -7.78 0.08
CA HIS A 33 -5.24 -7.16 0.93
C HIS A 33 -5.06 -5.71 0.54
N LEU A 34 -4.69 -4.88 1.50
CA LEU A 34 -4.56 -3.45 1.29
C LEU A 34 -3.11 -3.01 1.40
N ARG A 35 -2.75 -2.06 0.55
CA ARG A 35 -1.41 -1.52 0.53
C ARG A 35 -1.44 0.00 0.45
N ILE A 36 -0.59 0.65 1.22
CA ILE A 36 -0.46 2.09 1.17
C ILE A 36 0.71 2.46 0.27
N CYS A 37 0.68 3.66 -0.26
CA CYS A 37 1.67 4.08 -1.22
C CYS A 37 2.54 5.18 -0.62
N ARG A 38 3.80 4.84 -0.33
CA ARG A 38 4.70 5.71 0.44
C ARG A 38 5.12 6.98 -0.31
N THR A 39 4.51 7.23 -1.45
CA THR A 39 4.84 8.41 -2.22
C THR A 39 3.73 9.47 -2.14
N CYS A 40 2.49 9.03 -1.94
CA CYS A 40 1.36 9.95 -1.99
C CYS A 40 0.31 9.62 -0.93
N GLY A 41 0.51 8.55 -0.17
CA GLY A 41 -0.41 8.19 0.89
C GLY A 41 -1.74 7.65 0.38
N HIS A 42 -1.76 7.14 -0.85
CA HIS A 42 -2.98 6.59 -1.41
C HIS A 42 -3.02 5.09 -1.17
N VAL A 43 -4.16 4.59 -0.73
CA VAL A 43 -4.33 3.18 -0.44
C VAL A 43 -4.86 2.47 -1.70
N GLY A 44 -5.11 1.17 -1.59
CA GLY A 44 -5.74 0.44 -2.68
C GLY A 44 -5.69 -1.05 -2.44
N CYS A 45 -6.62 -1.77 -3.04
CA CYS A 45 -6.61 -3.23 -2.94
C CYS A 45 -5.56 -3.79 -3.89
N CYS A 46 -4.85 -4.82 -3.44
CA CYS A 46 -3.80 -5.46 -4.24
C CYS A 46 -4.40 -6.11 -5.48
N ASP A 47 -3.54 -6.58 -6.37
CA ASP A 47 -3.98 -7.17 -7.64
C ASP A 47 -4.52 -8.57 -7.44
N ASP A 48 -4.48 -9.05 -6.20
CA ASP A 48 -5.12 -10.31 -5.84
C ASP A 48 -6.62 -10.13 -5.83
N SER A 49 -7.05 -8.89 -5.69
CA SER A 49 -8.44 -8.52 -5.76
C SER A 49 -8.82 -8.28 -7.22
N PRO A 50 -10.03 -8.70 -7.65
CA PRO A 50 -10.49 -8.54 -9.04
C PRO A 50 -10.54 -7.07 -9.48
N HIS A 51 -10.45 -6.16 -8.53
CA HIS A 51 -10.47 -4.74 -8.82
C HIS A 51 -9.08 -4.24 -9.21
N LYS A 52 -8.06 -4.81 -8.55
CA LYS A 52 -6.65 -4.48 -8.82
C LYS A 52 -6.39 -2.98 -8.87
N HIS A 53 -6.76 -2.26 -7.81
CA HIS A 53 -6.57 -0.81 -7.79
C HIS A 53 -5.12 -0.48 -7.48
N ALA A 54 -4.39 -1.45 -6.94
CA ALA A 54 -2.99 -1.26 -6.58
C ALA A 54 -2.14 -1.11 -7.84
N THR A 55 -2.34 -2.00 -8.79
CA THR A 55 -1.56 -2.01 -10.01
C THR A 55 -1.92 -0.85 -10.92
N ARG A 56 -3.22 -0.58 -11.02
CA ARG A 56 -3.71 0.55 -11.83
C ARG A 56 -3.15 1.87 -11.31
N HIS A 57 -2.98 1.98 -10.00
CA HIS A 57 -2.42 3.17 -9.40
C HIS A 57 -0.98 3.37 -9.85
N PHE A 58 -0.20 2.29 -9.81
CA PHE A 58 1.19 2.33 -10.24
C PHE A 58 1.28 2.72 -11.70
N HIS A 59 0.44 2.09 -12.51
CA HIS A 59 0.40 2.35 -13.95
C HIS A 59 -0.01 3.79 -14.25
N ALA A 60 -0.81 4.38 -13.37
CA ALA A 60 -1.31 5.73 -13.57
C ALA A 60 -0.33 6.79 -13.08
N THR A 61 0.09 6.68 -11.83
CA THR A 61 0.91 7.71 -11.21
C THR A 61 2.41 7.46 -11.40
N GLY A 62 2.79 6.19 -11.47
CA GLY A 62 4.19 5.86 -11.54
C GLY A 62 4.84 5.85 -10.17
N HIS A 63 4.19 5.19 -9.23
CA HIS A 63 4.71 5.08 -7.87
C HIS A 63 5.05 3.62 -7.57
N PRO A 64 6.31 3.23 -7.75
CA PRO A 64 6.74 1.83 -7.73
C PRO A 64 6.96 1.24 -6.34
N ILE A 65 6.65 1.99 -5.30
CA ILE A 65 6.82 1.47 -3.94
C ILE A 65 5.54 1.58 -3.13
N ILE A 66 5.17 0.47 -2.51
CA ILE A 66 4.01 0.41 -1.64
C ILE A 66 4.40 -0.22 -0.32
N GLU A 67 3.48 -0.19 0.63
CA GLU A 67 3.74 -0.68 1.96
C GLU A 67 2.53 -1.47 2.46
N GLY A 68 2.79 -2.47 3.27
CA GLY A 68 1.72 -3.30 3.81
C GLY A 68 0.83 -2.54 4.77
N TYR A 69 -0.35 -2.15 4.29
CA TYR A 69 -1.31 -1.42 5.12
C TYR A 69 -2.18 -2.42 5.87
N ASP A 70 -2.63 -3.45 5.17
CA ASP A 70 -3.44 -4.49 5.80
C ASP A 70 -2.59 -5.44 6.64
N PRO A 71 -1.51 -6.04 6.08
CA PRO A 71 -0.60 -6.89 6.85
C PRO A 71 0.41 -6.06 7.62
N PRO A 72 0.25 -5.97 8.96
CA PRO A 72 1.06 -5.10 9.80
C PRO A 72 2.43 -5.71 10.11
N GLU A 73 3.01 -6.36 9.12
CA GLU A 73 4.31 -6.99 9.27
C GLU A 73 5.41 -5.96 9.02
N GLY A 74 5.01 -4.81 8.48
CA GLY A 74 5.97 -3.75 8.20
C GLY A 74 6.86 -4.09 7.04
N TRP A 75 6.33 -3.99 5.84
CA TRP A 75 7.06 -4.36 4.65
C TRP A 75 6.77 -3.40 3.50
N GLY A 76 7.76 -3.21 2.64
CA GLY A 76 7.59 -2.38 1.48
C GLY A 76 7.82 -3.17 0.20
N TRP A 77 6.92 -3.02 -0.74
CA TRP A 77 7.00 -3.74 -1.99
C TRP A 77 7.37 -2.80 -3.12
N CYS A 78 8.42 -3.14 -3.83
CA CYS A 78 8.88 -2.32 -4.95
C CYS A 78 8.50 -3.00 -6.26
N TYR A 79 7.50 -2.47 -6.95
CA TYR A 79 6.95 -3.08 -8.17
C TYR A 79 8.05 -3.39 -9.18
N VAL A 80 8.82 -2.38 -9.55
CA VAL A 80 9.84 -2.51 -10.59
C VAL A 80 10.98 -3.45 -10.18
N ASP A 81 11.11 -3.69 -8.88
CA ASP A 81 12.17 -4.56 -8.37
C ASP A 81 11.63 -5.95 -8.12
N GLU A 82 10.37 -6.01 -7.70
CA GLU A 82 9.73 -7.25 -7.27
C GLU A 82 10.37 -7.79 -5.99
N VAL A 83 10.85 -6.88 -5.16
CA VAL A 83 11.44 -7.26 -3.89
C VAL A 83 10.65 -6.65 -2.73
N MET A 84 10.50 -7.43 -1.67
CA MET A 84 9.82 -6.98 -0.47
C MET A 84 10.84 -6.75 0.66
N PHE A 85 10.98 -5.51 1.08
CA PHE A 85 11.94 -5.17 2.12
C PHE A 85 11.26 -4.83 3.43
N ASP A 86 12.04 -4.74 4.49
CA ASP A 86 11.52 -4.48 5.84
C ASP A 86 11.28 -3.00 6.08
N LEU A 87 10.10 -2.68 6.61
CA LEU A 87 9.73 -1.31 6.95
C LEU A 87 9.08 -1.26 8.32
N SER A 88 9.25 -2.31 9.12
CA SER A 88 8.56 -2.45 10.39
C SER A 88 8.70 -1.22 11.29
N ASP A 89 9.91 -0.65 11.34
CA ASP A 89 10.19 0.48 12.23
C ASP A 89 9.74 1.80 11.63
N ARG A 90 9.47 1.80 10.33
CA ARG A 90 9.21 3.04 9.62
C ARG A 90 7.89 2.99 8.84
N MET A 91 7.07 2.00 9.15
CA MET A 91 5.81 1.81 8.44
C MET A 91 4.78 2.85 8.86
N THR A 92 3.75 3.00 8.06
CA THR A 92 2.71 3.98 8.31
C THR A 92 1.65 3.43 9.25
N PRO A 93 1.40 4.12 10.37
CA PRO A 93 0.35 3.74 11.31
C PRO A 93 -1.04 3.95 10.73
N HIS A 94 -1.89 2.93 10.86
CA HIS A 94 -3.26 3.02 10.37
C HIS A 94 -4.09 3.88 11.32
N ASN A 95 -4.77 4.87 10.77
CA ASN A 95 -5.55 5.80 11.58
C ASN A 95 -7.00 5.35 11.71
N GLY A 96 -7.24 4.08 11.41
CA GLY A 96 -8.56 3.52 11.54
C GLY A 96 -8.54 2.02 11.36
N PRO A 97 -9.59 1.32 11.84
CA PRO A 97 -9.69 -0.13 11.74
C PRO A 97 -10.13 -0.59 10.34
N ILE A 98 -9.76 -1.81 10.00
CA ILE A 98 -10.12 -2.38 8.71
C ILE A 98 -10.99 -3.61 8.88
N PRO A 99 -12.18 -3.62 8.26
CA PRO A 99 -13.09 -4.77 8.30
C PRO A 99 -12.42 -6.03 7.74
N ARG A 100 -12.52 -7.13 8.47
CA ARG A 100 -11.84 -8.36 8.08
C ARG A 100 -12.68 -9.16 7.10
N TYR A 101 -12.29 -9.13 5.83
CA TYR A 101 -13.01 -9.88 4.81
C TYR A 101 -12.24 -11.15 4.43
N VAL A 102 -11.01 -11.25 4.91
CA VAL A 102 -10.17 -12.40 4.60
C VAL A 102 -9.45 -12.89 5.86
ZN ZN B . 13.40 -0.62 -6.01
ZN ZN C . 0.93 6.77 -5.14
N MET A 1 13.94 -11.04 2.87
CA MET A 1 13.82 -9.57 3.00
C MET A 1 15.12 -8.91 2.56
N THR A 2 15.13 -7.59 2.55
CA THR A 2 16.31 -6.85 2.16
C THR A 2 16.22 -5.41 2.68
N MET A 3 17.19 -4.58 2.34
CA MET A 3 17.23 -3.20 2.80
C MET A 3 16.34 -2.32 1.93
N GLY A 4 16.40 -2.53 0.62
CA GLY A 4 15.52 -1.79 -0.27
C GLY A 4 16.11 -1.62 -1.66
N CYS A 5 16.04 -0.39 -2.16
CA CYS A 5 16.55 -0.05 -3.48
C CYS A 5 16.70 1.47 -3.58
N ARG A 6 17.25 1.96 -4.69
CA ARG A 6 17.46 3.39 -4.86
C ARG A 6 16.15 4.18 -4.76
N HIS A 7 15.05 3.54 -5.16
CA HIS A 7 13.72 4.17 -5.08
C HIS A 7 13.37 4.53 -3.63
N VAL A 8 13.95 3.80 -2.68
CA VAL A 8 13.63 3.96 -1.27
C VAL A 8 14.05 5.35 -0.76
N ALA A 9 15.06 5.93 -1.40
CA ALA A 9 15.58 7.23 -0.99
C ALA A 9 14.61 8.37 -1.34
N GLY A 10 13.46 8.02 -1.89
CA GLY A 10 12.48 9.02 -2.26
C GLY A 10 11.15 8.83 -1.54
N ILE A 11 11.14 7.94 -0.55
CA ILE A 11 9.91 7.66 0.19
C ILE A 11 9.87 8.42 1.51
N ARG A 12 8.66 8.72 1.96
CA ARG A 12 8.47 9.36 3.25
C ARG A 12 7.35 8.66 4.01
N THR A 13 7.16 9.04 5.27
CA THR A 13 6.08 8.51 6.08
C THR A 13 4.82 9.33 5.83
N VAL A 14 3.96 8.82 4.96
CA VAL A 14 2.84 9.59 4.46
C VAL A 14 1.57 9.36 5.28
N THR A 15 0.52 10.08 4.92
CA THR A 15 -0.76 9.96 5.60
C THR A 15 -1.76 9.25 4.69
N PRO A 16 -2.39 8.18 5.19
CA PRO A 16 -3.36 7.39 4.43
C PRO A 16 -4.56 8.23 3.97
N SER A 17 -4.94 8.05 2.71
CA SER A 17 -6.08 8.76 2.15
C SER A 17 -7.40 8.22 2.71
N ALA A 18 -7.42 6.93 3.02
CA ALA A 18 -8.64 6.28 3.49
C ALA A 18 -8.31 5.22 4.54
N LEU A 19 -9.34 4.68 5.17
CA LEU A 19 -9.18 3.62 6.15
C LEU A 19 -8.98 2.29 5.45
N GLY A 20 -9.80 2.05 4.44
CA GLY A 20 -9.69 0.83 3.67
C GLY A 20 -9.34 1.12 2.22
N CYS A 21 -9.89 0.33 1.31
CA CYS A 21 -9.63 0.52 -0.11
C CYS A 21 -10.40 1.72 -0.65
N GLU A 22 -9.65 2.79 -0.95
CA GLU A 22 -10.21 4.00 -1.52
C GLU A 22 -11.13 3.69 -2.72
N GLU A 23 -10.82 2.62 -3.42
CA GLU A 23 -11.59 2.21 -4.58
C GLU A 23 -12.88 1.50 -4.15
N CYS A 24 -12.74 0.35 -3.49
CA CYS A 24 -13.88 -0.46 -3.07
C CYS A 24 -14.87 0.32 -2.19
N LEU A 25 -14.37 1.30 -1.44
CA LEU A 25 -15.21 2.08 -0.52
C LEU A 25 -16.27 2.89 -1.26
N LYS A 26 -16.10 3.06 -2.57
CA LYS A 26 -17.05 3.83 -3.37
C LYS A 26 -18.38 3.10 -3.47
N ILE A 27 -18.33 1.77 -3.32
CA ILE A 27 -19.52 0.94 -3.44
C ILE A 27 -19.69 0.03 -2.22
N GLY A 28 -18.83 0.21 -1.23
CA GLY A 28 -18.91 -0.57 0.00
C GLY A 28 -18.57 -2.03 -0.21
N SER A 29 -17.75 -2.30 -1.22
CA SER A 29 -17.38 -3.67 -1.55
C SER A 29 -16.14 -4.12 -0.77
N PRO A 30 -15.97 -5.44 -0.62
CA PRO A 30 -14.84 -6.02 0.11
C PRO A 30 -13.50 -5.85 -0.60
N TRP A 31 -12.43 -6.26 0.06
CA TRP A 31 -11.10 -6.21 -0.51
C TRP A 31 -10.23 -7.32 0.06
N VAL A 32 -9.15 -7.64 -0.64
CA VAL A 32 -8.25 -8.68 -0.19
C VAL A 32 -7.09 -8.11 0.61
N HIS A 33 -6.36 -7.17 0.01
CA HIS A 33 -5.22 -6.56 0.67
C HIS A 33 -5.20 -5.06 0.48
N LEU A 34 -4.59 -4.37 1.43
CA LEU A 34 -4.47 -2.92 1.41
C LEU A 34 -3.02 -2.53 1.21
N ARG A 35 -2.76 -1.62 0.30
CA ARG A 35 -1.40 -1.13 0.10
C ARG A 35 -1.38 0.36 -0.19
N ILE A 36 -0.47 1.05 0.47
CA ILE A 36 -0.36 2.50 0.36
C ILE A 36 1.03 2.87 -0.17
N CYS A 37 1.10 3.90 -1.02
CA CYS A 37 2.38 4.37 -1.49
C CYS A 37 3.09 5.11 -0.37
N ARG A 38 4.40 4.97 -0.30
CA ARG A 38 5.20 5.78 0.62
C ARG A 38 5.50 7.14 -0.02
N THR A 39 4.53 7.67 -0.76
CA THR A 39 4.72 8.89 -1.53
C THR A 39 3.49 9.80 -1.47
N CYS A 40 2.36 9.32 -1.99
CA CYS A 40 1.16 10.15 -2.11
C CYS A 40 0.15 9.84 -1.00
N GLY A 41 0.35 8.73 -0.29
CA GLY A 41 -0.53 8.39 0.82
C GLY A 41 -1.82 7.69 0.40
N HIS A 42 -2.02 7.48 -0.90
CA HIS A 42 -3.25 6.87 -1.38
C HIS A 42 -3.24 5.37 -1.14
N VAL A 43 -4.21 4.92 -0.36
CA VAL A 43 -4.38 3.49 -0.07
C VAL A 43 -5.25 2.85 -1.14
N GLY A 44 -4.73 1.84 -1.80
CA GLY A 44 -5.46 1.20 -2.87
C GLY A 44 -5.58 -0.28 -2.66
N CYS A 45 -6.54 -0.88 -3.34
CA CYS A 45 -6.74 -2.32 -3.26
C CYS A 45 -5.64 -3.03 -4.02
N CYS A 46 -5.01 -3.99 -3.36
CA CYS A 46 -3.94 -4.76 -3.96
C CYS A 46 -4.44 -5.44 -5.24
N ASP A 47 -3.51 -5.85 -6.09
CA ASP A 47 -3.85 -6.45 -7.38
C ASP A 47 -4.55 -7.80 -7.19
N ASP A 48 -4.65 -8.24 -5.95
CA ASP A 48 -5.42 -9.43 -5.61
C ASP A 48 -6.89 -9.20 -5.93
N SER A 49 -7.35 -7.97 -5.70
CA SER A 49 -8.75 -7.62 -5.89
C SER A 49 -9.00 -7.20 -7.35
N PRO A 50 -10.20 -7.51 -7.89
CA PRO A 50 -10.53 -7.32 -9.30
C PRO A 50 -10.38 -5.87 -9.78
N HIS A 51 -10.55 -4.92 -8.86
CA HIS A 51 -10.41 -3.50 -9.21
C HIS A 51 -9.01 -3.21 -9.68
N LYS A 52 -8.03 -3.78 -8.97
CA LYS A 52 -6.61 -3.56 -9.25
C LYS A 52 -6.26 -2.08 -9.34
N HIS A 53 -6.91 -1.27 -8.52
CA HIS A 53 -6.64 0.16 -8.48
C HIS A 53 -5.17 0.42 -8.11
N ALA A 54 -4.54 -0.58 -7.53
CA ALA A 54 -3.14 -0.49 -7.14
C ALA A 54 -2.23 -0.37 -8.37
N THR A 55 -2.44 -1.25 -9.34
CA THR A 55 -1.59 -1.30 -10.51
C THR A 55 -1.96 -0.20 -11.50
N ARG A 56 -3.25 0.04 -11.63
CA ARG A 56 -3.76 1.11 -12.49
C ARG A 56 -3.24 2.47 -12.01
N HIS A 57 -3.16 2.62 -10.69
CA HIS A 57 -2.64 3.84 -10.08
C HIS A 57 -1.13 3.94 -10.30
N PHE A 58 -0.43 2.80 -10.20
CA PHE A 58 1.01 2.76 -10.45
C PHE A 58 1.31 3.13 -11.90
N HIS A 59 0.47 2.65 -12.80
CA HIS A 59 0.60 2.94 -14.22
C HIS A 59 0.49 4.43 -14.49
N ALA A 60 -0.32 5.12 -13.68
CA ALA A 60 -0.60 6.53 -13.90
C ALA A 60 0.34 7.45 -13.13
N THR A 61 0.56 7.17 -11.86
CA THR A 61 1.33 8.07 -11.00
C THR A 61 2.78 7.65 -10.88
N GLY A 62 3.09 6.42 -11.29
CA GLY A 62 4.45 5.93 -11.19
C GLY A 62 4.93 5.80 -9.75
N HIS A 63 4.11 5.19 -8.91
CA HIS A 63 4.47 4.98 -7.51
C HIS A 63 4.70 3.50 -7.25
N PRO A 64 5.96 3.05 -7.39
CA PRO A 64 6.30 1.62 -7.37
C PRO A 64 6.39 1.03 -5.96
N ILE A 65 6.62 1.88 -4.96
CA ILE A 65 6.79 1.39 -3.60
C ILE A 65 5.50 1.50 -2.80
N ILE A 66 5.05 0.35 -2.31
CA ILE A 66 3.84 0.25 -1.54
C ILE A 66 4.11 -0.44 -0.21
N GLU A 67 3.42 -0.01 0.83
CA GLU A 67 3.54 -0.63 2.13
C GLU A 67 2.27 -1.41 2.44
N GLY A 68 2.42 -2.52 3.13
CA GLY A 68 1.28 -3.32 3.53
C GLY A 68 0.43 -2.62 4.56
N TYR A 69 -0.75 -2.18 4.16
CA TYR A 69 -1.59 -1.38 5.01
C TYR A 69 -2.56 -2.26 5.82
N ASP A 70 -2.91 -3.43 5.29
CA ASP A 70 -3.77 -4.35 6.02
C ASP A 70 -2.97 -5.21 7.00
N PRO A 71 -1.74 -5.68 6.65
CA PRO A 71 -0.84 -6.32 7.59
C PRO A 71 0.29 -5.38 8.01
N PRO A 72 0.08 -4.57 9.06
CA PRO A 72 1.04 -3.55 9.47
C PRO A 72 2.24 -4.14 10.19
N GLU A 73 3.17 -4.69 9.43
CA GLU A 73 4.40 -5.23 9.99
C GLU A 73 5.58 -4.37 9.57
N GLY A 74 5.30 -3.33 8.80
CA GLY A 74 6.35 -2.45 8.33
C GLY A 74 7.19 -3.09 7.25
N TRP A 75 6.63 -3.21 6.07
CA TRP A 75 7.33 -3.80 4.95
C TRP A 75 6.98 -3.08 3.66
N GLY A 76 7.97 -2.92 2.79
CA GLY A 76 7.76 -2.19 1.56
C GLY A 76 7.97 -3.05 0.34
N TRP A 77 7.00 -3.03 -0.54
CA TRP A 77 7.07 -3.76 -1.80
C TRP A 77 7.32 -2.80 -2.94
N CYS A 78 8.20 -3.16 -3.85
CA CYS A 78 8.50 -2.30 -4.99
C CYS A 78 8.13 -3.02 -6.28
N TYR A 79 7.08 -2.53 -6.95
CA TYR A 79 6.51 -3.20 -8.12
C TYR A 79 7.55 -3.67 -9.14
N VAL A 80 8.24 -2.74 -9.77
CA VAL A 80 9.17 -3.08 -10.85
C VAL A 80 10.39 -3.86 -10.35
N ASP A 81 10.67 -3.76 -9.05
CA ASP A 81 11.81 -4.45 -8.46
C ASP A 81 11.45 -5.88 -8.11
N GLU A 82 10.20 -6.04 -7.65
CA GLU A 82 9.68 -7.34 -7.22
C GLU A 82 10.38 -7.79 -5.93
N VAL A 83 10.91 -6.83 -5.20
CA VAL A 83 11.56 -7.10 -3.93
C VAL A 83 10.76 -6.54 -2.76
N MET A 84 10.86 -7.18 -1.61
CA MET A 84 10.17 -6.72 -0.41
C MET A 84 11.20 -6.42 0.67
N PHE A 85 11.23 -5.18 1.13
CA PHE A 85 12.20 -4.76 2.13
C PHE A 85 11.50 -4.36 3.42
N ASP A 86 12.28 -4.19 4.48
CA ASP A 86 11.73 -3.89 5.80
C ASP A 86 11.59 -2.38 6.01
N LEU A 87 10.46 -1.99 6.56
CA LEU A 87 10.20 -0.58 6.88
C LEU A 87 9.62 -0.47 8.28
N SER A 88 9.92 -1.44 9.13
CA SER A 88 9.30 -1.53 10.46
C SER A 88 9.51 -0.26 11.29
N ASP A 89 10.69 0.32 11.20
CA ASP A 89 11.02 1.50 12.00
C ASP A 89 10.39 2.76 11.41
N ARG A 90 9.86 2.63 10.20
CA ARG A 90 9.31 3.77 9.49
C ARG A 90 7.87 3.49 9.08
N MET A 91 7.28 2.45 9.67
CA MET A 91 5.99 1.93 9.22
C MET A 91 4.87 2.96 9.33
N THR A 92 3.85 2.78 8.50
CA THR A 92 2.67 3.64 8.51
C THR A 92 1.54 2.97 9.30
N PRO A 93 1.23 3.49 10.50
CA PRO A 93 0.15 2.96 11.32
C PRO A 93 -1.22 3.32 10.74
N HIS A 94 -2.10 2.33 10.62
CA HIS A 94 -3.42 2.55 10.04
C HIS A 94 -4.22 3.55 10.86
N ASN A 95 -4.92 4.43 10.16
CA ASN A 95 -5.65 5.53 10.78
C ASN A 95 -6.80 5.05 11.66
N GLY A 96 -7.70 4.28 11.11
CA GLY A 96 -8.89 3.89 11.86
C GLY A 96 -9.20 2.41 11.72
N PRO A 97 -10.34 1.97 12.28
CA PRO A 97 -10.75 0.56 12.23
C PRO A 97 -11.07 0.11 10.82
N ILE A 98 -10.33 -0.88 10.34
CA ILE A 98 -10.50 -1.36 8.99
C ILE A 98 -11.38 -2.61 8.95
N PRO A 99 -12.47 -2.56 8.19
CA PRO A 99 -13.37 -3.69 8.02
C PRO A 99 -12.71 -4.85 7.28
N ARG A 100 -12.33 -5.88 8.02
CA ARG A 100 -11.72 -7.06 7.43
C ARG A 100 -12.80 -8.06 7.03
N TYR A 101 -12.88 -8.32 5.74
CA TYR A 101 -13.93 -9.16 5.20
C TYR A 101 -13.50 -10.62 5.14
N VAL A 102 -12.43 -10.87 4.40
CA VAL A 102 -11.95 -12.22 4.17
C VAL A 102 -10.83 -12.58 5.14
ZN ZN B . 12.63 -0.09 -6.46
ZN ZN C . 0.45 6.81 -5.20
N MET A 1 13.61 -8.16 6.86
CA MET A 1 13.61 -8.63 5.45
C MET A 1 14.92 -8.21 4.78
N THR A 2 15.05 -8.46 3.48
CA THR A 2 16.28 -8.20 2.74
C THR A 2 16.48 -6.70 2.44
N MET A 3 16.72 -5.93 3.50
CA MET A 3 17.03 -4.50 3.40
C MET A 3 16.00 -3.70 2.61
N GLY A 4 16.21 -3.58 1.30
CA GLY A 4 15.32 -2.80 0.47
C GLY A 4 15.97 -2.40 -0.83
N CYS A 5 15.80 -1.15 -1.23
CA CYS A 5 16.39 -0.65 -2.46
C CYS A 5 16.51 0.88 -2.39
N ARG A 6 17.09 1.49 -3.41
CA ARG A 6 17.29 2.95 -3.41
C ARG A 6 15.97 3.70 -3.44
N HIS A 7 14.92 3.06 -3.94
CA HIS A 7 13.60 3.68 -4.03
C HIS A 7 13.05 4.00 -2.63
N VAL A 8 13.50 3.26 -1.63
CA VAL A 8 13.06 3.49 -0.25
C VAL A 8 13.51 4.87 0.21
N ALA A 9 14.64 5.32 -0.32
CA ALA A 9 15.16 6.62 0.04
C ALA A 9 14.36 7.73 -0.65
N GLY A 10 13.62 7.35 -1.69
CA GLY A 10 12.81 8.32 -2.42
C GLY A 10 11.40 8.43 -1.84
N ILE A 11 10.98 7.40 -1.12
CA ILE A 11 9.67 7.41 -0.49
C ILE A 11 9.77 7.96 0.93
N ARG A 12 8.67 8.53 1.42
CA ARG A 12 8.63 9.12 2.74
C ARG A 12 7.42 8.64 3.51
N THR A 13 7.35 8.97 4.79
CA THR A 13 6.23 8.58 5.62
C THR A 13 4.99 9.41 5.29
N VAL A 14 4.14 8.83 4.46
CA VAL A 14 2.93 9.50 4.00
C VAL A 14 1.79 9.31 4.98
N THR A 15 0.79 10.17 4.88
CA THR A 15 -0.40 10.06 5.71
C THR A 15 -1.49 9.30 4.95
N PRO A 16 -2.07 8.27 5.58
CA PRO A 16 -3.17 7.51 4.98
C PRO A 16 -4.34 8.40 4.59
N SER A 17 -4.51 8.59 3.28
CA SER A 17 -5.58 9.43 2.76
C SER A 17 -6.89 8.64 2.67
N ALA A 18 -6.89 7.46 3.28
CA ALA A 18 -8.06 6.60 3.32
C ALA A 18 -7.89 5.56 4.41
N LEU A 19 -8.98 5.12 5.00
CA LEU A 19 -8.94 4.10 6.05
C LEU A 19 -8.81 2.72 5.42
N GLY A 20 -9.65 2.46 4.44
CA GLY A 20 -9.56 1.23 3.69
C GLY A 20 -9.42 1.51 2.21
N CYS A 21 -9.97 0.64 1.38
CA CYS A 21 -9.97 0.87 -0.05
C CYS A 21 -11.00 1.92 -0.41
N GLU A 22 -10.52 3.13 -0.69
CA GLU A 22 -11.39 4.24 -1.10
C GLU A 22 -12.30 3.80 -2.24
N GLU A 23 -11.74 3.00 -3.14
CA GLU A 23 -12.48 2.46 -4.28
C GLU A 23 -13.65 1.61 -3.80
N CYS A 24 -13.36 0.55 -3.06
CA CYS A 24 -14.39 -0.29 -2.46
C CYS A 24 -15.38 0.55 -1.64
N LEU A 25 -14.88 1.53 -0.92
CA LEU A 25 -15.71 2.34 -0.02
C LEU A 25 -16.63 3.29 -0.79
N LYS A 26 -16.36 3.51 -2.06
CA LYS A 26 -17.20 4.39 -2.87
C LYS A 26 -18.42 3.64 -3.39
N ILE A 27 -18.33 2.31 -3.39
CA ILE A 27 -19.41 1.47 -3.92
C ILE A 27 -19.99 0.56 -2.84
N GLY A 28 -19.38 0.57 -1.66
CA GLY A 28 -19.86 -0.25 -0.56
C GLY A 28 -19.49 -1.71 -0.74
N SER A 29 -18.27 -1.95 -1.16
CA SER A 29 -17.79 -3.30 -1.40
C SER A 29 -16.59 -3.63 -0.50
N PRO A 30 -16.35 -4.93 -0.24
CA PRO A 30 -15.23 -5.38 0.59
C PRO A 30 -13.91 -5.43 -0.18
N TRP A 31 -12.85 -5.81 0.51
CA TRP A 31 -11.53 -5.93 -0.09
C TRP A 31 -10.75 -7.07 0.55
N VAL A 32 -9.68 -7.49 -0.10
CA VAL A 32 -8.81 -8.51 0.47
C VAL A 32 -7.71 -7.87 1.31
N HIS A 33 -6.81 -7.14 0.66
CA HIS A 33 -5.72 -6.49 1.36
C HIS A 33 -5.58 -5.03 0.95
N LEU A 34 -5.03 -4.22 1.85
CA LEU A 34 -4.88 -2.80 1.63
C LEU A 34 -3.45 -2.47 1.24
N ARG A 35 -3.30 -1.69 0.18
CA ARG A 35 -1.98 -1.28 -0.24
C ARG A 35 -1.91 0.25 -0.24
N ILE A 36 -1.15 0.80 0.71
CA ILE A 36 -1.01 2.24 0.81
C ILE A 36 0.26 2.68 0.09
N CYS A 37 0.05 3.56 -0.86
CA CYS A 37 1.12 4.02 -1.73
C CYS A 37 2.04 4.98 -0.99
N ARG A 38 3.30 4.58 -0.82
CA ARG A 38 4.26 5.35 0.01
C ARG A 38 4.70 6.64 -0.65
N THR A 39 4.16 6.94 -1.82
CA THR A 39 4.52 8.15 -2.52
C THR A 39 3.48 9.25 -2.30
N CYS A 40 2.25 8.99 -2.72
CA CYS A 40 1.20 10.00 -2.67
C CYS A 40 0.25 9.74 -1.49
N GLY A 41 0.55 8.71 -0.71
CA GLY A 41 -0.19 8.46 0.52
C GLY A 41 -1.59 7.93 0.31
N HIS A 42 -1.91 7.46 -0.89
CA HIS A 42 -3.26 6.98 -1.16
C HIS A 42 -3.35 5.48 -0.95
N VAL A 43 -4.40 5.06 -0.25
CA VAL A 43 -4.64 3.65 -0.01
C VAL A 43 -5.52 3.06 -1.11
N GLY A 44 -5.12 1.92 -1.64
CA GLY A 44 -5.89 1.28 -2.68
C GLY A 44 -6.04 -0.21 -2.44
N CYS A 45 -6.87 -0.86 -3.25
CA CYS A 45 -7.08 -2.29 -3.12
C CYS A 45 -6.00 -3.07 -3.85
N CYS A 46 -5.51 -4.11 -3.20
CA CYS A 46 -4.45 -4.95 -3.75
C CYS A 46 -4.94 -5.70 -4.99
N ASP A 47 -4.03 -6.37 -5.67
CA ASP A 47 -4.36 -7.09 -6.89
C ASP A 47 -5.08 -8.40 -6.56
N ASP A 48 -5.14 -8.73 -5.28
CA ASP A 48 -5.91 -9.88 -4.79
C ASP A 48 -7.37 -9.71 -5.20
N SER A 49 -7.88 -8.50 -5.04
CA SER A 49 -9.21 -8.16 -5.53
C SER A 49 -9.11 -7.82 -7.02
N PRO A 50 -10.03 -8.34 -7.84
CA PRO A 50 -9.97 -8.19 -9.31
C PRO A 50 -9.97 -6.74 -9.78
N HIS A 51 -10.33 -5.83 -8.87
CA HIS A 51 -10.32 -4.40 -9.17
C HIS A 51 -8.88 -3.93 -9.42
N LYS A 52 -7.95 -4.47 -8.63
CA LYS A 52 -6.51 -4.19 -8.77
C LYS A 52 -6.21 -2.70 -8.92
N HIS A 53 -6.74 -1.88 -8.03
CA HIS A 53 -6.57 -0.44 -8.15
C HIS A 53 -5.16 -0.01 -7.73
N ALA A 54 -4.48 -0.85 -6.97
CA ALA A 54 -3.12 -0.56 -6.53
C ALA A 54 -2.14 -0.70 -7.68
N THR A 55 -2.28 -1.77 -8.46
CA THR A 55 -1.39 -2.02 -9.57
C THR A 55 -1.69 -1.09 -10.74
N ARG A 56 -2.99 -0.91 -11.02
CA ARG A 56 -3.42 0.03 -12.04
C ARG A 56 -2.96 1.44 -11.71
N HIS A 57 -2.83 1.72 -10.41
CA HIS A 57 -2.36 3.02 -9.94
C HIS A 57 -0.90 3.25 -10.35
N PHE A 58 -0.08 2.21 -10.24
CA PHE A 58 1.33 2.30 -10.61
C PHE A 58 1.47 2.58 -12.09
N HIS A 59 0.60 1.98 -12.89
CA HIS A 59 0.63 2.18 -14.33
C HIS A 59 0.23 3.61 -14.70
N ALA A 60 -0.54 4.25 -13.85
CA ALA A 60 -1.01 5.60 -14.10
C ALA A 60 -0.06 6.66 -13.56
N THR A 61 0.34 6.53 -12.31
CA THR A 61 1.14 7.57 -11.64
C THR A 61 2.65 7.28 -11.72
N GLY A 62 3.01 6.01 -11.83
CA GLY A 62 4.41 5.64 -11.80
C GLY A 62 4.97 5.64 -10.39
N HIS A 63 4.18 5.15 -9.44
CA HIS A 63 4.59 5.08 -8.04
C HIS A 63 4.87 3.62 -7.67
N PRO A 64 6.15 3.24 -7.61
CA PRO A 64 6.56 1.83 -7.57
C PRO A 64 6.55 1.18 -6.18
N ILE A 65 6.16 1.91 -5.14
CA ILE A 65 6.20 1.32 -3.79
C ILE A 65 4.86 1.44 -3.07
N ILE A 66 4.39 0.30 -2.59
CA ILE A 66 3.14 0.23 -1.84
C ILE A 66 3.37 -0.55 -0.53
N GLU A 67 2.79 -0.06 0.55
CA GLU A 67 2.95 -0.69 1.84
C GLU A 67 1.68 -1.47 2.21
N GLY A 68 1.85 -2.55 2.96
CA GLY A 68 0.71 -3.30 3.45
C GLY A 68 0.02 -2.57 4.58
N TYR A 69 -1.17 -2.04 4.30
CA TYR A 69 -1.85 -1.16 5.24
C TYR A 69 -2.80 -1.94 6.14
N ASP A 70 -3.32 -3.06 5.65
CA ASP A 70 -4.22 -3.88 6.45
C ASP A 70 -3.47 -4.73 7.47
N PRO A 71 -2.26 -5.29 7.16
CA PRO A 71 -1.46 -5.99 8.14
C PRO A 71 -0.50 -5.03 8.85
N PRO A 72 -0.63 -4.90 10.18
CA PRO A 72 0.19 -3.98 10.98
C PRO A 72 1.64 -4.45 11.13
N GLU A 73 2.16 -5.05 10.07
CA GLU A 73 3.52 -5.59 10.07
C GLU A 73 4.52 -4.51 9.68
N GLY A 74 4.12 -3.68 8.72
CA GLY A 74 4.99 -2.62 8.26
C GLY A 74 6.00 -3.11 7.24
N TRP A 75 5.60 -3.16 5.99
CA TRP A 75 6.47 -3.60 4.91
C TRP A 75 6.09 -2.93 3.59
N GLY A 76 7.09 -2.54 2.84
CA GLY A 76 6.85 -1.94 1.54
C GLY A 76 7.18 -2.88 0.40
N TRP A 77 6.29 -2.93 -0.59
CA TRP A 77 6.51 -3.72 -1.78
C TRP A 77 6.92 -2.81 -2.93
N CYS A 78 7.92 -3.23 -3.68
CA CYS A 78 8.41 -2.42 -4.79
C CYS A 78 8.12 -3.14 -6.11
N TYR A 79 7.24 -2.56 -6.93
CA TYR A 79 6.77 -3.19 -8.17
C TYR A 79 7.92 -3.61 -9.08
N VAL A 80 8.64 -2.63 -9.61
CA VAL A 80 9.69 -2.88 -10.60
C VAL A 80 10.82 -3.74 -10.05
N ASP A 81 10.93 -3.80 -8.73
CA ASP A 81 11.97 -4.60 -8.08
C ASP A 81 11.46 -6.01 -7.82
N GLU A 82 10.17 -6.11 -7.50
CA GLU A 82 9.52 -7.36 -7.15
C GLU A 82 10.07 -7.91 -5.84
N VAL A 83 10.57 -7.02 -5.00
CA VAL A 83 11.06 -7.40 -3.68
C VAL A 83 10.26 -6.69 -2.60
N MET A 84 9.99 -7.42 -1.53
CA MET A 84 9.35 -6.85 -0.35
C MET A 84 10.40 -6.55 0.69
N PHE A 85 10.29 -5.41 1.34
CA PHE A 85 11.23 -5.05 2.39
C PHE A 85 10.47 -4.57 3.63
N ASP A 86 11.00 -4.88 4.80
CA ASP A 86 10.40 -4.44 6.03
C ASP A 86 10.53 -2.93 6.15
N LEU A 87 9.45 -2.31 6.59
CA LEU A 87 9.39 -0.86 6.63
C LEU A 87 8.69 -0.41 7.90
N SER A 88 8.72 -1.28 8.90
CA SER A 88 7.99 -1.06 10.16
C SER A 88 8.47 0.20 10.88
N ASP A 89 9.75 0.51 10.76
CA ASP A 89 10.31 1.68 11.44
C ASP A 89 9.81 2.98 10.82
N ARG A 90 9.31 2.90 9.59
CA ARG A 90 8.83 4.08 8.89
C ARG A 90 7.43 3.86 8.34
N MET A 91 6.74 2.85 8.86
CA MET A 91 5.45 2.44 8.32
C MET A 91 4.37 3.49 8.57
N THR A 92 3.27 3.35 7.86
CA THR A 92 2.17 4.28 7.99
C THR A 92 1.27 3.93 9.16
N PRO A 93 0.90 4.92 9.97
CA PRO A 93 -0.01 4.72 11.10
C PRO A 93 -1.44 4.51 10.64
N HIS A 94 -1.99 3.33 10.91
CA HIS A 94 -3.38 3.03 10.56
C HIS A 94 -4.32 3.97 11.30
N ASN A 95 -4.87 4.92 10.55
CA ASN A 95 -5.55 6.08 11.14
C ASN A 95 -7.03 5.82 11.40
N GLY A 96 -7.50 4.61 11.13
CA GLY A 96 -8.90 4.31 11.35
C GLY A 96 -9.16 2.84 11.52
N PRO A 97 -10.41 2.46 11.84
CA PRO A 97 -10.82 1.06 11.95
C PRO A 97 -10.97 0.40 10.58
N ILE A 98 -10.31 -0.73 10.41
CA ILE A 98 -10.34 -1.44 9.14
C ILE A 98 -10.97 -2.81 9.32
N PRO A 99 -12.15 -3.03 8.72
CA PRO A 99 -12.88 -4.30 8.86
C PRO A 99 -12.21 -5.45 8.12
N ARG A 100 -11.93 -6.52 8.86
CA ARG A 100 -11.40 -7.74 8.28
C ARG A 100 -12.48 -8.45 7.46
N TYR A 101 -12.37 -8.35 6.14
CA TYR A 101 -13.32 -9.02 5.25
C TYR A 101 -12.86 -10.43 4.92
N VAL A 102 -11.56 -10.60 4.78
CA VAL A 102 -11.00 -11.91 4.45
C VAL A 102 -10.46 -12.60 5.70
ZN ZN B . 12.80 -0.46 -5.80
ZN ZN C . 0.69 6.87 -5.61
N MET A 1 12.16 -8.10 5.89
CA MET A 1 12.39 -9.11 4.83
C MET A 1 13.76 -8.89 4.19
N THR A 2 13.87 -7.85 3.37
CA THR A 2 15.15 -7.45 2.82
C THR A 2 15.55 -6.09 3.40
N MET A 3 16.77 -5.64 3.12
CA MET A 3 17.24 -4.35 3.58
C MET A 3 16.53 -3.24 2.81
N GLY A 4 16.34 -3.44 1.52
CA GLY A 4 15.62 -2.49 0.71
C GLY A 4 16.31 -2.21 -0.61
N CYS A 5 16.09 -1.02 -1.14
CA CYS A 5 16.69 -0.62 -2.39
C CYS A 5 16.79 0.90 -2.45
N ARG A 6 17.46 1.44 -3.46
CA ARG A 6 17.66 2.88 -3.59
C ARG A 6 16.34 3.64 -3.68
N HIS A 7 15.29 2.98 -4.15
CA HIS A 7 13.98 3.62 -4.28
C HIS A 7 13.40 3.96 -2.91
N VAL A 8 13.80 3.21 -1.88
CA VAL A 8 13.31 3.44 -0.53
C VAL A 8 13.77 4.80 -0.03
N ALA A 9 14.92 5.23 -0.54
CA ALA A 9 15.48 6.49 -0.15
C ALA A 9 14.64 7.65 -0.68
N GLY A 10 13.74 7.35 -1.61
CA GLY A 10 12.94 8.38 -2.23
C GLY A 10 11.53 8.45 -1.67
N ILE A 11 11.13 7.44 -0.91
CA ILE A 11 9.78 7.42 -0.34
C ILE A 11 9.76 8.16 0.99
N ARG A 12 8.61 8.70 1.33
CA ARG A 12 8.47 9.56 2.51
C ARG A 12 7.39 9.03 3.44
N THR A 13 7.22 9.69 4.57
CA THR A 13 6.16 9.38 5.51
C THR A 13 4.85 9.94 4.98
N VAL A 14 4.04 9.07 4.40
CA VAL A 14 2.86 9.50 3.67
C VAL A 14 1.59 9.37 4.51
N THR A 15 0.69 10.32 4.33
CA THR A 15 -0.56 10.34 5.06
C THR A 15 -1.60 9.46 4.36
N PRO A 16 -2.24 8.53 5.08
CA PRO A 16 -3.25 7.63 4.50
C PRO A 16 -4.47 8.38 3.99
N SER A 17 -4.87 8.04 2.77
CA SER A 17 -6.02 8.66 2.12
C SER A 17 -7.30 8.45 2.94
N ALA A 18 -7.52 7.21 3.35
CA ALA A 18 -8.72 6.83 4.08
C ALA A 18 -8.44 5.64 4.97
N LEU A 19 -9.45 5.21 5.72
CA LEU A 19 -9.34 4.01 6.56
C LEU A 19 -8.99 2.80 5.71
N GLY A 20 -9.85 2.51 4.74
CA GLY A 20 -9.60 1.43 3.82
C GLY A 20 -9.21 1.93 2.45
N CYS A 21 -9.56 1.18 1.42
CA CYS A 21 -9.29 1.62 0.06
C CYS A 21 -10.26 2.71 -0.33
N GLU A 22 -9.71 3.89 -0.61
CA GLU A 22 -10.46 5.11 -0.92
C GLU A 22 -11.71 4.84 -1.77
N GLU A 23 -11.52 4.50 -3.03
CA GLU A 23 -12.63 4.36 -3.95
C GLU A 23 -13.52 3.16 -3.61
N CYS A 24 -12.93 2.12 -3.05
CA CYS A 24 -13.68 0.93 -2.69
C CYS A 24 -14.74 1.25 -1.64
N LEU A 25 -14.44 2.20 -0.76
CA LEU A 25 -15.35 2.61 0.30
C LEU A 25 -16.65 3.20 -0.28
N LYS A 26 -16.55 3.81 -1.45
CA LYS A 26 -17.70 4.51 -2.04
C LYS A 26 -18.81 3.53 -2.45
N ILE A 27 -18.44 2.28 -2.67
CA ILE A 27 -19.40 1.27 -3.11
C ILE A 27 -19.35 0.02 -2.25
N GLY A 28 -18.54 0.05 -1.20
CA GLY A 28 -18.37 -1.13 -0.37
C GLY A 28 -17.73 -2.27 -1.15
N SER A 29 -16.68 -1.94 -1.88
CA SER A 29 -15.98 -2.91 -2.73
C SER A 29 -15.03 -3.76 -1.88
N PRO A 30 -15.32 -5.06 -1.76
CA PRO A 30 -14.54 -5.98 -0.93
C PRO A 30 -13.09 -6.10 -1.37
N TRP A 31 -12.17 -5.77 -0.47
CA TRP A 31 -10.76 -5.90 -0.76
C TRP A 31 -10.15 -7.04 0.06
N VAL A 32 -9.03 -7.56 -0.41
CA VAL A 32 -8.32 -8.60 0.30
C VAL A 32 -7.29 -7.98 1.24
N HIS A 33 -6.37 -7.21 0.66
CA HIS A 33 -5.36 -6.52 1.44
C HIS A 33 -5.20 -5.09 0.96
N LEU A 34 -4.81 -4.22 1.87
CA LEU A 34 -4.65 -2.81 1.57
C LEU A 34 -3.18 -2.43 1.58
N ARG A 35 -2.75 -1.73 0.55
CA ARG A 35 -1.38 -1.31 0.46
C ARG A 35 -1.32 0.19 0.16
N ILE A 36 -0.58 0.90 0.99
CA ILE A 36 -0.49 2.34 0.89
C ILE A 36 0.74 2.75 0.10
N CYS A 37 0.51 3.52 -0.92
CA CYS A 37 1.56 4.00 -1.79
C CYS A 37 2.46 4.98 -1.06
N ARG A 38 3.67 4.54 -0.72
CA ARG A 38 4.60 5.33 0.11
C ARG A 38 5.17 6.53 -0.64
N THR A 39 4.67 6.78 -1.84
CA THR A 39 5.16 7.89 -2.64
C THR A 39 4.22 9.10 -2.56
N CYS A 40 2.93 8.84 -2.34
CA CYS A 40 1.94 9.91 -2.35
C CYS A 40 0.86 9.69 -1.30
N GLY A 41 0.94 8.58 -0.56
CA GLY A 41 0.02 8.34 0.52
C GLY A 41 -1.32 7.79 0.07
N HIS A 42 -1.41 7.34 -1.18
CA HIS A 42 -2.67 6.84 -1.70
C HIS A 42 -2.86 5.39 -1.28
N VAL A 43 -3.89 5.15 -0.49
CA VAL A 43 -4.21 3.81 -0.03
C VAL A 43 -5.09 3.08 -1.04
N GLY A 44 -4.64 1.92 -1.48
CA GLY A 44 -5.39 1.16 -2.45
C GLY A 44 -5.33 -0.33 -2.19
N CYS A 45 -6.35 -1.04 -2.64
CA CYS A 45 -6.37 -2.49 -2.51
C CYS A 45 -5.39 -3.10 -3.51
N CYS A 46 -4.69 -4.14 -3.10
CA CYS A 46 -3.69 -4.78 -3.94
C CYS A 46 -4.36 -5.56 -5.08
N ASP A 47 -3.53 -6.19 -5.91
CA ASP A 47 -4.03 -6.92 -7.06
C ASP A 47 -4.64 -8.25 -6.65
N ASP A 48 -4.48 -8.59 -5.37
CA ASP A 48 -5.19 -9.73 -4.79
C ASP A 48 -6.69 -9.47 -4.82
N SER A 49 -7.04 -8.19 -4.79
CA SER A 49 -8.43 -7.77 -4.81
C SER A 49 -8.85 -7.46 -6.24
N PRO A 50 -10.07 -7.87 -6.63
CA PRO A 50 -10.57 -7.75 -8.01
C PRO A 50 -10.50 -6.32 -8.56
N HIS A 51 -10.62 -5.33 -7.68
CA HIS A 51 -10.62 -3.93 -8.08
C HIS A 51 -9.20 -3.49 -8.50
N LYS A 52 -8.20 -4.18 -7.96
CA LYS A 52 -6.77 -3.92 -8.26
C LYS A 52 -6.44 -2.43 -8.35
N HIS A 53 -6.60 -1.71 -7.26
CA HIS A 53 -6.31 -0.27 -7.26
C HIS A 53 -4.80 -0.01 -7.20
N ALA A 54 -4.10 -0.78 -6.39
CA ALA A 54 -2.67 -0.56 -6.16
C ALA A 54 -1.86 -0.66 -7.46
N THR A 55 -2.22 -1.63 -8.30
CA THR A 55 -1.50 -1.87 -9.53
C THR A 55 -1.82 -0.82 -10.59
N ARG A 56 -3.11 -0.56 -10.78
CA ARG A 56 -3.55 0.42 -11.77
C ARG A 56 -3.05 1.81 -11.41
N HIS A 57 -2.86 2.04 -10.11
CA HIS A 57 -2.30 3.30 -9.63
C HIS A 57 -0.84 3.45 -10.04
N PHE A 58 -0.06 2.38 -9.88
CA PHE A 58 1.34 2.38 -10.29
C PHE A 58 1.46 2.65 -11.77
N HIS A 59 0.60 2.01 -12.54
CA HIS A 59 0.57 2.18 -13.99
C HIS A 59 0.29 3.63 -14.38
N ALA A 60 -0.41 4.35 -13.51
CA ALA A 60 -0.82 5.72 -13.81
C ALA A 60 0.19 6.74 -13.28
N THR A 61 0.59 6.60 -12.03
CA THR A 61 1.45 7.61 -11.40
C THR A 61 2.94 7.27 -11.51
N GLY A 62 3.24 6.00 -11.75
CA GLY A 62 4.62 5.58 -11.78
C GLY A 62 5.23 5.56 -10.39
N HIS A 63 4.46 5.10 -9.42
CA HIS A 63 4.91 5.04 -8.03
C HIS A 63 5.17 3.58 -7.64
N PRO A 64 6.44 3.16 -7.65
CA PRO A 64 6.80 1.74 -7.57
C PRO A 64 6.91 1.18 -6.15
N ILE A 65 6.54 1.93 -5.13
CA ILE A 65 6.63 1.43 -3.77
C ILE A 65 5.33 1.57 -3.00
N ILE A 66 4.90 0.46 -2.42
CA ILE A 66 3.70 0.42 -1.59
C ILE A 66 3.98 -0.33 -0.30
N GLU A 67 3.27 0.04 0.76
CA GLU A 67 3.46 -0.57 2.06
C GLU A 67 2.19 -1.30 2.49
N GLY A 68 2.35 -2.42 3.17
CA GLY A 68 1.20 -3.15 3.69
C GLY A 68 0.49 -2.35 4.77
N TYR A 69 -0.68 -1.83 4.44
CA TYR A 69 -1.37 -0.91 5.33
C TYR A 69 -2.37 -1.65 6.22
N ASP A 70 -3.14 -2.57 5.65
CA ASP A 70 -4.16 -3.28 6.43
C ASP A 70 -3.55 -4.19 7.50
N PRO A 71 -2.39 -4.87 7.24
CA PRO A 71 -1.71 -5.65 8.26
C PRO A 71 -0.63 -4.82 8.98
N PRO A 72 -0.71 -4.72 10.31
CA PRO A 72 0.25 -3.95 11.12
C PRO A 72 1.61 -4.65 11.24
N GLU A 73 2.10 -5.16 10.11
CA GLU A 73 3.38 -5.85 10.09
C GLU A 73 4.51 -4.85 9.85
N GLY A 74 4.37 -4.04 8.80
CA GLY A 74 5.38 -3.06 8.48
C GLY A 74 6.35 -3.56 7.43
N TRP A 75 5.89 -3.60 6.19
CA TRP A 75 6.73 -4.04 5.08
C TRP A 75 6.40 -3.27 3.80
N GLY A 76 7.39 -3.06 2.97
CA GLY A 76 7.18 -2.34 1.73
C GLY A 76 7.51 -3.18 0.52
N TRP A 77 6.69 -3.07 -0.52
CA TRP A 77 6.90 -3.81 -1.75
C TRP A 77 7.27 -2.86 -2.87
N CYS A 78 8.28 -3.23 -3.64
CA CYS A 78 8.74 -2.40 -4.75
C CYS A 78 8.41 -3.10 -6.07
N TYR A 79 7.47 -2.54 -6.82
CA TYR A 79 6.95 -3.16 -8.04
C TYR A 79 8.05 -3.61 -9.02
N VAL A 80 8.85 -2.65 -9.47
CA VAL A 80 9.88 -2.92 -10.49
C VAL A 80 11.00 -3.81 -9.95
N ASP A 81 11.15 -3.86 -8.65
CA ASP A 81 12.19 -4.68 -8.01
C ASP A 81 11.66 -6.07 -7.75
N GLU A 82 10.39 -6.13 -7.37
CA GLU A 82 9.72 -7.37 -6.96
C GLU A 82 10.36 -7.92 -5.69
N VAL A 83 10.82 -7.00 -4.85
CA VAL A 83 11.38 -7.36 -3.56
C VAL A 83 10.59 -6.69 -2.43
N MET A 84 10.52 -7.37 -1.30
CA MET A 84 9.85 -6.83 -0.13
C MET A 84 10.86 -6.49 0.94
N PHE A 85 10.80 -5.28 1.48
CA PHE A 85 11.74 -4.87 2.51
C PHE A 85 11.00 -4.50 3.79
N ASP A 86 11.76 -4.31 4.87
CA ASP A 86 11.18 -4.06 6.18
C ASP A 86 10.93 -2.58 6.41
N LEU A 87 9.76 -2.27 6.95
CA LEU A 87 9.41 -0.90 7.31
C LEU A 87 8.74 -0.88 8.67
N SER A 88 9.06 -1.86 9.51
CA SER A 88 8.39 -2.03 10.79
C SER A 88 8.55 -0.80 11.69
N ASP A 89 9.68 -0.11 11.60
CA ASP A 89 9.92 1.07 12.41
C ASP A 89 9.55 2.35 11.69
N ARG A 90 9.10 2.23 10.45
CA ARG A 90 8.79 3.40 9.63
C ARG A 90 7.43 3.25 8.97
N MET A 91 6.63 2.35 9.52
CA MET A 91 5.34 1.99 8.91
C MET A 91 4.31 3.10 9.09
N THR A 92 3.41 3.21 8.12
CA THR A 92 2.32 4.18 8.20
C THR A 92 1.31 3.75 9.26
N PRO A 93 1.13 4.60 10.29
CA PRO A 93 0.22 4.31 11.40
C PRO A 93 -1.24 4.27 10.95
N HIS A 94 -1.99 3.30 11.48
CA HIS A 94 -3.41 3.18 11.20
C HIS A 94 -4.15 4.41 11.71
N ASN A 95 -5.06 4.93 10.89
CA ASN A 95 -5.79 6.15 11.25
C ASN A 95 -7.19 5.84 11.74
N GLY A 96 -7.44 4.57 12.06
CA GLY A 96 -8.74 4.18 12.58
C GLY A 96 -9.09 2.76 12.23
N PRO A 97 -10.33 2.33 12.55
CA PRO A 97 -10.80 0.98 12.27
C PRO A 97 -11.08 0.76 10.78
N ILE A 98 -10.44 -0.24 10.21
CA ILE A 98 -10.59 -0.53 8.79
C ILE A 98 -11.67 -1.60 8.57
N PRO A 99 -12.63 -1.35 7.68
CA PRO A 99 -13.67 -2.32 7.33
C PRO A 99 -13.07 -3.54 6.64
N ARG A 100 -13.12 -4.68 7.30
CA ARG A 100 -12.52 -5.88 6.75
C ARG A 100 -13.61 -6.79 6.19
N TYR A 101 -13.43 -7.20 4.94
CA TYR A 101 -14.45 -7.97 4.24
C TYR A 101 -14.15 -9.46 4.29
N VAL A 102 -12.91 -9.83 4.00
CA VAL A 102 -12.53 -11.23 3.92
C VAL A 102 -11.89 -11.72 5.22
ZN ZN B . 13.19 -0.59 -5.83
ZN ZN C . 1.13 7.00 -5.55
N MET A 1 13.05 -10.91 3.64
CA MET A 1 12.96 -9.53 3.10
C MET A 1 14.34 -9.06 2.65
N THR A 2 14.36 -8.00 1.86
CA THR A 2 15.60 -7.39 1.44
C THR A 2 15.79 -6.08 2.19
N MET A 3 16.99 -5.50 2.14
CA MET A 3 17.26 -4.23 2.79
C MET A 3 16.47 -3.12 2.13
N GLY A 4 16.38 -3.15 0.81
CA GLY A 4 15.60 -2.17 0.10
C GLY A 4 16.12 -1.94 -1.31
N CYS A 5 15.94 -0.73 -1.80
CA CYS A 5 16.47 -0.34 -3.09
C CYS A 5 16.55 1.18 -3.17
N ARG A 6 17.31 1.70 -4.13
CA ARG A 6 17.52 3.14 -4.26
C ARG A 6 16.21 3.91 -4.45
N HIS A 7 15.17 3.23 -4.93
CA HIS A 7 13.84 3.83 -5.08
C HIS A 7 13.29 4.27 -3.73
N VAL A 8 13.77 3.64 -2.66
CA VAL A 8 13.30 3.93 -1.31
C VAL A 8 13.58 5.39 -0.94
N ALA A 9 14.62 5.96 -1.54
CA ALA A 9 14.97 7.36 -1.29
C ALA A 9 13.97 8.31 -1.97
N GLY A 10 13.03 7.74 -2.70
CA GLY A 10 12.01 8.54 -3.36
C GLY A 10 10.69 8.50 -2.62
N ILE A 11 10.60 7.67 -1.60
CA ILE A 11 9.38 7.58 -0.80
C ILE A 11 9.53 8.36 0.51
N ARG A 12 8.41 8.80 1.04
CA ARG A 12 8.39 9.51 2.31
C ARG A 12 7.41 8.87 3.25
N THR A 13 7.52 9.17 4.54
CA THR A 13 6.56 8.71 5.52
C THR A 13 5.25 9.44 5.32
N VAL A 14 4.32 8.78 4.64
CA VAL A 14 3.10 9.41 4.20
C VAL A 14 1.96 9.21 5.19
N THR A 15 0.96 10.05 5.08
CA THR A 15 -0.22 9.95 5.92
C THR A 15 -1.38 9.31 5.15
N PRO A 16 -1.94 8.21 5.69
CA PRO A 16 -3.03 7.46 5.03
C PRO A 16 -4.23 8.35 4.71
N SER A 17 -4.57 8.43 3.43
CA SER A 17 -5.68 9.25 2.98
C SER A 17 -6.99 8.47 3.03
N ALA A 18 -6.89 7.16 3.17
CA ALA A 18 -8.06 6.30 3.21
C ALA A 18 -7.87 5.19 4.24
N LEU A 19 -8.97 4.67 4.75
CA LEU A 19 -8.93 3.56 5.71
C LEU A 19 -8.94 2.24 4.96
N GLY A 20 -9.99 2.03 4.18
CA GLY A 20 -10.08 0.84 3.37
C GLY A 20 -9.69 1.10 1.94
N CYS A 21 -10.28 0.34 1.02
CA CYS A 21 -10.00 0.55 -0.39
C CYS A 21 -10.76 1.76 -0.90
N GLU A 22 -10.03 2.83 -1.18
CA GLU A 22 -10.60 4.07 -1.68
C GLU A 22 -11.55 3.83 -2.86
N GLU A 23 -11.20 2.87 -3.70
CA GLU A 23 -12.00 2.56 -4.88
C GLU A 23 -13.26 1.79 -4.48
N CYS A 24 -13.10 0.75 -3.69
CA CYS A 24 -14.21 -0.10 -3.31
C CYS A 24 -15.24 0.65 -2.47
N LEU A 25 -14.78 1.63 -1.70
CA LEU A 25 -15.66 2.36 -0.78
C LEU A 25 -16.69 3.21 -1.52
N LYS A 26 -16.46 3.48 -2.79
CA LYS A 26 -17.37 4.32 -3.56
C LYS A 26 -18.66 3.57 -3.90
N ILE A 27 -18.60 2.25 -3.87
CA ILE A 27 -19.76 1.42 -4.20
C ILE A 27 -20.07 0.40 -3.10
N GLY A 28 -19.23 0.38 -2.07
CA GLY A 28 -19.40 -0.58 -1.01
C GLY A 28 -18.90 -1.95 -1.39
N SER A 29 -17.84 -1.97 -2.18
CA SER A 29 -17.24 -3.21 -2.64
C SER A 29 -16.24 -3.73 -1.60
N PRO A 30 -16.15 -5.05 -1.44
CA PRO A 30 -15.18 -5.66 -0.53
C PRO A 30 -13.76 -5.60 -1.08
N TRP A 31 -12.80 -6.00 -0.26
CA TRP A 31 -11.40 -6.06 -0.68
C TRP A 31 -10.69 -7.17 0.09
N VAL A 32 -9.59 -7.66 -0.45
CA VAL A 32 -8.81 -8.69 0.21
C VAL A 32 -7.74 -8.06 1.09
N HIS A 33 -6.80 -7.37 0.48
CA HIS A 33 -5.74 -6.70 1.24
C HIS A 33 -5.59 -5.26 0.78
N LEU A 34 -5.00 -4.43 1.63
CA LEU A 34 -4.84 -3.01 1.34
C LEU A 34 -3.37 -2.66 1.14
N ARG A 35 -3.12 -1.77 0.20
CA ARG A 35 -1.78 -1.29 -0.08
C ARG A 35 -1.73 0.23 0.08
N ILE A 36 -0.91 0.71 1.00
CA ILE A 36 -0.72 2.14 1.17
C ILE A 36 0.53 2.58 0.42
N CYS A 37 0.32 3.50 -0.50
CA CYS A 37 1.37 3.96 -1.38
C CYS A 37 2.29 4.97 -0.68
N ARG A 38 3.55 4.59 -0.51
CA ARG A 38 4.52 5.38 0.28
C ARG A 38 4.97 6.65 -0.44
N THR A 39 4.37 6.95 -1.58
CA THR A 39 4.78 8.13 -2.32
C THR A 39 3.76 9.26 -2.20
N CYS A 40 2.51 8.93 -1.90
CA CYS A 40 1.47 9.94 -1.84
C CYS A 40 0.46 9.67 -0.71
N GLY A 41 0.59 8.52 -0.05
CA GLY A 41 -0.25 8.23 1.10
C GLY A 41 -1.63 7.74 0.75
N HIS A 42 -1.86 7.36 -0.50
CA HIS A 42 -3.17 6.89 -0.90
C HIS A 42 -3.24 5.37 -0.76
N VAL A 43 -4.36 4.88 -0.24
CA VAL A 43 -4.54 3.46 0.01
C VAL A 43 -5.52 2.86 -1.00
N GLY A 44 -5.20 1.69 -1.50
CA GLY A 44 -6.08 0.99 -2.41
C GLY A 44 -6.04 -0.50 -2.18
N CYS A 45 -6.96 -1.22 -2.81
CA CYS A 45 -6.99 -2.67 -2.70
C CYS A 45 -5.84 -3.27 -3.49
N CYS A 46 -5.33 -4.39 -3.02
CA CYS A 46 -4.24 -5.09 -3.68
C CYS A 46 -4.71 -5.70 -5.00
N ASP A 47 -3.82 -6.47 -5.63
CA ASP A 47 -4.10 -7.08 -6.91
C ASP A 47 -4.91 -8.37 -6.73
N ASP A 48 -5.27 -8.68 -5.49
CA ASP A 48 -6.09 -9.84 -5.20
C ASP A 48 -7.56 -9.53 -5.49
N SER A 49 -7.95 -8.29 -5.22
CA SER A 49 -9.30 -7.84 -5.48
C SER A 49 -9.46 -7.45 -6.95
N PRO A 50 -10.65 -7.69 -7.53
CA PRO A 50 -10.94 -7.44 -8.95
C PRO A 50 -10.51 -6.04 -9.42
N HIS A 51 -10.65 -5.04 -8.55
CA HIS A 51 -10.31 -3.67 -8.90
C HIS A 51 -8.81 -3.49 -9.15
N LYS A 52 -7.98 -4.09 -8.28
CA LYS A 52 -6.53 -3.95 -8.37
C LYS A 52 -6.11 -2.47 -8.44
N HIS A 53 -6.80 -1.63 -7.66
CA HIS A 53 -6.61 -0.19 -7.73
C HIS A 53 -5.19 0.23 -7.33
N ALA A 54 -4.53 -0.61 -6.55
CA ALA A 54 -3.17 -0.32 -6.09
C ALA A 54 -2.16 -0.48 -7.22
N THR A 55 -2.30 -1.54 -8.00
CA THR A 55 -1.36 -1.80 -9.09
C THR A 55 -1.59 -0.84 -10.24
N ARG A 56 -2.86 -0.57 -10.53
CA ARG A 56 -3.21 0.38 -11.59
C ARG A 56 -2.77 1.78 -11.20
N HIS A 57 -2.67 2.01 -9.89
CA HIS A 57 -2.21 3.28 -9.37
C HIS A 57 -0.78 3.58 -9.82
N PHE A 58 0.06 2.54 -9.79
CA PHE A 58 1.44 2.68 -10.23
C PHE A 58 1.50 2.99 -11.71
N HIS A 59 0.59 2.41 -12.46
CA HIS A 59 0.52 2.62 -13.90
C HIS A 59 0.10 4.05 -14.21
N ALA A 60 -0.64 4.66 -13.29
CA ALA A 60 -1.12 6.03 -13.48
C ALA A 60 -0.14 7.06 -12.92
N THR A 61 0.15 6.97 -11.63
CA THR A 61 0.96 7.98 -10.96
C THR A 61 2.47 7.74 -11.15
N GLY A 62 2.85 6.49 -11.33
CA GLY A 62 4.27 6.17 -11.40
C GLY A 62 4.91 6.08 -10.03
N HIS A 63 4.17 5.50 -9.08
CA HIS A 63 4.64 5.35 -7.72
C HIS A 63 4.91 3.87 -7.43
N PRO A 64 6.19 3.46 -7.44
CA PRO A 64 6.59 2.05 -7.45
C PRO A 64 6.68 1.38 -6.08
N ILE A 65 6.37 2.09 -5.00
CA ILE A 65 6.53 1.51 -3.67
C ILE A 65 5.26 1.64 -2.83
N ILE A 66 4.86 0.51 -2.23
CA ILE A 66 3.68 0.45 -1.38
C ILE A 66 3.97 -0.36 -0.12
N GLU A 67 3.23 -0.09 0.94
CA GLU A 67 3.28 -0.91 2.15
C GLU A 67 2.02 -1.74 2.27
N GLY A 68 2.04 -2.71 3.16
CA GLY A 68 0.86 -3.46 3.48
C GLY A 68 0.06 -2.75 4.55
N TYR A 69 -1.00 -2.06 4.15
CA TYR A 69 -1.81 -1.28 5.08
C TYR A 69 -2.81 -2.19 5.79
N ASP A 70 -3.10 -3.33 5.16
CA ASP A 70 -3.96 -4.33 5.77
C ASP A 70 -3.19 -5.13 6.84
N PRO A 71 -2.02 -5.73 6.51
CA PRO A 71 -1.18 -6.35 7.51
C PRO A 71 -0.07 -5.41 7.99
N PRO A 72 -0.24 -4.82 9.19
CA PRO A 72 0.70 -3.85 9.76
C PRO A 72 1.98 -4.49 10.27
N GLU A 73 2.58 -5.32 9.43
CA GLU A 73 3.79 -6.05 9.80
C GLU A 73 5.03 -5.21 9.54
N GLY A 74 4.90 -4.25 8.63
CA GLY A 74 5.99 -3.37 8.30
C GLY A 74 6.86 -3.91 7.19
N TRP A 75 6.37 -3.80 5.97
CA TRP A 75 7.11 -4.24 4.80
C TRP A 75 6.72 -3.44 3.58
N GLY A 76 7.68 -3.19 2.70
CA GLY A 76 7.43 -2.41 1.52
C GLY A 76 7.64 -3.21 0.25
N TRP A 77 6.70 -3.09 -0.67
CA TRP A 77 6.75 -3.81 -1.93
C TRP A 77 7.06 -2.84 -3.06
N CYS A 78 8.03 -3.20 -3.89
CA CYS A 78 8.42 -2.37 -5.01
C CYS A 78 8.04 -3.05 -6.32
N TYR A 79 7.09 -2.44 -7.05
CA TYR A 79 6.51 -3.05 -8.24
C TYR A 79 7.55 -3.50 -9.27
N VAL A 80 8.37 -2.58 -9.75
CA VAL A 80 9.32 -2.89 -10.81
C VAL A 80 10.44 -3.81 -10.33
N ASP A 81 10.74 -3.76 -9.05
CA ASP A 81 11.80 -4.58 -8.47
C ASP A 81 11.29 -5.98 -8.20
N GLU A 82 10.04 -6.04 -7.74
CA GLU A 82 9.41 -7.29 -7.32
C GLU A 82 10.16 -7.85 -6.10
N VAL A 83 10.69 -6.94 -5.30
CA VAL A 83 11.35 -7.29 -4.06
C VAL A 83 10.57 -6.72 -2.88
N MET A 84 10.67 -7.38 -1.74
CA MET A 84 9.99 -6.93 -0.53
C MET A 84 11.01 -6.57 0.52
N PHE A 85 11.08 -5.29 0.85
CA PHE A 85 12.04 -4.82 1.83
C PHE A 85 11.36 -4.49 3.15
N ASP A 86 12.09 -4.64 4.23
CA ASP A 86 11.54 -4.43 5.56
C ASP A 86 11.36 -2.95 5.85
N LEU A 87 10.13 -2.57 6.15
CA LEU A 87 9.83 -1.19 6.51
C LEU A 87 9.28 -1.13 7.92
N SER A 88 9.58 -2.14 8.74
CA SER A 88 9.07 -2.21 10.10
C SER A 88 9.59 -1.02 10.92
N ASP A 89 10.77 -0.54 10.56
CA ASP A 89 11.40 0.59 11.21
C ASP A 89 10.68 1.90 10.86
N ARG A 90 9.96 1.90 9.75
CA ARG A 90 9.36 3.13 9.24
C ARG A 90 7.89 2.91 8.85
N MET A 91 7.27 1.91 9.46
CA MET A 91 5.94 1.43 9.04
C MET A 91 4.87 2.51 9.20
N THR A 92 3.89 2.48 8.30
CA THR A 92 2.73 3.35 8.41
C THR A 92 1.56 2.58 9.03
N PRO A 93 1.24 2.86 10.29
CA PRO A 93 0.17 2.18 11.01
C PRO A 93 -1.22 2.61 10.56
N HIS A 94 -2.23 1.81 10.88
CA HIS A 94 -3.60 2.15 10.54
C HIS A 94 -4.03 3.41 11.30
N ASN A 95 -4.49 4.41 10.57
CA ASN A 95 -4.84 5.69 11.18
C ASN A 95 -6.22 5.65 11.81
N GLY A 96 -6.98 4.61 11.49
CA GLY A 96 -8.32 4.49 12.02
C GLY A 96 -8.87 3.08 11.86
N PRO A 97 -10.15 2.86 12.19
CA PRO A 97 -10.78 1.54 12.12
C PRO A 97 -10.98 1.07 10.69
N ILE A 98 -10.41 -0.07 10.35
CA ILE A 98 -10.55 -0.65 9.03
C ILE A 98 -11.42 -1.89 9.09
N PRO A 99 -12.50 -1.94 8.29
CA PRO A 99 -13.38 -3.11 8.22
C PRO A 99 -12.68 -4.31 7.58
N ARG A 100 -12.43 -5.33 8.39
CA ARG A 100 -11.76 -6.53 7.93
C ARG A 100 -12.78 -7.49 7.33
N TYR A 101 -12.58 -7.85 6.07
CA TYR A 101 -13.49 -8.75 5.38
C TYR A 101 -12.95 -10.18 5.35
N VAL A 102 -11.66 -10.31 5.05
CA VAL A 102 -11.04 -11.63 4.96
C VAL A 102 -10.10 -11.89 6.13
ZN ZN B . 12.78 -0.50 -6.34
ZN ZN C . 0.86 7.03 -5.05
N MET A 1 12.39 -10.82 4.02
CA MET A 1 12.79 -9.47 3.56
C MET A 1 14.13 -9.52 2.83
N THR A 2 14.47 -8.45 2.14
CA THR A 2 15.74 -8.34 1.47
C THR A 2 16.33 -6.94 1.65
N MET A 3 17.49 -6.71 1.05
CA MET A 3 18.16 -5.41 1.12
C MET A 3 17.31 -4.33 0.47
N GLY A 4 17.30 -3.15 1.08
CA GLY A 4 16.54 -2.04 0.51
C GLY A 4 17.15 -1.53 -0.79
N CYS A 5 16.33 -0.90 -1.61
CA CYS A 5 16.81 -0.39 -2.89
C CYS A 5 16.80 1.13 -2.87
N ARG A 6 17.62 1.75 -3.73
CA ARG A 6 17.81 3.21 -3.73
C ARG A 6 16.49 3.97 -3.86
N HIS A 7 15.46 3.30 -4.39
CA HIS A 7 14.13 3.88 -4.51
C HIS A 7 13.57 4.29 -3.14
N VAL A 8 14.07 3.67 -2.07
CA VAL A 8 13.66 4.01 -0.70
C VAL A 8 13.96 5.48 -0.39
N ALA A 9 14.98 6.04 -1.06
CA ALA A 9 15.34 7.43 -0.85
C ALA A 9 14.28 8.38 -1.44
N GLY A 10 13.36 7.82 -2.21
CA GLY A 10 12.28 8.61 -2.77
C GLY A 10 11.03 8.54 -1.92
N ILE A 11 10.83 7.41 -1.26
CA ILE A 11 9.65 7.20 -0.43
C ILE A 11 9.86 7.80 0.96
N ARG A 12 8.77 8.28 1.54
CA ARG A 12 8.84 8.88 2.86
C ARG A 12 7.71 8.36 3.74
N THR A 13 7.63 8.84 4.97
CA THR A 13 6.53 8.52 5.85
C THR A 13 5.30 9.31 5.42
N VAL A 14 4.35 8.62 4.82
CA VAL A 14 3.19 9.27 4.22
C VAL A 14 1.97 9.17 5.13
N THR A 15 1.01 10.05 4.88
CA THR A 15 -0.25 10.04 5.60
C THR A 15 -1.31 9.28 4.81
N PRO A 16 -1.94 8.27 5.43
CA PRO A 16 -3.04 7.54 4.81
C PRO A 16 -4.21 8.45 4.48
N SER A 17 -4.46 8.62 3.18
CA SER A 17 -5.53 9.50 2.71
C SER A 17 -6.91 8.85 2.88
N ALA A 18 -6.91 7.58 3.23
CA ALA A 18 -8.14 6.85 3.45
C ALA A 18 -7.89 5.65 4.37
N LEU A 19 -8.92 5.25 5.10
CA LEU A 19 -8.83 4.06 5.93
C LEU A 19 -8.96 2.81 5.08
N GLY A 20 -9.94 2.82 4.20
CA GLY A 20 -10.13 1.72 3.30
C GLY A 20 -9.76 2.07 1.88
N CYS A 21 -10.17 1.26 0.93
CA CYS A 21 -9.89 1.52 -0.47
C CYS A 21 -10.85 2.59 -1.00
N GLU A 22 -10.37 3.83 -1.05
CA GLU A 22 -11.16 4.92 -1.61
C GLU A 22 -11.34 4.68 -3.10
N GLU A 23 -12.43 4.01 -3.42
CA GLU A 23 -12.74 3.55 -4.76
C GLU A 23 -13.88 2.55 -4.65
N CYS A 24 -13.59 1.43 -4.01
CA CYS A 24 -14.59 0.41 -3.74
C CYS A 24 -15.62 0.93 -2.75
N LEU A 25 -15.19 1.84 -1.88
CA LEU A 25 -16.04 2.42 -0.84
C LEU A 25 -17.19 3.25 -1.42
N LYS A 26 -17.08 3.65 -2.69
CA LYS A 26 -18.13 4.46 -3.32
C LYS A 26 -19.35 3.62 -3.63
N ILE A 27 -19.13 2.32 -3.83
CA ILE A 27 -20.22 1.42 -4.17
C ILE A 27 -20.52 0.45 -3.03
N GLY A 28 -19.54 0.28 -2.14
CA GLY A 28 -19.69 -0.65 -1.03
C GLY A 28 -19.08 -2.00 -1.33
N SER A 29 -18.04 -2.00 -2.15
CA SER A 29 -17.36 -3.22 -2.54
C SER A 29 -16.27 -3.56 -1.53
N PRO A 30 -16.07 -4.86 -1.24
CA PRO A 30 -15.05 -5.33 -0.30
C PRO A 30 -13.66 -5.36 -0.94
N TRP A 31 -12.73 -6.01 -0.26
CA TRP A 31 -11.36 -6.15 -0.76
C TRP A 31 -10.66 -7.29 -0.04
N VAL A 32 -9.49 -7.66 -0.53
CA VAL A 32 -8.69 -8.68 0.13
C VAL A 32 -7.68 -8.03 1.07
N HIS A 33 -6.73 -7.30 0.51
CA HIS A 33 -5.74 -6.61 1.31
C HIS A 33 -5.60 -5.17 0.84
N LEU A 34 -5.37 -4.28 1.79
CA LEU A 34 -5.10 -2.89 1.48
C LEU A 34 -3.61 -2.61 1.61
N ARG A 35 -3.06 -1.92 0.63
CA ARG A 35 -1.67 -1.53 0.68
C ARG A 35 -1.56 -0.03 0.46
N ILE A 36 -0.72 0.61 1.27
CA ILE A 36 -0.56 2.05 1.19
C ILE A 36 0.65 2.41 0.35
N CYS A 37 0.44 3.32 -0.56
CA CYS A 37 1.48 3.76 -1.46
C CYS A 37 2.43 4.71 -0.74
N ARG A 38 3.68 4.27 -0.54
CA ARG A 38 4.64 4.99 0.30
C ARG A 38 5.15 6.28 -0.34
N THR A 39 4.64 6.61 -1.52
CA THR A 39 5.07 7.81 -2.21
C THR A 39 4.09 8.95 -1.95
N CYS A 40 2.83 8.75 -2.31
CA CYS A 40 1.83 9.81 -2.24
C CYS A 40 0.91 9.63 -1.04
N GLY A 41 0.93 8.43 -0.45
CA GLY A 41 0.12 8.17 0.73
C GLY A 41 -1.30 7.75 0.43
N HIS A 42 -1.55 7.22 -0.76
CA HIS A 42 -2.90 6.78 -1.10
C HIS A 42 -3.06 5.29 -0.80
N VAL A 43 -4.21 4.93 -0.22
CA VAL A 43 -4.50 3.56 0.14
C VAL A 43 -5.50 2.96 -0.84
N GLY A 44 -5.33 1.68 -1.17
CA GLY A 44 -6.26 1.02 -2.06
C GLY A 44 -6.10 -0.49 -2.02
N CYS A 45 -7.04 -1.20 -2.63
CA CYS A 45 -6.99 -2.64 -2.71
C CYS A 45 -5.91 -3.07 -3.69
N CYS A 46 -5.10 -4.02 -3.29
CA CYS A 46 -3.93 -4.42 -4.05
C CYS A 46 -4.25 -5.48 -5.09
N ASP A 47 -3.20 -6.05 -5.68
CA ASP A 47 -3.31 -7.09 -6.70
C ASP A 47 -4.08 -8.30 -6.19
N ASP A 48 -4.11 -8.44 -4.86
CA ASP A 48 -4.89 -9.47 -4.19
C ASP A 48 -6.35 -9.44 -4.63
N SER A 49 -6.84 -8.22 -4.88
CA SER A 49 -8.25 -8.02 -5.21
C SER A 49 -8.41 -7.75 -6.70
N PRO A 50 -9.54 -8.18 -7.30
CA PRO A 50 -9.78 -8.06 -8.75
C PRO A 50 -9.89 -6.62 -9.23
N HIS A 51 -10.09 -5.70 -8.31
CA HIS A 51 -10.19 -4.29 -8.66
C HIS A 51 -8.80 -3.71 -8.92
N LYS A 52 -7.79 -4.29 -8.25
CA LYS A 52 -6.38 -3.98 -8.49
C LYS A 52 -6.11 -2.46 -8.49
N HIS A 53 -6.69 -1.76 -7.53
CA HIS A 53 -6.59 -0.30 -7.47
C HIS A 53 -5.16 0.14 -7.15
N ALA A 54 -4.43 -0.71 -6.43
CA ALA A 54 -3.06 -0.38 -6.04
C ALA A 54 -2.09 -0.56 -7.22
N THR A 55 -2.30 -1.59 -8.02
CA THR A 55 -1.38 -1.89 -9.12
C THR A 55 -1.62 -0.95 -10.30
N ARG A 56 -2.90 -0.71 -10.61
CA ARG A 56 -3.25 0.21 -11.67
C ARG A 56 -2.84 1.63 -11.31
N HIS A 57 -2.79 1.90 -10.01
CA HIS A 57 -2.31 3.18 -9.52
C HIS A 57 -0.85 3.37 -9.91
N PHE A 58 -0.05 2.33 -9.66
CA PHE A 58 1.36 2.36 -10.01
C PHE A 58 1.55 2.52 -11.51
N HIS A 59 0.70 1.85 -12.28
CA HIS A 59 0.75 1.90 -13.73
C HIS A 59 0.55 3.33 -14.24
N ALA A 60 -0.18 4.12 -13.45
CA ALA A 60 -0.47 5.50 -13.83
C ALA A 60 0.52 6.49 -13.21
N THR A 61 0.71 6.40 -11.90
CA THR A 61 1.53 7.38 -11.18
C THR A 61 3.02 7.09 -11.29
N GLY A 62 3.37 5.82 -11.49
CA GLY A 62 4.77 5.44 -11.49
C GLY A 62 5.33 5.42 -10.07
N HIS A 63 4.50 5.01 -9.12
CA HIS A 63 4.90 4.91 -7.72
C HIS A 63 5.13 3.43 -7.38
N PRO A 64 6.40 2.98 -7.43
CA PRO A 64 6.71 1.55 -7.38
C PRO A 64 6.71 0.95 -5.98
N ILE A 65 6.72 1.77 -4.94
CA ILE A 65 6.84 1.23 -3.59
C ILE A 65 5.56 1.38 -2.79
N ILE A 66 5.09 0.26 -2.25
CA ILE A 66 3.91 0.23 -1.42
C ILE A 66 4.18 -0.54 -0.13
N GLU A 67 3.34 -0.33 0.87
CA GLU A 67 3.49 -0.99 2.16
C GLU A 67 2.18 -1.65 2.57
N GLY A 68 2.27 -2.78 3.26
CA GLY A 68 1.08 -3.48 3.70
C GLY A 68 0.37 -2.73 4.81
N TYR A 69 -0.79 -2.17 4.50
CA TYR A 69 -1.54 -1.39 5.48
C TYR A 69 -2.58 -2.25 6.18
N ASP A 70 -3.25 -3.10 5.40
CA ASP A 70 -4.19 -4.07 5.98
C ASP A 70 -3.45 -5.12 6.81
N PRO A 71 -2.35 -5.72 6.29
CA PRO A 71 -1.45 -6.52 7.08
C PRO A 71 -0.20 -5.73 7.48
N PRO A 72 -0.26 -5.03 8.63
CA PRO A 72 0.83 -4.17 9.07
C PRO A 72 2.00 -4.97 9.63
N GLU A 73 2.93 -5.33 8.76
CA GLU A 73 4.11 -6.07 9.16
C GLU A 73 5.36 -5.22 8.99
N GLY A 74 5.21 -4.09 8.30
CA GLY A 74 6.32 -3.19 8.09
C GLY A 74 7.24 -3.65 6.97
N TRP A 75 6.73 -3.66 5.75
CA TRP A 75 7.53 -4.02 4.59
C TRP A 75 7.17 -3.17 3.39
N GLY A 76 8.15 -2.93 2.54
CA GLY A 76 7.92 -2.15 1.35
C GLY A 76 8.12 -2.97 0.09
N TRP A 77 7.05 -3.10 -0.68
CA TRP A 77 7.11 -3.86 -1.92
C TRP A 77 7.40 -2.90 -3.07
N CYS A 78 8.41 -3.22 -3.86
CA CYS A 78 8.79 -2.37 -4.97
C CYS A 78 8.43 -3.06 -6.29
N TYR A 79 7.35 -2.62 -6.92
CA TYR A 79 6.80 -3.25 -8.13
C TYR A 79 7.88 -3.56 -9.17
N VAL A 80 8.63 -2.54 -9.58
CA VAL A 80 9.62 -2.68 -10.64
C VAL A 80 10.79 -3.57 -10.23
N ASP A 81 10.99 -3.73 -8.93
CA ASP A 81 12.09 -4.53 -8.42
C ASP A 81 11.62 -5.95 -8.10
N GLU A 82 10.37 -6.04 -7.65
CA GLU A 82 9.79 -7.30 -7.17
C GLU A 82 10.55 -7.79 -5.94
N VAL A 83 11.08 -6.85 -5.19
CA VAL A 83 11.77 -7.16 -3.94
C VAL A 83 11.02 -6.54 -2.77
N MET A 84 11.04 -7.22 -1.64
CA MET A 84 10.39 -6.73 -0.44
C MET A 84 11.42 -6.38 0.63
N PHE A 85 11.61 -5.11 0.88
CA PHE A 85 12.52 -4.66 1.92
C PHE A 85 11.74 -4.30 3.17
N ASP A 86 12.42 -4.16 4.29
CA ASP A 86 11.75 -3.93 5.57
C ASP A 86 11.56 -2.44 5.83
N LEU A 87 10.39 -2.12 6.33
CA LEU A 87 10.05 -0.74 6.69
C LEU A 87 9.41 -0.72 8.07
N SER A 88 9.70 -1.74 8.87
CA SER A 88 9.04 -1.93 10.16
C SER A 88 9.20 -0.72 11.07
N ASP A 89 10.38 -0.09 11.04
CA ASP A 89 10.63 1.08 11.90
C ASP A 89 10.17 2.37 11.24
N ARG A 90 9.63 2.26 10.04
CA ARG A 90 9.17 3.42 9.29
C ARG A 90 7.75 3.19 8.77
N MET A 91 7.09 2.18 9.32
CA MET A 91 5.80 1.74 8.82
C MET A 91 4.71 2.76 9.09
N THR A 92 3.68 2.74 8.26
CA THR A 92 2.55 3.62 8.42
C THR A 92 1.54 3.03 9.39
N PRO A 93 1.30 3.70 10.53
CA PRO A 93 0.33 3.24 11.52
C PRO A 93 -1.10 3.50 11.08
N HIS A 94 -2.05 2.74 11.64
CA HIS A 94 -3.44 2.92 11.31
C HIS A 94 -4.09 3.92 12.26
N ASN A 95 -4.76 4.92 11.70
CA ASN A 95 -5.37 5.96 12.52
C ASN A 95 -6.83 5.62 12.82
N GLY A 96 -7.34 4.59 12.16
CA GLY A 96 -8.71 4.19 12.37
C GLY A 96 -8.92 2.71 12.18
N PRO A 97 -10.14 2.21 12.44
CA PRO A 97 -10.47 0.80 12.32
C PRO A 97 -10.81 0.41 10.89
N ILE A 98 -10.01 -0.47 10.31
CA ILE A 98 -10.23 -0.93 8.95
C ILE A 98 -11.01 -2.23 8.93
N PRO A 99 -12.09 -2.29 8.14
CA PRO A 99 -12.89 -3.51 7.97
C PRO A 99 -12.09 -4.64 7.34
N ARG A 100 -11.79 -5.65 8.14
CA ARG A 100 -11.01 -6.79 7.70
C ARG A 100 -11.93 -7.82 7.06
N TYR A 101 -11.75 -8.05 5.76
CA TYR A 101 -12.66 -8.91 5.00
C TYR A 101 -12.07 -10.28 4.74
N VAL A 102 -10.79 -10.46 5.05
CA VAL A 102 -10.14 -11.76 4.88
C VAL A 102 -10.55 -12.74 5.97
ZN ZN B . 13.18 -0.43 -6.17
ZN ZN C . 1.05 6.73 -5.25
N MET A 1 14.60 -10.35 3.03
CA MET A 1 15.25 -9.10 3.45
C MET A 1 16.29 -8.68 2.42
N THR A 2 16.35 -7.40 2.11
CA THR A 2 17.30 -6.86 1.16
C THR A 2 17.35 -5.33 1.25
N MET A 3 18.26 -4.72 0.51
CA MET A 3 18.36 -3.26 0.49
C MET A 3 17.21 -2.68 -0.33
N GLY A 4 16.78 -3.44 -1.33
CA GLY A 4 15.68 -3.01 -2.17
C GLY A 4 16.16 -2.28 -3.40
N CYS A 5 16.33 -0.97 -3.28
CA CYS A 5 16.77 -0.13 -4.39
C CYS A 5 16.86 1.32 -3.94
N ARG A 6 17.30 2.21 -4.83
CA ARG A 6 17.47 3.62 -4.48
C ARG A 6 16.12 4.30 -4.27
N HIS A 7 15.06 3.67 -4.77
CA HIS A 7 13.71 4.18 -4.60
C HIS A 7 13.31 4.18 -3.12
N VAL A 8 13.92 3.28 -2.35
CA VAL A 8 13.63 3.18 -0.92
C VAL A 8 14.14 4.42 -0.20
N ALA A 9 15.19 4.99 -0.74
CA ALA A 9 15.78 6.16 -0.14
C ALA A 9 14.95 7.40 -0.44
N GLY A 10 14.04 7.26 -1.41
CA GLY A 10 13.19 8.36 -1.80
C GLY A 10 11.87 8.39 -1.06
N ILE A 11 11.40 7.22 -0.63
CA ILE A 11 10.13 7.12 0.06
C ILE A 11 10.26 7.60 1.50
N ARG A 12 9.16 8.11 2.04
CA ARG A 12 9.14 8.65 3.38
C ARG A 12 7.93 8.15 4.15
N THR A 13 7.70 8.73 5.32
CA THR A 13 6.50 8.44 6.09
C THR A 13 5.33 9.21 5.49
N VAL A 14 4.26 8.50 5.15
CA VAL A 14 3.15 9.10 4.44
C VAL A 14 1.85 8.97 5.23
N THR A 15 0.95 9.92 5.02
CA THR A 15 -0.34 9.92 5.68
C THR A 15 -1.39 9.23 4.80
N PRO A 16 -2.10 8.23 5.36
CA PRO A 16 -3.15 7.51 4.65
C PRO A 16 -4.27 8.43 4.17
N SER A 17 -4.63 8.29 2.90
CA SER A 17 -5.68 9.10 2.30
C SER A 17 -7.05 8.75 2.89
N ALA A 18 -7.26 7.46 3.16
CA ALA A 18 -8.51 6.99 3.73
C ALA A 18 -8.26 5.82 4.66
N LEU A 19 -9.31 5.39 5.36
CA LEU A 19 -9.22 4.22 6.24
C LEU A 19 -8.92 2.98 5.41
N GLY A 20 -9.71 2.79 4.37
CA GLY A 20 -9.53 1.64 3.50
C GLY A 20 -9.31 2.04 2.05
N CYS A 21 -9.47 1.10 1.15
CA CYS A 21 -9.30 1.34 -0.27
C CYS A 21 -10.39 2.27 -0.78
N GLU A 22 -10.00 3.49 -1.16
CA GLU A 22 -10.96 4.50 -1.60
C GLU A 22 -11.68 4.03 -2.86
N GLU A 23 -10.99 3.20 -3.64
CA GLU A 23 -11.56 2.58 -4.83
C GLU A 23 -12.82 1.81 -4.46
N CYS A 24 -12.69 0.93 -3.49
CA CYS A 24 -13.82 0.15 -3.01
C CYS A 24 -14.84 1.04 -2.33
N LEU A 25 -14.36 2.06 -1.63
CA LEU A 25 -15.22 2.98 -0.89
C LEU A 25 -16.08 3.82 -1.83
N LYS A 26 -15.73 3.87 -3.10
CA LYS A 26 -16.49 4.64 -4.08
C LYS A 26 -17.87 4.02 -4.29
N ILE A 27 -17.97 2.73 -4.03
CA ILE A 27 -19.23 2.01 -4.21
C ILE A 27 -19.65 1.30 -2.92
N GLY A 28 -18.75 1.22 -1.96
CA GLY A 28 -19.03 0.51 -0.72
C GLY A 28 -18.65 -0.96 -0.82
N SER A 29 -17.69 -1.24 -1.67
CA SER A 29 -17.25 -2.60 -1.93
C SER A 29 -16.22 -3.05 -0.89
N PRO A 30 -16.16 -4.35 -0.59
CA PRO A 30 -15.15 -4.93 0.29
C PRO A 30 -13.76 -5.00 -0.38
N TRP A 31 -12.84 -5.66 0.31
CA TRP A 31 -11.49 -5.82 -0.20
C TRP A 31 -10.84 -7.03 0.47
N VAL A 32 -9.59 -7.32 0.11
CA VAL A 32 -8.86 -8.40 0.75
C VAL A 32 -7.80 -7.83 1.69
N HIS A 33 -6.72 -7.29 1.12
CA HIS A 33 -5.68 -6.66 1.92
C HIS A 33 -5.18 -5.38 1.26
N LEU A 34 -5.15 -4.31 2.05
CA LEU A 34 -4.77 -2.99 1.57
C LEU A 34 -3.25 -2.78 1.59
N ARG A 35 -2.75 -2.16 0.54
CA ARG A 35 -1.36 -1.77 0.44
C ARG A 35 -1.27 -0.25 0.46
N ILE A 36 -0.41 0.31 1.30
CA ILE A 36 -0.28 1.76 1.36
C ILE A 36 0.91 2.21 0.53
N CYS A 37 0.64 3.16 -0.35
CA CYS A 37 1.65 3.70 -1.25
C CYS A 37 2.59 4.63 -0.49
N ARG A 38 3.85 4.23 -0.36
CA ARG A 38 4.83 4.96 0.44
C ARG A 38 5.25 6.27 -0.22
N THR A 39 4.71 6.56 -1.39
CA THR A 39 5.10 7.75 -2.12
C THR A 39 4.13 8.91 -1.87
N CYS A 40 2.86 8.59 -1.62
CA CYS A 40 1.85 9.64 -1.50
C CYS A 40 0.79 9.30 -0.45
N GLY A 41 0.95 8.17 0.23
CA GLY A 41 0.03 7.78 1.29
C GLY A 41 -1.34 7.37 0.79
N HIS A 42 -1.43 6.98 -0.48
CA HIS A 42 -2.71 6.58 -1.03
C HIS A 42 -2.91 5.09 -0.83
N VAL A 43 -4.12 4.70 -0.44
CA VAL A 43 -4.40 3.31 -0.11
C VAL A 43 -4.87 2.54 -1.34
N GLY A 44 -4.25 1.40 -1.59
CA GLY A 44 -4.65 0.59 -2.71
C GLY A 44 -4.69 -0.88 -2.35
N CYS A 45 -5.83 -1.52 -2.58
CA CYS A 45 -5.94 -2.94 -2.32
C CYS A 45 -5.14 -3.70 -3.37
N CYS A 46 -4.49 -4.78 -2.96
CA CYS A 46 -3.54 -5.49 -3.80
C CYS A 46 -4.23 -6.05 -5.06
N ASP A 47 -3.40 -6.44 -6.02
CA ASP A 47 -3.86 -7.00 -7.30
C ASP A 47 -4.58 -8.33 -7.09
N ASP A 48 -4.43 -8.88 -5.89
CA ASP A 48 -5.14 -10.09 -5.50
C ASP A 48 -6.64 -9.85 -5.47
N SER A 49 -7.03 -8.62 -5.13
CA SER A 49 -8.42 -8.23 -5.14
C SER A 49 -8.82 -7.76 -6.52
N PRO A 50 -10.05 -8.04 -6.97
CA PRO A 50 -10.52 -7.71 -8.33
C PRO A 50 -10.33 -6.23 -8.68
N HIS A 51 -10.43 -5.37 -7.68
CA HIS A 51 -10.27 -3.93 -7.90
C HIS A 51 -8.83 -3.59 -8.33
N LYS A 52 -7.86 -4.34 -7.79
CA LYS A 52 -6.43 -4.14 -8.12
C LYS A 52 -6.03 -2.67 -8.05
N HIS A 53 -6.30 -2.02 -6.92
CA HIS A 53 -6.07 -0.59 -6.83
C HIS A 53 -4.60 -0.29 -6.61
N ALA A 54 -3.87 -1.24 -6.04
CA ALA A 54 -2.44 -1.06 -5.81
C ALA A 54 -1.69 -1.01 -7.15
N THR A 55 -2.02 -1.92 -8.04
CA THR A 55 -1.40 -2.00 -9.35
C THR A 55 -1.82 -0.85 -10.25
N ARG A 56 -3.13 -0.62 -10.32
CA ARG A 56 -3.67 0.45 -11.15
C ARG A 56 -3.14 1.83 -10.72
N HIS A 57 -2.99 2.00 -9.41
CA HIS A 57 -2.46 3.25 -8.89
C HIS A 57 -1.00 3.43 -9.32
N PHE A 58 -0.25 2.35 -9.27
CA PHE A 58 1.15 2.37 -9.68
C PHE A 58 1.26 2.79 -11.15
N HIS A 59 0.41 2.23 -11.99
CA HIS A 59 0.45 2.53 -13.41
C HIS A 59 0.02 3.97 -13.68
N ALA A 60 -0.87 4.48 -12.84
CA ALA A 60 -1.40 5.83 -13.01
C ALA A 60 -0.41 6.89 -12.51
N THR A 61 -0.05 6.82 -11.24
CA THR A 61 0.80 7.84 -10.63
C THR A 61 2.29 7.59 -10.90
N GLY A 62 2.64 6.34 -11.18
CA GLY A 62 4.03 5.99 -11.31
C GLY A 62 4.70 5.87 -9.97
N HIS A 63 4.03 5.21 -9.03
CA HIS A 63 4.54 5.05 -7.68
C HIS A 63 4.79 3.57 -7.39
N PRO A 64 6.05 3.15 -7.50
CA PRO A 64 6.42 1.72 -7.52
C PRO A 64 6.43 1.04 -6.15
N ILE A 65 6.49 1.80 -5.07
CA ILE A 65 6.65 1.21 -3.74
C ILE A 65 5.37 1.25 -2.92
N ILE A 66 4.96 0.09 -2.46
CA ILE A 66 3.82 -0.05 -1.57
C ILE A 66 4.24 -0.76 -0.29
N GLU A 67 3.46 -0.60 0.77
CA GLU A 67 3.78 -1.16 2.07
C GLU A 67 2.56 -1.88 2.64
N GLY A 68 2.75 -2.64 3.71
CA GLY A 68 1.66 -3.40 4.29
C GLY A 68 0.81 -2.55 5.22
N TYR A 69 -0.34 -2.12 4.72
CA TYR A 69 -1.18 -1.20 5.46
C TYR A 69 -2.21 -1.94 6.32
N ASP A 70 -3.08 -2.68 5.65
CA ASP A 70 -4.14 -3.42 6.34
C ASP A 70 -3.56 -4.52 7.24
N PRO A 71 -2.68 -5.40 6.72
CA PRO A 71 -1.96 -6.35 7.55
C PRO A 71 -0.66 -5.75 8.07
N PRO A 72 -0.61 -5.43 9.37
CA PRO A 72 0.57 -4.79 9.97
C PRO A 72 1.76 -5.73 10.05
N GLU A 73 2.51 -5.80 8.95
CA GLU A 73 3.68 -6.66 8.87
C GLU A 73 4.94 -5.83 8.71
N GLY A 74 4.85 -4.75 7.94
CA GLY A 74 5.97 -3.86 7.77
C GLY A 74 6.94 -4.35 6.73
N TRP A 75 6.58 -4.19 5.47
CA TRP A 75 7.45 -4.58 4.36
C TRP A 75 7.07 -3.82 3.10
N GLY A 76 8.07 -3.52 2.29
CA GLY A 76 7.84 -2.72 1.10
C GLY A 76 8.08 -3.49 -0.17
N TRP A 77 7.16 -3.36 -1.10
CA TRP A 77 7.26 -4.00 -2.40
C TRP A 77 7.42 -2.94 -3.48
N CYS A 78 8.43 -3.12 -4.33
CA CYS A 78 8.68 -2.16 -5.40
C CYS A 78 8.36 -2.82 -6.74
N TYR A 79 7.26 -2.41 -7.36
CA TYR A 79 6.74 -3.05 -8.57
C TYR A 79 7.79 -3.18 -9.68
N VAL A 80 8.41 -2.07 -10.07
CA VAL A 80 9.38 -2.08 -11.18
C VAL A 80 10.59 -2.96 -10.86
N ASP A 81 10.88 -3.13 -9.58
CA ASP A 81 12.04 -3.91 -9.15
C ASP A 81 11.67 -5.36 -8.90
N GLU A 82 10.46 -5.55 -8.36
CA GLU A 82 9.96 -6.88 -7.99
C GLU A 82 10.77 -7.44 -6.83
N VAL A 83 11.35 -6.54 -6.06
CA VAL A 83 12.07 -6.91 -4.86
C VAL A 83 11.23 -6.60 -3.62
N MET A 84 11.43 -7.37 -2.58
CA MET A 84 10.71 -7.17 -1.34
C MET A 84 11.69 -6.92 -0.20
N PHE A 85 11.51 -5.81 0.50
CA PHE A 85 12.39 -5.45 1.59
C PHE A 85 11.60 -5.13 2.84
N ASP A 86 12.18 -5.42 3.99
CA ASP A 86 11.50 -5.22 5.27
C ASP A 86 11.44 -3.75 5.62
N LEU A 87 10.25 -3.30 6.02
CA LEU A 87 10.03 -1.92 6.39
C LEU A 87 9.39 -1.84 7.77
N SER A 88 9.57 -2.89 8.57
CA SER A 88 8.95 -2.96 9.89
C SER A 88 9.42 -1.80 10.77
N ASP A 89 10.61 -1.29 10.48
CA ASP A 89 11.21 -0.19 11.23
C ASP A 89 10.65 1.15 10.77
N ARG A 90 10.11 1.19 9.58
CA ARG A 90 9.58 2.44 9.02
C ARG A 90 8.11 2.26 8.61
N MET A 91 7.47 1.22 9.13
CA MET A 91 6.13 0.84 8.67
C MET A 91 5.08 1.88 9.07
N THR A 92 4.03 1.94 8.28
CA THR A 92 2.94 2.88 8.52
C THR A 92 1.70 2.15 9.02
N PRO A 93 1.40 2.25 10.33
CA PRO A 93 0.22 1.63 10.93
C PRO A 93 -1.08 2.25 10.42
N HIS A 94 -2.14 1.43 10.38
CA HIS A 94 -3.44 1.91 9.92
C HIS A 94 -3.95 3.04 10.80
N ASN A 95 -4.43 4.10 10.16
CA ASN A 95 -4.84 5.32 10.85
C ASN A 95 -6.12 5.11 11.66
N GLY A 96 -7.04 4.32 11.13
CA GLY A 96 -8.30 4.12 11.81
C GLY A 96 -8.85 2.72 11.63
N PRO A 97 -10.15 2.55 11.86
CA PRO A 97 -10.81 1.24 11.79
C PRO A 97 -10.87 0.69 10.38
N ILE A 98 -10.13 -0.39 10.14
CA ILE A 98 -10.20 -1.09 8.87
C ILE A 98 -10.90 -2.42 9.06
N PRO A 99 -12.11 -2.56 8.51
CA PRO A 99 -12.88 -3.80 8.60
C PRO A 99 -12.19 -4.95 7.88
N ARG A 100 -11.69 -5.90 8.65
CA ARG A 100 -11.02 -7.06 8.08
C ARG A 100 -12.07 -8.01 7.51
N TYR A 101 -12.13 -8.11 6.20
CA TYR A 101 -13.10 -8.97 5.54
C TYR A 101 -12.61 -10.41 5.54
N VAL A 102 -11.29 -10.58 5.43
CA VAL A 102 -10.69 -11.90 5.46
C VAL A 102 -9.67 -12.01 6.60
ZN ZN B . 12.63 0.29 -6.99
ZN ZN C . 0.98 6.90 -4.81
N MET A 1 12.42 -10.58 3.63
CA MET A 1 12.80 -9.17 3.35
C MET A 1 14.28 -9.05 3.03
N THR A 2 14.62 -8.04 2.26
CA THR A 2 16.00 -7.76 1.89
C THR A 2 16.32 -6.30 2.24
N MET A 3 17.45 -5.79 1.76
CA MET A 3 17.83 -4.40 2.01
C MET A 3 16.87 -3.46 1.29
N GLY A 4 16.57 -3.77 0.04
CA GLY A 4 15.63 -2.99 -0.72
C GLY A 4 16.21 -2.50 -2.03
N CYS A 5 16.33 -1.19 -2.16
CA CYS A 5 16.86 -0.58 -3.37
C CYS A 5 16.99 0.92 -3.18
N ARG A 6 17.50 1.64 -4.18
CA ARG A 6 17.72 3.08 -4.06
C ARG A 6 16.41 3.84 -3.90
N HIS A 7 15.32 3.22 -4.35
CA HIS A 7 13.99 3.83 -4.26
C HIS A 7 13.60 4.09 -2.81
N VAL A 8 14.17 3.31 -1.88
CA VAL A 8 13.88 3.49 -0.46
C VAL A 8 14.40 4.84 0.02
N ALA A 9 15.44 5.32 -0.63
CA ALA A 9 16.07 6.57 -0.23
C ALA A 9 15.24 7.77 -0.66
N GLY A 10 14.13 7.52 -1.35
CA GLY A 10 13.28 8.60 -1.80
C GLY A 10 11.88 8.52 -1.21
N ILE A 11 11.65 7.54 -0.35
CA ILE A 11 10.34 7.37 0.28
C ILE A 11 10.35 7.92 1.70
N ARG A 12 9.19 8.33 2.18
CA ARG A 12 9.07 8.88 3.52
C ARG A 12 7.88 8.25 4.25
N THR A 13 7.80 8.47 5.56
CA THR A 13 6.64 8.06 6.32
C THR A 13 5.43 8.90 5.92
N VAL A 14 4.38 8.25 5.45
CA VAL A 14 3.23 8.95 4.92
C VAL A 14 2.03 8.87 5.85
N THR A 15 0.94 9.49 5.44
CA THR A 15 -0.30 9.46 6.17
C THR A 15 -1.42 8.99 5.24
N PRO A 16 -2.16 7.94 5.64
CA PRO A 16 -3.26 7.40 4.83
C PRO A 16 -4.39 8.40 4.62
N SER A 17 -4.80 8.58 3.38
CA SER A 17 -5.87 9.51 3.03
C SER A 17 -7.24 8.92 3.40
N ALA A 18 -7.26 7.63 3.71
CA ALA A 18 -8.50 6.94 4.02
C ALA A 18 -8.29 5.95 5.15
N LEU A 19 -9.31 5.16 5.43
CA LEU A 19 -9.20 4.09 6.41
C LEU A 19 -8.89 2.79 5.70
N GLY A 20 -9.60 2.57 4.60
CA GLY A 20 -9.37 1.40 3.77
C GLY A 20 -9.33 1.75 2.30
N CYS A 21 -10.17 1.10 1.50
CA CYS A 21 -10.22 1.38 0.07
C CYS A 21 -11.05 2.62 -0.21
N GLU A 22 -10.35 3.74 -0.41
CA GLU A 22 -10.97 5.03 -0.66
C GLU A 22 -12.03 4.96 -1.77
N GLU A 23 -11.62 4.55 -2.97
CA GLU A 23 -12.54 4.46 -4.10
C GLU A 23 -13.60 3.41 -3.87
N CYS A 24 -13.18 2.20 -3.50
CA CYS A 24 -14.07 1.05 -3.38
C CYS A 24 -15.30 1.34 -2.52
N LEU A 25 -15.17 2.24 -1.54
CA LEU A 25 -16.27 2.61 -0.65
C LEU A 25 -17.49 3.07 -1.44
N LYS A 26 -17.27 3.69 -2.60
CA LYS A 26 -18.35 4.24 -3.42
C LYS A 26 -19.32 3.15 -3.89
N ILE A 27 -18.81 1.93 -4.06
CA ILE A 27 -19.63 0.82 -4.54
C ILE A 27 -19.60 -0.35 -3.57
N GLY A 28 -18.94 -0.17 -2.43
CA GLY A 28 -18.81 -1.24 -1.46
C GLY A 28 -17.99 -2.40 -1.99
N SER A 29 -16.92 -2.07 -2.70
CA SER A 29 -16.06 -3.08 -3.31
C SER A 29 -15.09 -3.65 -2.27
N PRO A 30 -15.11 -4.98 -2.08
CA PRO A 30 -14.27 -5.66 -1.09
C PRO A 30 -12.81 -5.77 -1.54
N TRP A 31 -11.96 -6.23 -0.63
CA TRP A 31 -10.54 -6.38 -0.90
C TRP A 31 -9.94 -7.49 -0.05
N VAL A 32 -8.80 -8.01 -0.49
CA VAL A 32 -8.06 -9.00 0.30
C VAL A 32 -7.27 -8.30 1.40
N HIS A 33 -6.36 -7.43 0.99
CA HIS A 33 -5.57 -6.63 1.92
C HIS A 33 -5.32 -5.25 1.32
N LEU A 34 -4.55 -4.43 2.02
CA LEU A 34 -4.29 -3.06 1.61
C LEU A 34 -2.81 -2.74 1.65
N ARG A 35 -2.37 -1.95 0.67
CA ARG A 35 -1.01 -1.45 0.64
C ARG A 35 -0.99 0.02 0.26
N ILE A 36 -0.04 0.76 0.80
CA ILE A 36 0.01 2.20 0.63
C ILE A 36 1.40 2.64 0.18
N CYS A 37 1.46 3.61 -0.74
CA CYS A 37 2.75 4.12 -1.19
C CYS A 37 3.44 4.87 -0.05
N ARG A 38 4.75 4.73 0.03
CA ARG A 38 5.54 5.55 0.94
C ARG A 38 5.82 6.90 0.27
N THR A 39 4.81 7.42 -0.43
CA THR A 39 4.98 8.61 -1.26
C THR A 39 3.75 9.51 -1.19
N CYS A 40 2.63 9.04 -1.72
CA CYS A 40 1.45 9.88 -1.87
C CYS A 40 0.44 9.66 -0.74
N GLY A 41 0.70 8.68 0.12
CA GLY A 41 -0.18 8.42 1.25
C GLY A 41 -1.53 7.85 0.86
N HIS A 42 -1.67 7.41 -0.38
CA HIS A 42 -2.93 6.85 -0.85
C HIS A 42 -2.97 5.34 -0.64
N VAL A 43 -4.03 4.88 0.00
CA VAL A 43 -4.21 3.47 0.28
C VAL A 43 -4.84 2.76 -0.91
N GLY A 44 -4.24 1.64 -1.33
CA GLY A 44 -4.78 0.87 -2.43
C GLY A 44 -4.98 -0.58 -2.05
N CYS A 45 -5.97 -1.22 -2.65
CA CYS A 45 -6.25 -2.62 -2.37
C CYS A 45 -5.29 -3.52 -3.13
N CYS A 46 -5.05 -4.70 -2.58
CA CYS A 46 -4.21 -5.69 -3.24
C CYS A 46 -4.77 -6.06 -4.61
N ASP A 47 -3.86 -6.35 -5.54
CA ASP A 47 -4.23 -6.71 -6.90
C ASP A 47 -4.68 -8.16 -6.97
N ASP A 48 -4.64 -8.83 -5.82
CA ASP A 48 -5.22 -10.14 -5.67
C ASP A 48 -6.73 -10.04 -5.83
N SER A 49 -7.26 -8.87 -5.50
CA SER A 49 -8.66 -8.57 -5.69
C SER A 49 -8.89 -8.06 -7.11
N PRO A 50 -10.02 -8.44 -7.72
CA PRO A 50 -10.35 -8.09 -9.12
C PRO A 50 -10.16 -6.60 -9.44
N HIS A 51 -10.41 -5.75 -8.46
CA HIS A 51 -10.30 -4.30 -8.65
C HIS A 51 -8.88 -3.90 -9.06
N LYS A 52 -7.89 -4.54 -8.42
CA LYS A 52 -6.47 -4.25 -8.62
C LYS A 52 -6.18 -2.75 -8.63
N HIS A 53 -6.22 -2.13 -7.47
CA HIS A 53 -5.96 -0.70 -7.39
C HIS A 53 -4.46 -0.39 -7.43
N ALA A 54 -3.67 -1.23 -6.80
CA ALA A 54 -2.25 -0.93 -6.64
C ALA A 54 -1.50 -0.89 -7.97
N THR A 55 -1.73 -1.87 -8.83
CA THR A 55 -1.05 -1.92 -10.13
C THR A 55 -1.52 -0.78 -11.04
N ARG A 56 -2.83 -0.56 -11.09
CA ARG A 56 -3.39 0.50 -11.94
C ARG A 56 -2.97 1.87 -11.43
N HIS A 57 -2.91 2.02 -10.11
CA HIS A 57 -2.44 3.26 -9.51
C HIS A 57 -0.96 3.45 -9.80
N PHE A 58 -0.20 2.36 -9.75
CA PHE A 58 1.22 2.40 -10.09
C PHE A 58 1.40 2.80 -11.56
N HIS A 59 0.55 2.26 -12.42
CA HIS A 59 0.61 2.57 -13.85
C HIS A 59 0.31 4.05 -14.11
N ALA A 60 -0.54 4.63 -13.28
CA ALA A 60 -0.97 6.01 -13.47
C ALA A 60 -0.01 7.01 -12.83
N THR A 61 0.42 6.73 -11.61
CA THR A 61 1.22 7.69 -10.85
C THR A 61 2.71 7.40 -10.90
N GLY A 62 3.06 6.12 -11.08
CA GLY A 62 4.47 5.74 -11.09
C GLY A 62 5.02 5.60 -9.67
N HIS A 63 4.25 4.97 -8.80
CA HIS A 63 4.68 4.75 -7.42
C HIS A 63 4.93 3.26 -7.20
N PRO A 64 6.19 2.84 -7.32
CA PRO A 64 6.56 1.42 -7.31
C PRO A 64 6.61 0.80 -5.91
N ILE A 65 6.70 1.63 -4.88
CA ILE A 65 6.85 1.12 -3.52
C ILE A 65 5.53 1.19 -2.75
N ILE A 66 5.09 0.02 -2.31
CA ILE A 66 3.88 -0.11 -1.51
C ILE A 66 4.21 -0.77 -0.18
N GLU A 67 3.72 -0.18 0.90
CA GLU A 67 3.97 -0.69 2.23
C GLU A 67 2.77 -1.45 2.74
N GLY A 68 3.02 -2.49 3.55
CA GLY A 68 1.96 -3.26 4.16
C GLY A 68 1.15 -2.43 5.14
N TYR A 69 -0.01 -1.98 4.70
CA TYR A 69 -0.84 -1.07 5.48
C TYR A 69 -1.83 -1.86 6.35
N ASP A 70 -2.65 -2.67 5.69
CA ASP A 70 -3.66 -3.47 6.40
C ASP A 70 -3.01 -4.64 7.17
N PRO A 71 -2.12 -5.44 6.53
CA PRO A 71 -1.38 -6.48 7.25
C PRO A 71 -0.33 -5.87 8.18
N PRO A 72 -0.51 -6.02 9.50
CA PRO A 72 0.37 -5.43 10.50
C PRO A 72 1.70 -6.17 10.60
N GLU A 73 2.57 -5.92 9.63
CA GLU A 73 3.89 -6.54 9.61
C GLU A 73 4.97 -5.47 9.53
N GLY A 74 4.96 -4.71 8.44
CA GLY A 74 5.94 -3.65 8.27
C GLY A 74 6.95 -3.97 7.20
N TRP A 75 6.55 -3.85 5.95
CA TRP A 75 7.42 -4.17 4.83
C TRP A 75 7.07 -3.29 3.64
N GLY A 76 8.03 -3.11 2.75
CA GLY A 76 7.80 -2.35 1.55
C GLY A 76 8.10 -3.15 0.30
N TRP A 77 7.12 -3.25 -0.59
CA TRP A 77 7.28 -3.96 -1.84
C TRP A 77 7.55 -2.96 -2.96
N CYS A 78 8.48 -3.28 -3.82
CA CYS A 78 8.81 -2.40 -4.94
C CYS A 78 8.55 -3.11 -6.25
N TYR A 79 7.48 -2.72 -6.93
CA TYR A 79 7.02 -3.40 -8.16
C TYR A 79 8.16 -3.59 -9.18
N VAL A 80 8.85 -2.51 -9.51
CA VAL A 80 9.89 -2.56 -10.53
C VAL A 80 11.09 -3.44 -10.11
N ASP A 81 11.21 -3.69 -8.81
CA ASP A 81 12.32 -4.51 -8.30
C ASP A 81 11.84 -5.91 -7.98
N GLU A 82 10.58 -6.02 -7.57
CA GLU A 82 9.97 -7.28 -7.14
C GLU A 82 10.66 -7.79 -5.87
N VAL A 83 11.19 -6.87 -5.09
CA VAL A 83 11.82 -7.19 -3.82
C VAL A 83 11.04 -6.55 -2.68
N MET A 84 11.15 -7.15 -1.50
CA MET A 84 10.48 -6.66 -0.32
C MET A 84 11.51 -6.32 0.75
N PHE A 85 11.50 -5.09 1.22
CA PHE A 85 12.43 -4.68 2.27
C PHE A 85 11.68 -4.39 3.56
N ASP A 86 12.41 -4.36 4.67
CA ASP A 86 11.81 -4.19 5.98
C ASP A 86 11.52 -2.73 6.28
N LEU A 87 10.32 -2.48 6.77
CA LEU A 87 9.92 -1.15 7.20
C LEU A 87 9.19 -1.25 8.53
N SER A 88 9.45 -2.33 9.26
CA SER A 88 8.73 -2.64 10.48
C SER A 88 8.86 -1.51 11.52
N ASP A 89 10.00 -0.84 11.52
CA ASP A 89 10.27 0.20 12.51
C ASP A 89 9.90 1.58 12.00
N ARG A 90 9.38 1.65 10.77
CA ARG A 90 9.02 2.93 10.17
C ARG A 90 7.65 2.85 9.51
N MET A 91 6.95 1.74 9.72
CA MET A 91 5.75 1.43 8.93
C MET A 91 4.61 2.40 9.22
N THR A 92 3.74 2.55 8.23
CA THR A 92 2.53 3.34 8.38
C THR A 92 1.38 2.44 8.83
N PRO A 93 1.02 2.51 10.12
CA PRO A 93 -0.05 1.67 10.68
C PRO A 93 -1.43 2.11 10.19
N HIS A 94 -2.39 1.19 10.25
CA HIS A 94 -3.76 1.46 9.84
C HIS A 94 -4.30 2.74 10.47
N ASN A 95 -4.81 3.63 9.61
CA ASN A 95 -5.31 4.94 10.03
C ASN A 95 -6.51 4.78 10.97
N GLY A 96 -7.33 3.77 10.71
CA GLY A 96 -8.47 3.51 11.55
C GLY A 96 -8.90 2.06 11.48
N PRO A 97 -10.17 1.77 11.74
CA PRO A 97 -10.72 0.41 11.63
C PRO A 97 -10.85 -0.02 10.17
N ILE A 98 -10.46 -1.25 9.89
CA ILE A 98 -10.48 -1.76 8.53
C ILE A 98 -11.23 -3.08 8.46
N PRO A 99 -12.25 -3.17 7.60
CA PRO A 99 -12.99 -4.40 7.36
C PRO A 99 -12.11 -5.47 6.73
N ARG A 100 -11.75 -6.48 7.51
CA ARG A 100 -10.93 -7.57 7.02
C ARG A 100 -11.83 -8.64 6.40
N TYR A 101 -11.73 -8.81 5.09
CA TYR A 101 -12.59 -9.76 4.38
C TYR A 101 -12.00 -11.16 4.41
N VAL A 102 -10.74 -11.28 3.99
CA VAL A 102 -10.09 -12.58 3.91
C VAL A 102 -8.69 -12.53 4.52
ZN ZN B . 12.96 -0.21 -6.35
ZN ZN C . 0.75 6.48 -4.92
N MET A 1 12.47 -10.76 3.29
CA MET A 1 12.80 -9.37 2.88
C MET A 1 14.25 -9.27 2.45
N THR A 2 14.59 -8.17 1.78
CA THR A 2 15.94 -7.95 1.31
C THR A 2 16.37 -6.51 1.56
N MET A 3 17.56 -6.15 1.11
CA MET A 3 18.11 -4.80 1.27
C MET A 3 17.34 -3.80 0.43
N GLY A 4 17.24 -2.56 0.92
CA GLY A 4 16.54 -1.52 0.20
C GLY A 4 17.28 -1.09 -1.06
N CYS A 5 16.53 -0.51 -1.99
CA CYS A 5 17.10 -0.04 -3.25
C CYS A 5 17.20 1.48 -3.26
N ARG A 6 17.77 2.05 -4.32
CA ARG A 6 17.92 3.50 -4.44
C ARG A 6 16.58 4.22 -4.32
N HIS A 7 15.50 3.55 -4.70
CA HIS A 7 14.17 4.14 -4.66
C HIS A 7 13.72 4.41 -3.22
N VAL A 8 14.26 3.65 -2.27
CA VAL A 8 13.90 3.79 -0.87
C VAL A 8 14.36 5.14 -0.34
N ALA A 9 15.44 5.64 -0.92
CA ALA A 9 16.00 6.90 -0.48
C ALA A 9 15.09 8.06 -0.87
N GLY A 10 14.14 7.78 -1.77
CA GLY A 10 13.24 8.81 -2.24
C GLY A 10 11.86 8.74 -1.60
N ILE A 11 11.59 7.66 -0.87
CA ILE A 11 10.29 7.49 -0.24
C ILE A 11 10.26 8.13 1.14
N ARG A 12 9.07 8.51 1.58
CA ARG A 12 8.91 9.23 2.83
C ARG A 12 7.85 8.57 3.70
N THR A 13 7.70 9.06 4.92
CA THR A 13 6.65 8.60 5.81
C THR A 13 5.37 9.38 5.52
N VAL A 14 4.39 8.71 4.93
CA VAL A 14 3.21 9.38 4.43
C VAL A 14 2.04 9.27 5.39
N THR A 15 1.03 10.09 5.12
CA THR A 15 -0.20 10.05 5.87
C THR A 15 -1.31 9.45 5.00
N PRO A 16 -1.93 8.36 5.46
CA PRO A 16 -2.96 7.65 4.69
C PRO A 16 -4.16 8.53 4.37
N SER A 17 -4.46 8.64 3.08
CA SER A 17 -5.60 9.43 2.61
C SER A 17 -6.91 8.81 3.13
N ALA A 18 -6.93 7.50 3.25
CA ALA A 18 -8.11 6.79 3.72
C ALA A 18 -7.72 5.65 4.65
N LEU A 19 -8.71 5.10 5.35
CA LEU A 19 -8.47 3.93 6.19
C LEU A 19 -8.20 2.71 5.32
N GLY A 20 -9.01 2.56 4.29
CA GLY A 20 -8.84 1.46 3.37
C GLY A 20 -8.87 1.94 1.93
N CYS A 21 -9.28 1.08 1.02
CA CYS A 21 -9.39 1.46 -0.38
C CYS A 21 -10.68 2.24 -0.60
N GLU A 22 -10.57 3.57 -0.61
CA GLU A 22 -11.73 4.43 -0.70
C GLU A 22 -12.49 4.23 -2.01
N GLU A 23 -11.76 3.86 -3.05
CA GLU A 23 -12.37 3.60 -4.35
C GLU A 23 -13.34 2.43 -4.24
N CYS A 24 -12.95 1.41 -3.50
CA CYS A 24 -13.80 0.25 -3.28
C CYS A 24 -15.00 0.64 -2.42
N LEU A 25 -14.80 1.61 -1.54
CA LEU A 25 -15.86 2.06 -0.64
C LEU A 25 -17.00 2.76 -1.39
N LYS A 26 -16.72 3.23 -2.60
CA LYS A 26 -17.72 3.97 -3.37
C LYS A 26 -18.77 3.02 -3.96
N ILE A 27 -18.44 1.74 -3.99
CA ILE A 27 -19.34 0.73 -4.55
C ILE A 27 -19.57 -0.42 -3.57
N GLY A 28 -18.92 -0.35 -2.41
CA GLY A 28 -19.03 -1.42 -1.43
C GLY A 28 -18.30 -2.67 -1.87
N SER A 29 -17.07 -2.49 -2.33
CA SER A 29 -16.26 -3.60 -2.81
C SER A 29 -15.33 -4.10 -1.69
N PRO A 30 -15.57 -5.32 -1.20
CA PRO A 30 -14.74 -5.94 -0.16
C PRO A 30 -13.32 -6.23 -0.65
N TRP A 31 -12.35 -5.56 -0.04
CA TRP A 31 -10.96 -5.77 -0.41
C TRP A 31 -10.36 -6.94 0.37
N VAL A 32 -9.32 -7.54 -0.19
CA VAL A 32 -8.63 -8.63 0.47
C VAL A 32 -7.48 -8.08 1.31
N HIS A 33 -6.62 -7.30 0.68
CA HIS A 33 -5.49 -6.68 1.37
C HIS A 33 -5.33 -5.24 0.90
N LEU A 34 -4.51 -4.47 1.61
CA LEU A 34 -4.32 -3.06 1.32
C LEU A 34 -2.84 -2.71 1.18
N ARG A 35 -2.52 -1.94 0.15
CA ARG A 35 -1.16 -1.49 -0.06
C ARG A 35 -1.13 0.02 -0.31
N ILE A 36 -0.22 0.71 0.35
CA ILE A 36 -0.14 2.16 0.25
C ILE A 36 1.27 2.59 -0.17
N CYS A 37 1.37 3.56 -1.07
CA CYS A 37 2.68 4.07 -1.48
C CYS A 37 3.34 4.80 -0.33
N ARG A 38 4.66 4.72 -0.27
CA ARG A 38 5.42 5.54 0.66
C ARG A 38 5.73 6.90 0.02
N THR A 39 4.77 7.40 -0.75
CA THR A 39 4.97 8.62 -1.52
C THR A 39 3.71 9.50 -1.49
N CYS A 40 2.64 9.04 -2.11
CA CYS A 40 1.43 9.85 -2.25
C CYS A 40 0.46 9.62 -1.09
N GLY A 41 0.62 8.52 -0.38
CA GLY A 41 -0.24 8.24 0.77
C GLY A 41 -1.62 7.71 0.38
N HIS A 42 -1.78 7.32 -0.88
CA HIS A 42 -3.04 6.78 -1.35
C HIS A 42 -3.09 5.28 -1.10
N VAL A 43 -4.16 4.84 -0.45
CA VAL A 43 -4.32 3.42 -0.14
C VAL A 43 -5.06 2.70 -1.27
N GLY A 44 -4.51 1.58 -1.70
CA GLY A 44 -5.14 0.80 -2.75
C GLY A 44 -5.30 -0.65 -2.35
N CYS A 45 -6.34 -1.29 -2.83
CA CYS A 45 -6.56 -2.70 -2.53
C CYS A 45 -5.57 -3.56 -3.29
N CYS A 46 -5.07 -4.59 -2.62
CA CYS A 46 -4.06 -5.48 -3.16
C CYS A 46 -4.55 -6.17 -4.44
N ASP A 47 -3.62 -6.74 -5.19
CA ASP A 47 -3.92 -7.34 -6.49
C ASP A 47 -4.68 -8.66 -6.32
N ASP A 48 -4.87 -9.08 -5.07
CA ASP A 48 -5.69 -10.25 -4.76
C ASP A 48 -7.11 -10.00 -5.24
N SER A 49 -7.64 -8.83 -4.91
CA SER A 49 -8.97 -8.44 -5.31
C SER A 49 -8.97 -7.98 -6.77
N PRO A 50 -10.01 -8.33 -7.55
CA PRO A 50 -10.08 -8.02 -8.99
C PRO A 50 -10.03 -6.52 -9.28
N HIS A 51 -10.32 -5.71 -8.28
CA HIS A 51 -10.29 -4.26 -8.42
C HIS A 51 -8.85 -3.79 -8.65
N LYS A 52 -7.90 -4.49 -8.00
CA LYS A 52 -6.47 -4.22 -8.14
C LYS A 52 -6.13 -2.74 -8.15
N HIS A 53 -6.61 -2.02 -7.15
CA HIS A 53 -6.43 -0.58 -7.08
C HIS A 53 -4.99 -0.23 -6.73
N ALA A 54 -4.25 -1.20 -6.20
CA ALA A 54 -2.84 -1.01 -5.90
C ALA A 54 -1.97 -1.06 -7.16
N THR A 55 -2.22 -2.05 -8.01
CA THR A 55 -1.41 -2.27 -9.19
C THR A 55 -1.75 -1.29 -10.30
N ARG A 56 -3.04 -1.13 -10.58
CA ARG A 56 -3.50 -0.20 -11.60
C ARG A 56 -3.07 1.22 -11.26
N HIS A 57 -3.05 1.52 -9.97
CA HIS A 57 -2.60 2.81 -9.48
C HIS A 57 -1.13 3.05 -9.86
N PHE A 58 -0.29 2.04 -9.68
CA PHE A 58 1.11 2.14 -10.06
C PHE A 58 1.25 2.39 -11.55
N HIS A 59 0.47 1.65 -12.33
CA HIS A 59 0.49 1.76 -13.78
C HIS A 59 0.13 3.17 -14.24
N ALA A 60 -0.67 3.87 -13.43
CA ALA A 60 -1.06 5.24 -13.76
C ALA A 60 -0.07 6.26 -13.19
N THR A 61 0.16 6.19 -11.89
CA THR A 61 0.94 7.21 -11.19
C THR A 61 2.45 7.02 -11.38
N GLY A 62 2.89 5.78 -11.34
CA GLY A 62 4.32 5.51 -11.40
C GLY A 62 4.95 5.47 -10.02
N HIS A 63 4.23 4.91 -9.05
CA HIS A 63 4.74 4.78 -7.70
C HIS A 63 5.08 3.32 -7.40
N PRO A 64 6.36 2.94 -7.59
CA PRO A 64 6.78 1.54 -7.55
C PRO A 64 6.86 0.97 -6.13
N ILE A 65 6.96 1.82 -5.12
CA ILE A 65 7.11 1.34 -3.75
C ILE A 65 5.80 1.44 -2.97
N ILE A 66 5.33 0.30 -2.52
CA ILE A 66 4.11 0.22 -1.75
C ILE A 66 4.33 -0.60 -0.48
N GLU A 67 3.79 -0.12 0.62
CA GLU A 67 3.92 -0.80 1.89
C GLU A 67 2.62 -1.53 2.24
N GLY A 68 2.75 -2.70 2.86
CA GLY A 68 1.59 -3.44 3.29
C GLY A 68 0.87 -2.72 4.42
N TYR A 69 -0.31 -2.19 4.12
CA TYR A 69 -1.01 -1.33 5.06
C TYR A 69 -1.95 -2.14 5.96
N ASP A 70 -2.59 -3.15 5.40
CA ASP A 70 -3.54 -3.96 6.17
C ASP A 70 -2.83 -5.01 7.05
N PRO A 71 -1.68 -5.60 6.63
CA PRO A 71 -0.93 -6.51 7.49
C PRO A 71 0.13 -5.77 8.31
N PRO A 72 0.07 -5.88 9.64
CA PRO A 72 1.01 -5.23 10.55
C PRO A 72 2.40 -5.89 10.51
N GLU A 73 2.94 -6.04 9.31
CA GLU A 73 4.25 -6.65 9.11
C GLU A 73 5.31 -5.58 8.94
N GLY A 74 5.06 -4.64 8.03
CA GLY A 74 5.98 -3.55 7.80
C GLY A 74 7.02 -3.88 6.76
N TRP A 75 6.67 -3.70 5.50
CA TRP A 75 7.59 -3.98 4.39
C TRP A 75 7.23 -3.14 3.18
N GLY A 76 8.21 -2.88 2.34
CA GLY A 76 8.00 -2.11 1.15
C GLY A 76 8.26 -2.91 -0.10
N TRP A 77 7.24 -3.03 -0.95
CA TRP A 77 7.37 -3.75 -2.20
C TRP A 77 7.70 -2.77 -3.31
N CYS A 78 8.70 -3.09 -4.10
CA CYS A 78 9.09 -2.24 -5.20
C CYS A 78 8.78 -2.93 -6.51
N TYR A 79 7.68 -2.51 -7.16
CA TYR A 79 7.17 -3.15 -8.38
C TYR A 79 8.27 -3.49 -9.39
N VAL A 80 8.91 -2.45 -9.94
CA VAL A 80 9.88 -2.64 -11.01
C VAL A 80 11.12 -3.40 -10.56
N ASP A 81 11.39 -3.39 -9.27
CA ASP A 81 12.56 -4.10 -8.73
C ASP A 81 12.20 -5.54 -8.45
N GLU A 82 10.93 -5.75 -8.07
CA GLU A 82 10.42 -7.07 -7.72
C GLU A 82 11.06 -7.56 -6.43
N VAL A 83 11.48 -6.62 -5.61
CA VAL A 83 12.07 -6.93 -4.31
C VAL A 83 11.23 -6.37 -3.18
N MET A 84 11.32 -7.00 -2.02
CA MET A 84 10.60 -6.55 -0.84
C MET A 84 11.58 -6.26 0.28
N PHE A 85 11.70 -4.99 0.65
CA PHE A 85 12.59 -4.60 1.74
C PHE A 85 11.79 -4.29 2.99
N ASP A 86 12.43 -4.37 4.15
CA ASP A 86 11.74 -4.20 5.41
C ASP A 86 11.55 -2.71 5.74
N LEU A 87 10.36 -2.37 6.20
CA LEU A 87 10.06 -1.00 6.61
C LEU A 87 9.33 -1.01 7.95
N SER A 88 9.41 -2.12 8.66
CA SER A 88 8.64 -2.31 9.89
C SER A 88 8.98 -1.26 10.95
N ASP A 89 10.21 -0.79 10.93
CA ASP A 89 10.68 0.19 11.91
C ASP A 89 10.28 1.61 11.52
N ARG A 90 9.70 1.76 10.33
CA ARG A 90 9.33 3.07 9.83
C ARG A 90 7.96 3.00 9.16
N MET A 91 7.17 2.01 9.54
CA MET A 91 5.92 1.70 8.84
C MET A 91 4.91 2.84 8.93
N THR A 92 4.03 2.91 7.94
CA THR A 92 2.97 3.90 7.90
C THR A 92 1.93 3.62 8.99
N PRO A 93 1.67 4.61 9.87
CA PRO A 93 0.69 4.46 10.95
C PRO A 93 -0.73 4.30 10.44
N HIS A 94 -1.49 3.46 11.12
CA HIS A 94 -2.89 3.22 10.76
C HIS A 94 -3.73 4.46 11.08
N ASN A 95 -4.43 4.96 10.08
CA ASN A 95 -5.23 6.17 10.21
C ASN A 95 -6.48 5.90 11.04
N GLY A 96 -6.96 4.66 10.99
CA GLY A 96 -8.14 4.30 11.74
C GLY A 96 -8.37 2.80 11.75
N PRO A 97 -9.48 2.33 12.34
CA PRO A 97 -9.83 0.91 12.35
C PRO A 97 -10.29 0.44 10.98
N ILE A 98 -9.50 -0.44 10.37
CA ILE A 98 -9.77 -0.91 9.02
C ILE A 98 -10.65 -2.15 9.04
N PRO A 99 -11.78 -2.12 8.31
CA PRO A 99 -12.64 -3.28 8.14
C PRO A 99 -11.95 -4.41 7.38
N ARG A 100 -11.85 -5.56 8.01
CA ARG A 100 -11.17 -6.69 7.39
C ARG A 100 -12.21 -7.68 6.86
N TYR A 101 -12.31 -7.77 5.55
CA TYR A 101 -13.31 -8.63 4.94
C TYR A 101 -12.82 -10.08 4.88
N VAL A 102 -11.53 -10.26 5.13
CA VAL A 102 -10.94 -11.59 5.17
C VAL A 102 -10.16 -11.80 6.46
ZN ZN B . 13.33 -0.03 -6.40
ZN ZN C . 0.73 6.37 -5.24
N MET A 1 11.41 -11.35 1.99
CA MET A 1 12.18 -10.10 1.98
C MET A 1 13.58 -10.34 1.44
N THR A 2 14.07 -9.42 0.64
CA THR A 2 15.37 -9.58 0.02
C THR A 2 16.31 -8.43 0.39
N MET A 3 16.17 -7.30 -0.30
CA MET A 3 17.06 -6.18 -0.12
C MET A 3 16.29 -4.87 -0.18
N GLY A 4 16.96 -3.78 0.21
CA GLY A 4 16.38 -2.47 0.07
C GLY A 4 16.51 -1.95 -1.35
N CYS A 5 16.26 -0.68 -1.56
CA CYS A 5 16.35 -0.11 -2.89
C CYS A 5 16.44 1.41 -2.85
N ARG A 6 17.20 1.99 -3.77
CA ARG A 6 17.41 3.43 -3.86
C ARG A 6 16.10 4.22 -3.97
N HIS A 7 15.07 3.57 -4.52
CA HIS A 7 13.74 4.17 -4.60
C HIS A 7 13.23 4.58 -3.21
N VAL A 8 13.75 3.93 -2.17
CA VAL A 8 13.36 4.21 -0.79
C VAL A 8 13.65 5.68 -0.42
N ALA A 9 14.66 6.27 -1.05
CA ALA A 9 14.99 7.67 -0.80
C ALA A 9 13.94 8.61 -1.40
N GLY A 10 13.03 8.04 -2.18
CA GLY A 10 11.98 8.83 -2.78
C GLY A 10 10.67 8.75 -2.01
N ILE A 11 10.61 7.82 -1.06
CA ILE A 11 9.40 7.65 -0.25
C ILE A 11 9.55 8.31 1.11
N ARG A 12 8.46 8.78 1.66
CA ARG A 12 8.45 9.42 2.96
C ARG A 12 7.32 8.87 3.82
N THR A 13 7.20 9.38 5.04
CA THR A 13 6.07 9.04 5.89
C THR A 13 4.86 9.87 5.48
N VAL A 14 3.94 9.24 4.79
CA VAL A 14 2.82 9.94 4.18
C VAL A 14 1.56 9.86 5.02
N THR A 15 0.55 10.61 4.61
CA THR A 15 -0.75 10.60 5.26
C THR A 15 -1.73 9.78 4.43
N PRO A 16 -2.36 8.76 5.04
CA PRO A 16 -3.33 7.91 4.34
C PRO A 16 -4.54 8.68 3.83
N SER A 17 -4.67 8.73 2.51
CA SER A 17 -5.79 9.39 1.85
C SER A 17 -7.12 8.81 2.33
N ALA A 18 -7.15 7.49 2.50
CA ALA A 18 -8.35 6.80 2.94
C ALA A 18 -8.00 5.81 4.02
N LEU A 19 -9.02 5.29 4.70
CA LEU A 19 -8.82 4.30 5.74
C LEU A 19 -8.57 2.94 5.10
N GLY A 20 -9.30 2.68 4.03
CA GLY A 20 -9.11 1.48 3.26
C GLY A 20 -8.91 1.82 1.80
N CYS A 21 -9.31 0.92 0.91
CA CYS A 21 -9.22 1.19 -0.51
C CYS A 21 -10.40 2.04 -0.95
N GLU A 22 -10.14 3.31 -1.16
CA GLU A 22 -11.16 4.27 -1.58
C GLU A 22 -11.89 3.81 -2.84
N GLU A 23 -11.17 3.08 -3.70
CA GLU A 23 -11.76 2.50 -4.89
C GLU A 23 -12.95 1.61 -4.54
N CYS A 24 -12.70 0.60 -3.71
CA CYS A 24 -13.76 -0.31 -3.31
C CYS A 24 -14.77 0.39 -2.39
N LEU A 25 -14.29 1.34 -1.61
CA LEU A 25 -15.14 2.07 -0.67
C LEU A 25 -16.10 3.02 -1.36
N LYS A 26 -15.85 3.32 -2.64
CA LYS A 26 -16.72 4.25 -3.36
C LYS A 26 -18.02 3.56 -3.75
N ILE A 27 -18.02 2.24 -3.73
CA ILE A 27 -19.19 1.47 -4.08
C ILE A 27 -19.60 0.53 -2.95
N GLY A 28 -18.80 0.51 -1.89
CA GLY A 28 -19.10 -0.32 -0.74
C GLY A 28 -18.67 -1.76 -0.93
N SER A 29 -17.67 -1.99 -1.77
CA SER A 29 -17.18 -3.33 -2.02
C SER A 29 -16.04 -3.66 -1.05
N PRO A 30 -15.93 -4.94 -0.66
CA PRO A 30 -14.89 -5.39 0.26
C PRO A 30 -13.51 -5.46 -0.38
N TRP A 31 -12.50 -5.79 0.41
CA TRP A 31 -11.14 -5.90 -0.07
C TRP A 31 -10.42 -7.06 0.59
N VAL A 32 -9.29 -7.46 0.02
CA VAL A 32 -8.48 -8.51 0.59
C VAL A 32 -7.29 -7.92 1.33
N HIS A 33 -6.50 -7.11 0.62
CA HIS A 33 -5.35 -6.45 1.21
C HIS A 33 -5.28 -4.99 0.76
N LEU A 34 -4.60 -4.18 1.55
CA LEU A 34 -4.50 -2.74 1.30
C LEU A 34 -3.05 -2.31 1.18
N ARG A 35 -2.78 -1.43 0.24
CA ARG A 35 -1.44 -0.90 0.04
C ARG A 35 -1.46 0.61 0.07
N ILE A 36 -0.70 1.20 0.99
CA ILE A 36 -0.55 2.64 1.06
C ILE A 36 0.71 3.06 0.33
N CYS A 37 0.54 3.89 -0.67
CA CYS A 37 1.62 4.35 -1.50
C CYS A 37 2.49 5.35 -0.74
N ARG A 38 3.74 4.95 -0.47
CA ARG A 38 4.63 5.72 0.40
C ARG A 38 5.13 7.02 -0.24
N THR A 39 4.65 7.33 -1.42
CA THR A 39 5.09 8.55 -2.09
C THR A 39 4.06 9.66 -1.95
N CYS A 40 2.82 9.36 -2.34
CA CYS A 40 1.78 10.38 -2.38
C CYS A 40 0.74 10.16 -1.27
N GLY A 41 0.88 9.05 -0.55
CA GLY A 41 -0.02 8.78 0.56
C GLY A 41 -1.39 8.27 0.14
N HIS A 42 -1.50 7.81 -1.09
CA HIS A 42 -2.79 7.35 -1.58
C HIS A 42 -2.88 5.84 -1.40
N VAL A 43 -4.03 5.38 -0.96
CA VAL A 43 -4.21 3.97 -0.66
C VAL A 43 -4.68 3.25 -1.92
N GLY A 44 -4.70 1.93 -1.87
CA GLY A 44 -5.21 1.14 -2.97
C GLY A 44 -5.38 -0.30 -2.58
N CYS A 45 -6.34 -0.97 -3.19
CA CYS A 45 -6.55 -2.38 -2.92
C CYS A 45 -5.51 -3.22 -3.64
N CYS A 46 -5.01 -4.23 -2.93
CA CYS A 46 -3.97 -5.11 -3.46
C CYS A 46 -4.48 -5.86 -4.70
N ASP A 47 -3.56 -6.50 -5.42
CA ASP A 47 -3.91 -7.25 -6.63
C ASP A 47 -4.77 -8.46 -6.30
N ASP A 48 -4.91 -8.76 -5.02
CA ASP A 48 -5.82 -9.81 -4.56
C ASP A 48 -7.27 -9.41 -4.83
N SER A 49 -7.50 -8.10 -4.90
CA SER A 49 -8.83 -7.57 -5.15
C SER A 49 -9.01 -7.32 -6.65
N PRO A 50 -10.21 -7.61 -7.18
CA PRO A 50 -10.51 -7.47 -8.61
C PRO A 50 -10.16 -6.08 -9.17
N HIS A 51 -10.27 -5.05 -8.35
CA HIS A 51 -9.96 -3.70 -8.77
C HIS A 51 -8.47 -3.51 -9.05
N LYS A 52 -7.63 -4.05 -8.15
CA LYS A 52 -6.17 -3.91 -8.26
C LYS A 52 -5.76 -2.44 -8.35
N HIS A 53 -6.38 -1.60 -7.53
CA HIS A 53 -6.15 -0.16 -7.61
C HIS A 53 -4.73 0.20 -7.17
N ALA A 54 -4.13 -0.66 -6.36
CA ALA A 54 -2.78 -0.40 -5.85
C ALA A 54 -1.72 -0.62 -6.93
N THR A 55 -1.92 -1.64 -7.76
CA THR A 55 -0.98 -1.95 -8.81
C THR A 55 -1.16 -1.02 -10.01
N ARG A 56 -2.41 -0.78 -10.36
CA ARG A 56 -2.75 0.13 -11.47
C ARG A 56 -2.26 1.54 -11.17
N HIS A 57 -2.30 1.91 -9.90
CA HIS A 57 -1.84 3.23 -9.46
C HIS A 57 -0.40 3.46 -9.87
N PHE A 58 0.43 2.43 -9.70
CA PHE A 58 1.85 2.54 -10.02
C PHE A 58 2.05 2.81 -11.51
N HIS A 59 1.25 2.15 -12.34
CA HIS A 59 1.38 2.28 -13.78
C HIS A 59 1.05 3.71 -14.23
N ALA A 60 0.22 4.38 -13.46
CA ALA A 60 -0.22 5.74 -13.79
C ALA A 60 0.70 6.80 -13.22
N THR A 61 1.07 6.67 -11.95
CA THR A 61 1.84 7.71 -11.27
C THR A 61 3.33 7.45 -11.32
N GLY A 62 3.72 6.19 -11.50
CA GLY A 62 5.13 5.85 -11.48
C GLY A 62 5.68 5.81 -10.07
N HIS A 63 4.84 5.42 -9.12
CA HIS A 63 5.23 5.34 -7.72
C HIS A 63 5.50 3.88 -7.35
N PRO A 64 6.79 3.47 -7.37
CA PRO A 64 7.18 2.06 -7.32
C PRO A 64 7.25 1.46 -5.93
N ILE A 65 6.78 2.16 -4.91
CA ILE A 65 6.82 1.62 -3.56
C ILE A 65 5.49 1.76 -2.84
N ILE A 66 5.02 0.64 -2.31
CA ILE A 66 3.81 0.60 -1.52
C ILE A 66 4.08 -0.06 -0.18
N GLU A 67 3.27 0.26 0.81
CA GLU A 67 3.39 -0.33 2.13
C GLU A 67 2.12 -1.10 2.48
N GLY A 68 2.29 -2.24 3.13
CA GLY A 68 1.14 -3.02 3.56
C GLY A 68 0.36 -2.31 4.65
N TYR A 69 -0.83 -1.86 4.32
CA TYR A 69 -1.60 -1.01 5.22
C TYR A 69 -2.59 -1.84 6.05
N ASP A 70 -3.10 -2.92 5.48
CA ASP A 70 -4.04 -3.78 6.19
C ASP A 70 -3.33 -4.75 7.16
N PRO A 71 -2.13 -5.30 6.83
CA PRO A 71 -1.39 -6.13 7.76
C PRO A 71 -0.57 -5.28 8.71
N PRO A 72 -0.77 -5.43 10.02
CA PRO A 72 -0.09 -4.64 11.06
C PRO A 72 1.40 -5.00 11.21
N GLU A 73 2.06 -5.24 10.08
CA GLU A 73 3.45 -5.63 10.07
C GLU A 73 4.35 -4.44 9.80
N GLY A 74 4.07 -3.73 8.72
CA GLY A 74 4.89 -2.60 8.32
C GLY A 74 6.00 -3.02 7.37
N TRP A 75 5.68 -3.08 6.09
CA TRP A 75 6.65 -3.48 5.07
C TRP A 75 6.38 -2.76 3.76
N GLY A 76 7.42 -2.68 2.94
CA GLY A 76 7.30 -2.00 1.67
C GLY A 76 7.69 -2.90 0.50
N TRP A 77 6.99 -2.73 -0.60
CA TRP A 77 7.25 -3.53 -1.80
C TRP A 77 7.63 -2.61 -2.95
N CYS A 78 8.74 -2.91 -3.60
CA CYS A 78 9.20 -2.11 -4.73
C CYS A 78 8.80 -2.81 -6.03
N TYR A 79 7.79 -2.25 -6.71
CA TYR A 79 7.17 -2.88 -7.88
C TYR A 79 8.17 -3.33 -8.95
N VAL A 80 8.92 -2.39 -9.51
CA VAL A 80 9.84 -2.70 -10.61
C VAL A 80 10.97 -3.61 -10.17
N ASP A 81 11.24 -3.64 -8.88
CA ASP A 81 12.31 -4.46 -8.34
C ASP A 81 11.79 -5.85 -7.98
N GLU A 82 10.51 -5.89 -7.61
CA GLU A 82 9.86 -7.12 -7.15
C GLU A 82 10.53 -7.64 -5.88
N VAL A 83 11.10 -6.70 -5.11
CA VAL A 83 11.72 -7.05 -3.83
C VAL A 83 10.90 -6.49 -2.68
N MET A 84 10.85 -7.25 -1.60
CA MET A 84 10.12 -6.85 -0.42
C MET A 84 11.10 -6.53 0.72
N PHE A 85 10.82 -5.45 1.44
CA PHE A 85 11.62 -5.07 2.58
C PHE A 85 10.72 -4.55 3.68
N ASP A 86 11.12 -4.72 4.94
CA ASP A 86 10.28 -4.27 6.05
C ASP A 86 10.49 -2.79 6.32
N LEU A 87 9.50 -2.19 6.95
CA LEU A 87 9.54 -0.78 7.31
C LEU A 87 9.24 -0.63 8.80
N SER A 88 9.87 -1.46 9.61
CA SER A 88 9.58 -1.54 11.04
C SER A 88 9.54 -0.17 11.72
N ASP A 89 10.48 0.71 11.42
CA ASP A 89 10.53 2.02 12.06
C ASP A 89 10.01 3.13 11.14
N ARG A 90 9.50 2.75 9.98
CA ARG A 90 8.95 3.74 9.05
C ARG A 90 7.45 3.50 8.87
N MET A 91 6.98 2.38 9.39
CA MET A 91 5.63 1.89 9.14
C MET A 91 4.56 2.91 9.52
N THR A 92 3.55 3.01 8.67
CA THR A 92 2.43 3.91 8.90
C THR A 92 1.29 3.18 9.59
N PRO A 93 0.94 3.59 10.82
CA PRO A 93 -0.19 3.04 11.53
C PRO A 93 -1.50 3.50 10.91
N HIS A 94 -2.52 2.65 10.94
CA HIS A 94 -3.81 3.01 10.37
C HIS A 94 -4.39 4.22 11.09
N ASN A 95 -4.82 5.21 10.32
CA ASN A 95 -5.28 6.48 10.86
C ASN A 95 -6.75 6.42 11.22
N GLY A 96 -7.36 5.27 10.98
CA GLY A 96 -8.75 5.07 11.35
C GLY A 96 -9.07 3.59 11.45
N PRO A 97 -10.30 3.25 11.88
CA PRO A 97 -10.71 1.85 12.01
C PRO A 97 -10.94 1.19 10.66
N ILE A 98 -10.12 0.20 10.34
CA ILE A 98 -10.21 -0.49 9.07
C ILE A 98 -11.06 -1.76 9.21
N PRO A 99 -12.26 -1.77 8.59
CA PRO A 99 -13.17 -2.91 8.66
C PRO A 99 -12.55 -4.18 8.09
N ARG A 100 -12.54 -5.23 8.89
CA ARG A 100 -11.98 -6.51 8.46
C ARG A 100 -13.01 -7.30 7.67
N TYR A 101 -12.87 -7.29 6.36
CA TYR A 101 -13.77 -8.04 5.48
C TYR A 101 -13.29 -9.47 5.30
N VAL A 102 -11.99 -9.68 5.44
CA VAL A 102 -11.40 -11.00 5.29
C VAL A 102 -11.47 -11.78 6.61
ZN ZN B . 13.07 0.04 -6.54
ZN ZN C . 1.30 7.20 -5.39
N MET A 1 12.24 -11.38 1.84
CA MET A 1 12.61 -9.97 2.10
C MET A 1 14.03 -9.71 1.62
N THR A 2 14.27 -8.51 1.13
CA THR A 2 15.59 -8.14 0.67
C THR A 2 15.94 -6.72 1.14
N MET A 3 17.02 -6.16 0.62
CA MET A 3 17.50 -4.86 1.06
C MET A 3 16.71 -3.73 0.41
N GLY A 4 16.55 -2.63 1.12
CA GLY A 4 15.85 -1.48 0.59
C GLY A 4 16.60 -0.84 -0.56
N CYS A 5 15.86 -0.33 -1.54
CA CYS A 5 16.46 0.29 -2.71
C CYS A 5 16.50 1.81 -2.55
N ARG A 6 17.28 2.49 -3.39
CA ARG A 6 17.45 3.95 -3.29
C ARG A 6 16.14 4.70 -3.50
N HIS A 7 15.15 4.03 -4.10
CA HIS A 7 13.80 4.59 -4.21
C HIS A 7 13.22 4.92 -2.85
N VAL A 8 13.72 4.23 -1.82
CA VAL A 8 13.29 4.47 -0.44
C VAL A 8 13.55 5.92 -0.02
N ALA A 9 14.56 6.53 -0.61
CA ALA A 9 14.88 7.93 -0.32
C ALA A 9 13.81 8.87 -0.88
N GLY A 10 13.03 8.35 -1.82
CA GLY A 10 11.99 9.15 -2.44
C GLY A 10 10.65 9.03 -1.74
N ILE A 11 10.54 8.06 -0.84
CA ILE A 11 9.30 7.88 -0.08
C ILE A 11 9.44 8.47 1.30
N ARG A 12 8.32 8.88 1.87
CA ARG A 12 8.31 9.49 3.19
C ARG A 12 7.20 8.88 4.04
N THR A 13 7.10 9.31 5.29
CA THR A 13 6.01 8.89 6.14
C THR A 13 4.77 9.68 5.78
N VAL A 14 3.85 9.02 5.09
CA VAL A 14 2.67 9.67 4.57
C VAL A 14 1.48 9.54 5.54
N THR A 15 0.37 10.16 5.19
CA THR A 15 -0.85 10.03 5.97
C THR A 15 -1.96 9.43 5.09
N PRO A 16 -2.53 8.29 5.52
CA PRO A 16 -3.58 7.60 4.76
C PRO A 16 -4.81 8.47 4.56
N SER A 17 -5.15 8.73 3.31
CA SER A 17 -6.33 9.52 2.99
C SER A 17 -7.59 8.66 3.11
N ALA A 18 -7.43 7.35 3.00
CA ALA A 18 -8.55 6.44 3.10
C ALA A 18 -8.24 5.35 4.13
N LEU A 19 -9.26 4.87 4.80
CA LEU A 19 -9.09 3.81 5.79
C LEU A 19 -8.96 2.47 5.08
N GLY A 20 -10.06 2.02 4.49
CA GLY A 20 -10.00 0.84 3.66
C GLY A 20 -9.71 1.16 2.22
N CYS A 21 -10.17 0.32 1.30
CA CYS A 21 -9.95 0.55 -0.11
C CYS A 21 -10.98 1.53 -0.67
N GLU A 22 -10.54 2.74 -0.96
CA GLU A 22 -11.38 3.78 -1.55
C GLU A 22 -12.22 3.23 -2.71
N GLU A 23 -11.57 2.46 -3.57
CA GLU A 23 -12.21 1.90 -4.76
C GLU A 23 -13.42 1.04 -4.38
N CYS A 24 -13.18 0.01 -3.59
CA CYS A 24 -14.25 -0.87 -3.13
C CYS A 24 -15.28 -0.10 -2.30
N LEU A 25 -14.82 0.87 -1.52
CA LEU A 25 -15.70 1.63 -0.62
C LEU A 25 -16.66 2.52 -1.38
N LYS A 26 -16.35 2.85 -2.63
CA LYS A 26 -17.19 3.76 -3.41
C LYS A 26 -18.50 3.07 -3.80
N ILE A 27 -18.51 1.74 -3.78
CA ILE A 27 -19.71 0.99 -4.12
C ILE A 27 -20.16 0.10 -2.96
N GLY A 28 -19.37 0.05 -1.91
CA GLY A 28 -19.70 -0.77 -0.76
C GLY A 28 -19.29 -2.22 -0.98
N SER A 29 -18.10 -2.41 -1.50
CA SER A 29 -17.59 -3.75 -1.79
C SER A 29 -16.46 -4.10 -0.83
N PRO A 30 -16.32 -5.38 -0.48
CA PRO A 30 -15.20 -5.86 0.33
C PRO A 30 -13.90 -5.94 -0.48
N TRP A 31 -12.81 -6.26 0.20
CA TRP A 31 -11.52 -6.44 -0.44
C TRP A 31 -10.79 -7.62 0.20
N VAL A 32 -9.60 -7.89 -0.27
CA VAL A 32 -8.79 -8.96 0.30
C VAL A 32 -7.68 -8.37 1.17
N HIS A 33 -6.86 -7.51 0.59
CA HIS A 33 -5.79 -6.84 1.31
C HIS A 33 -5.67 -5.40 0.84
N LEU A 34 -4.98 -4.58 1.62
CA LEU A 34 -4.80 -3.18 1.30
C LEU A 34 -3.33 -2.84 1.10
N ARG A 35 -3.07 -2.02 0.10
CA ARG A 35 -1.74 -1.53 -0.18
C ARG A 35 -1.73 -0.01 -0.13
N ILE A 36 -1.01 0.55 0.82
CA ILE A 36 -0.93 2.00 0.97
C ILE A 36 0.31 2.53 0.27
N CYS A 37 0.09 3.52 -0.56
CA CYS A 37 1.15 4.09 -1.37
C CYS A 37 2.02 5.03 -0.55
N ARG A 38 3.30 4.69 -0.40
CA ARG A 38 4.21 5.43 0.47
C ARG A 38 4.59 6.79 -0.11
N THR A 39 4.09 7.11 -1.28
CA THR A 39 4.42 8.38 -1.92
C THR A 39 3.37 9.44 -1.62
N CYS A 40 2.11 9.11 -1.85
CA CYS A 40 1.03 10.10 -1.74
C CYS A 40 0.03 9.72 -0.65
N GLY A 41 0.30 8.61 0.04
CA GLY A 41 -0.54 8.21 1.15
C GLY A 41 -1.91 7.71 0.74
N HIS A 42 -2.06 7.30 -0.52
CA HIS A 42 -3.36 6.81 -0.98
C HIS A 42 -3.40 5.30 -0.88
N VAL A 43 -4.48 4.78 -0.35
CA VAL A 43 -4.65 3.36 -0.14
C VAL A 43 -5.41 2.73 -1.31
N GLY A 44 -4.97 1.55 -1.73
CA GLY A 44 -5.65 0.83 -2.78
C GLY A 44 -5.77 -0.64 -2.45
N CYS A 45 -6.64 -1.34 -3.16
CA CYS A 45 -6.82 -2.76 -2.95
C CYS A 45 -5.63 -3.54 -3.49
N CYS A 46 -5.27 -4.60 -2.79
CA CYS A 46 -4.14 -5.44 -3.19
C CYS A 46 -4.44 -6.13 -4.52
N ASP A 47 -3.41 -6.78 -5.08
CA ASP A 47 -3.53 -7.48 -6.35
C ASP A 47 -4.47 -8.68 -6.22
N ASP A 48 -4.70 -9.10 -4.98
CA ASP A 48 -5.64 -10.18 -4.69
C ASP A 48 -7.05 -9.77 -5.06
N SER A 49 -7.36 -8.51 -4.83
CA SER A 49 -8.69 -7.99 -5.05
C SER A 49 -8.89 -7.62 -6.52
N PRO A 50 -10.04 -8.04 -7.10
CA PRO A 50 -10.36 -7.87 -8.52
C PRO A 50 -10.11 -6.46 -9.07
N HIS A 51 -10.30 -5.44 -8.24
CA HIS A 51 -10.16 -4.06 -8.69
C HIS A 51 -8.70 -3.75 -9.03
N LYS A 52 -7.77 -4.30 -8.24
CA LYS A 52 -6.33 -4.09 -8.42
C LYS A 52 -5.97 -2.63 -8.71
N HIS A 53 -6.57 -1.70 -7.98
CA HIS A 53 -6.32 -0.30 -8.22
C HIS A 53 -4.94 0.11 -7.69
N ALA A 54 -4.35 -0.73 -6.83
CA ALA A 54 -3.00 -0.46 -6.33
C ALA A 54 -1.98 -0.50 -7.46
N THR A 55 -2.08 -1.53 -8.29
CA THR A 55 -1.18 -1.67 -9.43
C THR A 55 -1.51 -0.64 -10.51
N ARG A 56 -2.80 -0.45 -10.75
CA ARG A 56 -3.28 0.55 -11.70
C ARG A 56 -2.87 1.95 -11.28
N HIS A 57 -2.75 2.16 -9.97
CA HIS A 57 -2.34 3.45 -9.43
C HIS A 57 -0.93 3.80 -9.87
N PHE A 58 -0.06 2.80 -9.90
CA PHE A 58 1.32 2.99 -10.34
C PHE A 58 1.35 3.37 -11.82
N HIS A 59 0.43 2.81 -12.58
CA HIS A 59 0.34 3.11 -14.00
C HIS A 59 -0.17 4.53 -14.22
N ALA A 60 -0.95 5.02 -13.27
CA ALA A 60 -1.54 6.35 -13.36
C ALA A 60 -0.58 7.42 -12.86
N THR A 61 -0.07 7.26 -11.64
CA THR A 61 0.76 8.28 -11.02
C THR A 61 2.25 8.06 -11.29
N GLY A 62 2.68 6.80 -11.24
CA GLY A 62 4.09 6.51 -11.35
C GLY A 62 4.74 6.40 -9.98
N HIS A 63 4.00 5.87 -9.02
CA HIS A 63 4.49 5.72 -7.65
C HIS A 63 4.83 4.26 -7.39
N PRO A 64 6.13 3.91 -7.42
CA PRO A 64 6.59 2.52 -7.46
C PRO A 64 6.66 1.81 -6.10
N ILE A 65 6.32 2.49 -5.02
CA ILE A 65 6.45 1.89 -3.70
C ILE A 65 5.12 1.90 -2.94
N ILE A 66 4.74 0.72 -2.47
CA ILE A 66 3.54 0.56 -1.66
C ILE A 66 3.87 -0.20 -0.37
N GLU A 67 3.04 -0.04 0.63
CA GLU A 67 3.26 -0.66 1.93
C GLU A 67 2.03 -1.49 2.32
N GLY A 68 2.26 -2.53 3.11
CA GLY A 68 1.16 -3.36 3.57
C GLY A 68 0.31 -2.65 4.62
N TYR A 69 -0.89 -2.26 4.23
CA TYR A 69 -1.77 -1.51 5.13
C TYR A 69 -2.74 -2.45 5.83
N ASP A 70 -3.22 -3.45 5.10
CA ASP A 70 -4.10 -4.47 5.69
C ASP A 70 -3.32 -5.37 6.65
N PRO A 71 -2.13 -5.88 6.25
CA PRO A 71 -1.19 -6.48 7.18
C PRO A 71 -0.11 -5.48 7.56
N PRO A 72 -0.33 -4.71 8.64
CA PRO A 72 0.53 -3.60 9.04
C PRO A 72 1.80 -4.06 9.73
N GLU A 73 2.48 -5.01 9.13
CA GLU A 73 3.70 -5.57 9.68
C GLU A 73 4.91 -4.71 9.31
N GLY A 74 4.66 -3.69 8.51
CA GLY A 74 5.72 -2.78 8.13
C GLY A 74 6.61 -3.34 7.05
N TRP A 75 6.07 -3.49 5.86
CA TRP A 75 6.84 -3.99 4.73
C TRP A 75 6.47 -3.23 3.46
N GLY A 76 7.47 -2.99 2.62
CA GLY A 76 7.24 -2.22 1.42
C GLY A 76 7.52 -3.00 0.15
N TRP A 77 6.66 -2.84 -0.83
CA TRP A 77 6.80 -3.51 -2.12
C TRP A 77 7.13 -2.47 -3.19
N CYS A 78 8.15 -2.75 -3.97
CA CYS A 78 8.54 -1.84 -5.04
C CYS A 78 8.25 -2.47 -6.39
N TYR A 79 7.32 -1.88 -7.13
CA TYR A 79 6.81 -2.47 -8.38
C TYR A 79 7.92 -2.81 -9.38
N VAL A 80 8.62 -1.79 -9.87
CA VAL A 80 9.64 -2.00 -10.91
C VAL A 80 10.81 -2.84 -10.43
N ASP A 81 10.98 -2.92 -9.12
CA ASP A 81 12.08 -3.70 -8.54
C ASP A 81 11.65 -5.13 -8.30
N GLU A 82 10.36 -5.28 -7.95
CA GLU A 82 9.78 -6.58 -7.59
C GLU A 82 10.45 -7.12 -6.32
N VAL A 83 10.91 -6.19 -5.49
CA VAL A 83 11.52 -6.54 -4.22
C VAL A 83 10.63 -6.13 -3.07
N MET A 84 10.70 -6.89 -1.98
CA MET A 84 9.96 -6.56 -0.78
C MET A 84 10.94 -6.37 0.38
N PHE A 85 10.87 -5.21 1.00
CA PHE A 85 11.80 -4.87 2.07
C PHE A 85 11.05 -4.47 3.33
N ASP A 86 11.78 -4.40 4.44
CA ASP A 86 11.19 -4.07 5.74
C ASP A 86 11.06 -2.58 5.92
N LEU A 87 9.92 -2.15 6.42
CA LEU A 87 9.67 -0.74 6.71
C LEU A 87 9.02 -0.59 8.08
N SER A 88 9.18 -1.61 8.93
CA SER A 88 8.52 -1.63 10.23
C SER A 88 8.91 -0.41 11.07
N ASP A 89 10.14 0.07 10.92
CA ASP A 89 10.63 1.19 11.71
C ASP A 89 10.43 2.51 10.96
N ARG A 90 9.76 2.44 9.82
CA ARG A 90 9.53 3.61 8.99
C ARG A 90 8.10 3.60 8.44
N MET A 91 7.25 2.78 9.05
CA MET A 91 5.92 2.49 8.49
C MET A 91 4.97 3.67 8.63
N THR A 92 3.84 3.55 7.95
CA THR A 92 2.81 4.58 7.97
C THR A 92 1.83 4.34 9.12
N PRO A 93 1.57 5.38 9.93
CA PRO A 93 0.56 5.30 10.98
C PRO A 93 -0.85 5.25 10.41
N HIS A 94 -1.60 4.21 10.74
CA HIS A 94 -2.96 4.05 10.22
C HIS A 94 -3.84 5.22 10.68
N ASN A 95 -4.76 5.63 9.81
CA ASN A 95 -5.58 6.80 10.07
C ASN A 95 -6.84 6.45 10.86
N GLY A 96 -7.37 5.26 10.63
CA GLY A 96 -8.58 4.85 11.31
C GLY A 96 -8.74 3.35 11.33
N PRO A 97 -9.91 2.86 11.74
CA PRO A 97 -10.20 1.43 11.77
C PRO A 97 -10.43 0.87 10.38
N ILE A 98 -9.99 -0.36 10.17
CA ILE A 98 -10.13 -1.01 8.87
C ILE A 98 -10.99 -2.28 9.02
N PRO A 99 -12.06 -2.40 8.22
CA PRO A 99 -12.90 -3.60 8.20
C PRO A 99 -12.10 -4.84 7.83
N ARG A 100 -11.88 -5.69 8.81
CA ARG A 100 -11.09 -6.91 8.63
C ARG A 100 -11.91 -7.97 7.91
N TYR A 101 -11.54 -8.26 6.66
CA TYR A 101 -12.23 -9.28 5.89
C TYR A 101 -11.46 -10.59 5.90
N VAL A 102 -10.16 -10.53 6.16
CA VAL A 102 -9.33 -11.73 6.21
C VAL A 102 -9.17 -12.21 7.65
ZN ZN B . 12.85 0.35 -6.03
ZN ZN C . 0.62 7.23 -5.00
N MET A 1 10.86 -9.34 4.62
CA MET A 1 12.06 -8.48 4.58
C MET A 1 13.21 -9.18 3.88
N THR A 2 13.51 -8.74 2.67
CA THR A 2 14.60 -9.30 1.91
C THR A 2 15.73 -8.29 1.77
N MET A 3 15.48 -7.21 1.04
CA MET A 3 16.49 -6.20 0.78
C MET A 3 15.84 -4.86 0.46
N GLY A 4 16.42 -3.79 0.99
CA GLY A 4 15.97 -2.46 0.65
C GLY A 4 16.56 -1.99 -0.66
N CYS A 5 16.20 -0.79 -1.08
CA CYS A 5 16.73 -0.25 -2.32
C CYS A 5 16.78 1.27 -2.27
N ARG A 6 17.48 1.88 -3.21
CA ARG A 6 17.67 3.34 -3.22
C ARG A 6 16.34 4.10 -3.28
N HIS A 7 15.32 3.43 -3.82
CA HIS A 7 13.97 4.02 -3.90
C HIS A 7 13.41 4.30 -2.50
N VAL A 8 13.89 3.55 -1.50
CA VAL A 8 13.39 3.68 -0.14
C VAL A 8 13.72 5.08 0.42
N ALA A 9 14.78 5.69 -0.07
CA ALA A 9 15.15 7.03 0.35
C ALA A 9 14.22 8.08 -0.26
N GLY A 10 13.26 7.61 -1.06
CA GLY A 10 12.34 8.50 -1.70
C GLY A 10 10.92 8.33 -1.19
N ILE A 11 10.76 7.59 -0.11
CA ILE A 11 9.45 7.42 0.50
C ILE A 11 9.30 8.33 1.71
N ARG A 12 8.07 8.71 2.00
CA ARG A 12 7.79 9.62 3.09
C ARG A 12 6.66 9.10 3.94
N THR A 13 6.57 9.56 5.17
CA THR A 13 5.45 9.23 6.04
C THR A 13 4.22 9.99 5.58
N VAL A 14 3.33 9.28 4.92
CA VAL A 14 2.19 9.89 4.24
C VAL A 14 0.93 9.81 5.10
N THR A 15 -0.15 10.42 4.60
CA THR A 15 -1.42 10.39 5.29
C THR A 15 -2.41 9.52 4.51
N PRO A 16 -3.03 8.53 5.20
CA PRO A 16 -4.01 7.64 4.58
C PRO A 16 -5.25 8.39 4.10
N SER A 17 -5.56 8.25 2.81
CA SER A 17 -6.73 8.89 2.22
C SER A 17 -8.01 8.34 2.85
N ALA A 18 -7.96 7.10 3.30
CA ALA A 18 -9.10 6.43 3.91
C ALA A 18 -8.61 5.25 4.73
N LEU A 19 -9.52 4.63 5.47
CA LEU A 19 -9.18 3.44 6.27
C LEU A 19 -8.82 2.29 5.35
N GLY A 20 -9.72 1.96 4.44
CA GLY A 20 -9.43 0.96 3.45
C GLY A 20 -9.19 1.58 2.09
N CYS A 21 -9.63 0.90 1.05
CA CYS A 21 -9.47 1.40 -0.31
C CYS A 21 -10.45 2.53 -0.58
N GLU A 22 -9.90 3.69 -0.93
CA GLU A 22 -10.71 4.87 -1.24
C GLU A 22 -11.74 4.54 -2.33
N GLU A 23 -11.30 3.84 -3.36
CA GLU A 23 -12.18 3.47 -4.46
C GLU A 23 -13.32 2.59 -3.97
N CYS A 24 -13.00 1.62 -3.14
CA CYS A 24 -14.01 0.71 -2.62
C CYS A 24 -15.02 1.45 -1.75
N LEU A 25 -14.54 2.40 -0.96
CA LEU A 25 -15.39 3.11 0.00
C LEU A 25 -16.35 4.08 -0.69
N LYS A 26 -16.09 4.43 -1.94
CA LYS A 26 -16.92 5.40 -2.64
C LYS A 26 -18.13 4.73 -3.28
N ILE A 27 -18.08 3.41 -3.38
CA ILE A 27 -19.15 2.65 -4.02
C ILE A 27 -19.70 1.56 -3.12
N GLY A 28 -19.04 1.30 -2.01
CA GLY A 28 -19.46 0.23 -1.13
C GLY A 28 -18.94 -1.11 -1.61
N SER A 29 -17.65 -1.15 -1.89
CA SER A 29 -16.99 -2.35 -2.40
C SER A 29 -16.07 -2.92 -1.32
N PRO A 30 -15.94 -4.26 -1.25
CA PRO A 30 -15.05 -4.92 -0.30
C PRO A 30 -13.60 -4.91 -0.76
N TRP A 31 -12.75 -5.57 0.02
CA TRP A 31 -11.33 -5.66 -0.30
C TRP A 31 -10.70 -6.84 0.42
N VAL A 32 -9.54 -7.25 -0.05
CA VAL A 32 -8.77 -8.31 0.60
C VAL A 32 -7.64 -7.71 1.41
N HIS A 33 -6.70 -7.07 0.72
CA HIS A 33 -5.57 -6.42 1.37
C HIS A 33 -5.53 -4.95 0.97
N LEU A 34 -4.86 -4.15 1.79
CA LEU A 34 -4.78 -2.71 1.54
C LEU A 34 -3.33 -2.29 1.39
N ARG A 35 -3.06 -1.52 0.35
CA ARG A 35 -1.74 -0.99 0.10
C ARG A 35 -1.74 0.53 0.15
N ILE A 36 -1.01 1.08 1.10
CA ILE A 36 -0.88 2.52 1.19
C ILE A 36 0.41 2.95 0.50
N CYS A 37 0.23 3.77 -0.51
CA CYS A 37 1.34 4.23 -1.32
C CYS A 37 2.17 5.25 -0.55
N ARG A 38 3.40 4.84 -0.17
CA ARG A 38 4.27 5.64 0.69
C ARG A 38 4.79 6.90 0.01
N THR A 39 4.30 7.18 -1.18
CA THR A 39 4.74 8.36 -1.90
C THR A 39 3.71 9.48 -1.80
N CYS A 40 2.45 9.16 -2.08
CA CYS A 40 1.41 10.18 -2.16
C CYS A 40 0.32 9.95 -1.12
N GLY A 41 0.43 8.86 -0.36
CA GLY A 41 -0.48 8.61 0.75
C GLY A 41 -1.82 8.03 0.33
N HIS A 42 -1.95 7.63 -0.93
CA HIS A 42 -3.23 7.13 -1.40
C HIS A 42 -3.33 5.63 -1.15
N VAL A 43 -4.35 5.24 -0.41
CA VAL A 43 -4.56 3.83 -0.08
C VAL A 43 -5.40 3.16 -1.15
N GLY A 44 -4.93 2.02 -1.61
CA GLY A 44 -5.65 1.27 -2.62
C GLY A 44 -5.70 -0.20 -2.29
N CYS A 45 -6.69 -0.90 -2.82
CA CYS A 45 -6.83 -2.32 -2.56
C CYS A 45 -5.77 -3.12 -3.32
N CYS A 46 -5.29 -4.17 -2.67
CA CYS A 46 -4.25 -5.03 -3.22
C CYS A 46 -4.75 -5.78 -4.45
N ASP A 47 -3.83 -6.46 -5.15
CA ASP A 47 -4.17 -7.17 -6.37
C ASP A 47 -4.89 -8.49 -6.06
N ASP A 48 -5.09 -8.75 -4.77
CA ASP A 48 -5.91 -9.87 -4.32
C ASP A 48 -7.38 -9.58 -4.60
N SER A 49 -7.68 -8.30 -4.73
CA SER A 49 -9.05 -7.85 -4.94
C SER A 49 -9.27 -7.55 -6.42
N PRO A 50 -10.47 -7.83 -6.95
CA PRO A 50 -10.81 -7.65 -8.38
C PRO A 50 -10.47 -6.25 -8.90
N HIS A 51 -10.54 -5.26 -8.02
CA HIS A 51 -10.22 -3.89 -8.40
C HIS A 51 -8.75 -3.77 -8.83
N LYS A 52 -7.85 -4.33 -8.02
CA LYS A 52 -6.40 -4.26 -8.27
C LYS A 52 -5.95 -2.82 -8.54
N HIS A 53 -6.51 -1.88 -7.78
CA HIS A 53 -6.21 -0.47 -8.00
C HIS A 53 -4.77 -0.16 -7.59
N ALA A 54 -4.19 -1.03 -6.77
CA ALA A 54 -2.81 -0.87 -6.32
C ALA A 54 -1.84 -0.93 -7.48
N THR A 55 -2.07 -1.85 -8.40
CA THR A 55 -1.20 -2.01 -9.56
C THR A 55 -1.52 -0.95 -10.62
N ARG A 56 -2.82 -0.68 -10.79
CA ARG A 56 -3.27 0.36 -11.71
C ARG A 56 -2.67 1.70 -11.34
N HIS A 57 -2.53 1.93 -10.04
CA HIS A 57 -1.99 3.19 -9.53
C HIS A 57 -0.55 3.41 -10.00
N PHE A 58 0.26 2.35 -9.92
CA PHE A 58 1.65 2.44 -10.34
C PHE A 58 1.75 2.74 -11.83
N HIS A 59 0.86 2.14 -12.60
CA HIS A 59 0.84 2.33 -14.04
C HIS A 59 0.55 3.80 -14.38
N ALA A 60 -0.23 4.45 -13.52
CA ALA A 60 -0.64 5.83 -13.77
C ALA A 60 0.36 6.84 -13.22
N THR A 61 0.61 6.78 -11.92
CA THR A 61 1.45 7.77 -11.25
C THR A 61 2.93 7.46 -11.37
N GLY A 62 3.27 6.18 -11.45
CA GLY A 62 4.65 5.78 -11.45
C GLY A 62 5.24 5.78 -10.07
N HIS A 63 4.48 5.29 -9.10
CA HIS A 63 4.92 5.20 -7.71
C HIS A 63 5.20 3.74 -7.38
N PRO A 64 6.49 3.34 -7.40
CA PRO A 64 6.89 1.94 -7.36
C PRO A 64 6.92 1.32 -5.96
N ILE A 65 6.56 2.08 -4.94
CA ILE A 65 6.61 1.57 -3.58
C ILE A 65 5.28 1.70 -2.87
N ILE A 66 4.81 0.58 -2.33
CA ILE A 66 3.60 0.55 -1.54
C ILE A 66 3.86 -0.10 -0.20
N GLU A 67 3.05 0.22 0.79
CA GLU A 67 3.20 -0.34 2.11
C GLU A 67 1.97 -1.16 2.48
N GLY A 68 2.19 -2.27 3.14
CA GLY A 68 1.08 -3.10 3.61
C GLY A 68 0.33 -2.40 4.71
N TYR A 69 -0.86 -1.91 4.40
CA TYR A 69 -1.61 -1.09 5.34
C TYR A 69 -2.58 -1.93 6.16
N ASP A 70 -3.13 -2.97 5.55
CA ASP A 70 -4.07 -3.84 6.25
C ASP A 70 -3.36 -4.75 7.27
N PRO A 71 -2.12 -5.25 7.00
CA PRO A 71 -1.36 -5.98 7.98
C PRO A 71 -0.43 -5.05 8.77
N PRO A 72 -0.63 -4.94 10.09
CA PRO A 72 0.16 -4.05 10.95
C PRO A 72 1.60 -4.52 11.15
N GLU A 73 2.10 -5.28 10.19
CA GLU A 73 3.47 -5.78 10.23
C GLU A 73 4.45 -4.69 9.83
N GLY A 74 4.04 -3.85 8.88
CA GLY A 74 4.89 -2.79 8.41
C GLY A 74 5.93 -3.28 7.42
N TRP A 75 5.54 -3.38 6.16
CA TRP A 75 6.46 -3.80 5.12
C TRP A 75 6.18 -3.04 3.83
N GLY A 76 7.20 -2.91 3.00
CA GLY A 76 7.07 -2.18 1.77
C GLY A 76 7.42 -3.04 0.57
N TRP A 77 6.60 -2.95 -0.47
CA TRP A 77 6.82 -3.70 -1.69
C TRP A 77 7.20 -2.75 -2.82
N CYS A 78 8.30 -3.06 -3.49
CA CYS A 78 8.76 -2.23 -4.58
C CYS A 78 8.49 -2.95 -5.90
N TYR A 79 7.54 -2.43 -6.68
CA TYR A 79 7.05 -3.11 -7.89
C TYR A 79 8.17 -3.50 -8.86
N VAL A 80 8.93 -2.51 -9.34
CA VAL A 80 9.95 -2.77 -10.35
C VAL A 80 11.11 -3.61 -9.81
N ASP A 81 11.26 -3.62 -8.50
CA ASP A 81 12.32 -4.38 -7.85
C ASP A 81 11.86 -5.81 -7.58
N GLU A 82 10.60 -5.93 -7.19
CA GLU A 82 10.00 -7.20 -6.78
C GLU A 82 10.65 -7.72 -5.51
N VAL A 83 11.14 -6.80 -4.69
CA VAL A 83 11.69 -7.14 -3.40
C VAL A 83 10.83 -6.52 -2.29
N MET A 84 10.57 -7.30 -1.26
CA MET A 84 9.82 -6.81 -0.12
C MET A 84 10.77 -6.47 1.02
N PHE A 85 10.70 -5.25 1.50
CA PHE A 85 11.53 -4.82 2.60
C PHE A 85 10.66 -4.43 3.78
N ASP A 86 11.27 -4.18 4.93
CA ASP A 86 10.51 -3.89 6.14
C ASP A 86 10.38 -2.38 6.32
N LEU A 87 9.25 -1.97 6.88
CA LEU A 87 9.01 -0.57 7.17
C LEU A 87 8.36 -0.42 8.54
N SER A 88 8.49 -1.45 9.36
CA SER A 88 7.81 -1.53 10.64
C SER A 88 8.08 -0.30 11.53
N ASP A 89 9.31 0.19 11.50
CA ASP A 89 9.70 1.31 12.37
C ASP A 89 9.18 2.63 11.83
N ARG A 90 8.87 2.66 10.54
CA ARG A 90 8.55 3.93 9.88
C ARG A 90 7.21 3.84 9.17
N MET A 91 6.44 2.81 9.52
CA MET A 91 5.19 2.51 8.82
C MET A 91 4.12 3.56 9.10
N THR A 92 3.11 3.58 8.26
CA THR A 92 2.01 4.50 8.42
C THR A 92 0.98 3.93 9.40
N PRO A 93 0.79 4.59 10.55
CA PRO A 93 -0.20 4.17 11.55
C PRO A 93 -1.61 4.20 10.97
N HIS A 94 -2.41 3.19 11.30
CA HIS A 94 -3.78 3.11 10.77
C HIS A 94 -4.61 4.28 11.27
N ASN A 95 -5.39 4.86 10.36
CA ASN A 95 -6.22 6.02 10.67
C ASN A 95 -7.55 5.57 11.26
N GLY A 96 -7.79 4.28 11.25
CA GLY A 96 -8.98 3.72 11.83
C GLY A 96 -8.99 2.21 11.74
N PRO A 97 -9.97 1.54 12.34
CA PRO A 97 -10.09 0.08 12.29
C PRO A 97 -10.40 -0.42 10.89
N ILE A 98 -9.47 -1.17 10.32
CA ILE A 98 -9.63 -1.70 8.98
C ILE A 98 -10.33 -3.05 9.00
N PRO A 99 -11.54 -3.12 8.44
CA PRO A 99 -12.35 -4.34 8.44
C PRO A 99 -11.88 -5.38 7.42
N ARG A 100 -11.49 -6.54 7.92
CA ARG A 100 -11.18 -7.67 7.07
C ARG A 100 -12.47 -8.33 6.64
N TYR A 101 -12.79 -8.26 5.35
CA TYR A 101 -14.04 -8.80 4.85
C TYR A 101 -13.91 -10.27 4.48
N VAL A 102 -12.85 -10.60 3.76
CA VAL A 102 -12.66 -11.95 3.27
C VAL A 102 -11.46 -12.63 3.92
ZN ZN B . 13.10 -0.19 -5.63
ZN ZN C . 1.08 7.05 -5.24
N MET A 1 12.16 -9.59 5.12
CA MET A 1 12.80 -8.68 4.14
C MET A 1 13.56 -9.48 3.09
N THR A 2 13.40 -9.08 1.84
CA THR A 2 14.06 -9.73 0.72
C THR A 2 15.34 -9.00 0.36
N MET A 3 15.22 -7.73 0.03
CA MET A 3 16.34 -6.89 -0.37
C MET A 3 15.90 -5.43 -0.47
N GLY A 4 16.81 -4.53 -0.12
CA GLY A 4 16.51 -3.10 -0.21
C GLY A 4 16.57 -2.60 -1.63
N CYS A 5 16.36 -1.30 -1.81
CA CYS A 5 16.42 -0.71 -3.13
C CYS A 5 16.59 0.80 -3.05
N ARG A 6 17.27 1.39 -4.03
CA ARG A 6 17.54 2.83 -4.08
C ARG A 6 16.24 3.65 -4.02
N HIS A 7 15.13 3.06 -4.48
CA HIS A 7 13.84 3.74 -4.45
C HIS A 7 13.41 4.04 -3.01
N VAL A 8 13.89 3.25 -2.06
CA VAL A 8 13.50 3.40 -0.65
C VAL A 8 14.04 4.69 -0.08
N ALA A 9 15.18 5.12 -0.59
CA ALA A 9 15.84 6.29 -0.05
C ALA A 9 15.09 7.57 -0.41
N GLY A 10 14.07 7.45 -1.23
CA GLY A 10 13.32 8.62 -1.66
C GLY A 10 11.89 8.62 -1.17
N ILE A 11 11.50 7.60 -0.43
CA ILE A 11 10.12 7.50 0.05
C ILE A 11 9.97 8.13 1.42
N ARG A 12 8.77 8.61 1.72
CA ARG A 12 8.50 9.28 2.98
C ARG A 12 7.56 8.45 3.84
N THR A 13 7.30 8.94 5.05
CA THR A 13 6.28 8.36 5.90
C THR A 13 4.98 9.14 5.72
N VAL A 14 3.92 8.46 5.34
CA VAL A 14 2.69 9.12 4.95
C VAL A 14 1.57 8.92 5.96
N THR A 15 0.51 9.71 5.80
CA THR A 15 -0.70 9.55 6.58
C THR A 15 -1.76 8.87 5.73
N PRO A 16 -2.32 7.75 6.22
CA PRO A 16 -3.33 6.99 5.48
C PRO A 16 -4.57 7.83 5.15
N SER A 17 -4.80 8.04 3.86
CA SER A 17 -5.96 8.80 3.38
C SER A 17 -7.27 8.20 3.90
N ALA A 18 -7.31 6.87 3.99
CA ALA A 18 -8.52 6.18 4.42
C ALA A 18 -8.19 5.05 5.37
N LEU A 19 -9.22 4.40 5.89
CA LEU A 19 -9.06 3.28 6.80
C LEU A 19 -8.92 1.99 6.01
N GLY A 20 -9.77 1.83 5.00
CA GLY A 20 -9.67 0.69 4.11
C GLY A 20 -9.46 1.13 2.69
N CYS A 21 -9.97 0.34 1.74
CA CYS A 21 -9.92 0.73 0.34
C CYS A 21 -10.90 1.87 0.06
N GLU A 22 -10.40 3.09 0.18
CA GLU A 22 -11.19 4.30 -0.08
C GLU A 22 -11.93 4.17 -1.40
N GLU A 23 -11.26 3.56 -2.36
CA GLU A 23 -11.82 3.29 -3.67
C GLU A 23 -13.04 2.38 -3.59
N CYS A 24 -12.83 1.15 -3.16
CA CYS A 24 -13.91 0.16 -3.10
C CYS A 24 -15.01 0.56 -2.12
N LEU A 25 -14.65 1.31 -1.07
CA LEU A 25 -15.62 1.72 -0.06
C LEU A 25 -16.68 2.66 -0.62
N LYS A 26 -16.35 3.39 -1.68
CA LYS A 26 -17.28 4.35 -2.24
C LYS A 26 -18.44 3.64 -2.94
N ILE A 27 -18.21 2.38 -3.33
CA ILE A 27 -19.23 1.60 -4.03
C ILE A 27 -19.65 0.39 -3.21
N GLY A 28 -19.21 0.33 -1.96
CA GLY A 28 -19.59 -0.77 -1.08
C GLY A 28 -19.00 -2.10 -1.51
N SER A 29 -17.78 -2.06 -2.01
CA SER A 29 -17.10 -3.27 -2.43
C SER A 29 -16.03 -3.67 -1.42
N PRO A 30 -15.87 -4.98 -1.18
CA PRO A 30 -14.85 -5.48 -0.26
C PRO A 30 -13.46 -5.51 -0.89
N TRP A 31 -12.53 -6.17 -0.22
CA TRP A 31 -11.16 -6.27 -0.72
C TRP A 31 -10.49 -7.49 -0.09
N VAL A 32 -9.34 -7.87 -0.64
CA VAL A 32 -8.60 -9.01 -0.11
C VAL A 32 -7.51 -8.52 0.84
N HIS A 33 -6.64 -7.66 0.36
CA HIS A 33 -5.60 -7.06 1.20
C HIS A 33 -5.54 -5.55 0.98
N LEU A 34 -4.68 -4.89 1.75
CA LEU A 34 -4.59 -3.43 1.73
C LEU A 34 -3.16 -2.97 1.53
N ARG A 35 -2.98 -1.96 0.70
CA ARG A 35 -1.66 -1.39 0.43
C ARG A 35 -1.75 0.14 0.36
N ILE A 36 -0.71 0.80 0.80
CA ILE A 36 -0.64 2.26 0.74
C ILE A 36 0.73 2.69 0.23
N CYS A 37 0.77 3.66 -0.67
CA CYS A 37 2.04 4.14 -1.19
C CYS A 37 2.87 4.78 -0.09
N ARG A 38 4.18 4.67 -0.20
CA ARG A 38 5.09 5.41 0.66
C ARG A 38 5.35 6.79 0.06
N THR A 39 4.34 7.30 -0.66
CA THR A 39 4.50 8.53 -1.41
C THR A 39 3.25 9.41 -1.32
N CYS A 40 2.17 9.03 -2.01
CA CYS A 40 0.97 9.86 -2.09
C CYS A 40 0.05 9.63 -0.89
N GLY A 41 0.38 8.64 -0.07
CA GLY A 41 -0.38 8.39 1.16
C GLY A 41 -1.79 7.87 0.91
N HIS A 42 -2.08 7.46 -0.31
CA HIS A 42 -3.41 6.95 -0.62
C HIS A 42 -3.44 5.43 -0.51
N VAL A 43 -4.50 4.93 0.12
CA VAL A 43 -4.69 3.49 0.27
C VAL A 43 -5.50 2.96 -0.90
N GLY A 44 -5.13 1.80 -1.42
CA GLY A 44 -5.81 1.24 -2.57
C GLY A 44 -5.96 -0.27 -2.49
N CYS A 45 -6.81 -0.81 -3.34
CA CYS A 45 -7.03 -2.24 -3.40
C CYS A 45 -5.89 -2.91 -4.15
N CYS A 46 -5.46 -4.07 -3.67
CA CYS A 46 -4.28 -4.73 -4.22
C CYS A 46 -4.62 -5.49 -5.49
N ASP A 47 -3.61 -6.10 -6.10
CA ASP A 47 -3.80 -6.89 -7.31
C ASP A 47 -4.40 -8.25 -6.97
N ASP A 48 -4.42 -8.57 -5.68
CA ASP A 48 -5.12 -9.75 -5.19
C ASP A 48 -6.62 -9.47 -5.14
N SER A 49 -6.97 -8.20 -5.08
CA SER A 49 -8.36 -7.78 -5.04
C SER A 49 -8.88 -7.55 -6.45
N PRO A 50 -10.17 -7.83 -6.69
CA PRO A 50 -10.79 -7.78 -8.03
C PRO A 50 -10.44 -6.54 -8.86
N HIS A 51 -10.40 -5.38 -8.21
CA HIS A 51 -10.11 -4.13 -8.93
C HIS A 51 -8.67 -4.09 -9.44
N LYS A 52 -7.74 -4.63 -8.64
CA LYS A 52 -6.30 -4.59 -8.93
C LYS A 52 -5.86 -3.16 -9.27
N HIS A 53 -6.33 -2.20 -8.49
CA HIS A 53 -6.06 -0.80 -8.78
C HIS A 53 -4.67 -0.41 -8.33
N ALA A 54 -4.13 -1.10 -7.32
CA ALA A 54 -2.80 -0.78 -6.80
C ALA A 54 -1.72 -0.88 -7.87
N THR A 55 -1.84 -1.87 -8.73
CA THR A 55 -0.87 -2.08 -9.80
C THR A 55 -1.03 -1.04 -10.89
N ARG A 56 -2.26 -0.84 -11.31
CA ARG A 56 -2.59 0.15 -12.34
C ARG A 56 -2.27 1.56 -11.85
N HIS A 57 -2.48 1.80 -10.57
CA HIS A 57 -2.17 3.08 -9.95
C HIS A 57 -0.68 3.38 -10.04
N PHE A 58 0.14 2.33 -9.91
CA PHE A 58 1.58 2.46 -10.10
C PHE A 58 1.88 2.91 -11.53
N HIS A 59 1.19 2.31 -12.48
CA HIS A 59 1.36 2.66 -13.89
C HIS A 59 0.91 4.10 -14.15
N ALA A 60 -0.11 4.54 -13.42
CA ALA A 60 -0.68 5.87 -13.62
C ALA A 60 0.18 6.96 -12.98
N THR A 61 0.51 6.79 -11.70
CA THR A 61 1.20 7.84 -10.96
C THR A 61 2.71 7.62 -10.88
N GLY A 62 3.13 6.37 -10.96
CA GLY A 62 4.55 6.06 -10.83
C GLY A 62 4.99 5.96 -9.39
N HIS A 63 4.22 5.23 -8.59
CA HIS A 63 4.57 5.02 -7.18
C HIS A 63 4.97 3.57 -6.95
N PRO A 64 6.29 3.30 -6.99
CA PRO A 64 6.82 1.93 -7.03
C PRO A 64 6.98 1.26 -5.66
N ILE A 65 6.74 2.00 -4.59
CA ILE A 65 6.89 1.43 -3.26
C ILE A 65 5.61 1.55 -2.45
N ILE A 66 5.20 0.41 -1.90
CA ILE A 66 3.96 0.31 -1.14
C ILE A 66 4.23 -0.26 0.26
N GLU A 67 3.55 0.32 1.23
CA GLU A 67 3.57 -0.13 2.62
C GLU A 67 2.46 -1.16 2.82
N GLY A 68 2.69 -2.11 3.71
CA GLY A 68 1.68 -3.10 4.01
C GLY A 68 0.63 -2.55 4.94
N TYR A 69 -0.52 -2.20 4.40
CA TYR A 69 -1.59 -1.62 5.19
C TYR A 69 -2.44 -2.71 5.81
N ASP A 70 -2.58 -3.82 5.10
CA ASP A 70 -3.30 -4.99 5.62
C ASP A 70 -2.51 -5.64 6.77
N PRO A 71 -1.21 -5.94 6.57
CA PRO A 71 -0.31 -6.29 7.65
C PRO A 71 0.61 -5.12 8.02
N PRO A 72 0.15 -4.19 8.87
CA PRO A 72 0.91 -3.00 9.23
C PRO A 72 2.08 -3.31 10.15
N GLU A 73 3.11 -3.91 9.58
CA GLU A 73 4.29 -4.29 10.34
C GLU A 73 5.46 -3.40 9.99
N GLY A 74 5.29 -2.60 8.94
CA GLY A 74 6.36 -1.74 8.49
C GLY A 74 7.25 -2.44 7.50
N TRP A 75 6.83 -2.47 6.24
CA TRP A 75 7.58 -3.11 5.18
C TRP A 75 7.17 -2.55 3.84
N GLY A 76 8.08 -2.58 2.88
CA GLY A 76 7.81 -2.00 1.59
C GLY A 76 8.04 -2.96 0.46
N TRP A 77 7.09 -3.00 -0.46
CA TRP A 77 7.24 -3.78 -1.68
C TRP A 77 7.61 -2.85 -2.83
N CYS A 78 8.68 -3.18 -3.53
CA CYS A 78 9.12 -2.38 -4.67
C CYS A 78 8.67 -3.04 -5.96
N TYR A 79 7.64 -2.46 -6.59
CA TYR A 79 6.97 -3.06 -7.76
C TYR A 79 7.95 -3.59 -8.82
N VAL A 80 8.61 -2.70 -9.53
CA VAL A 80 9.47 -3.09 -10.66
C VAL A 80 10.61 -4.00 -10.23
N ASP A 81 11.00 -3.91 -8.97
CA ASP A 81 12.10 -4.70 -8.45
C ASP A 81 11.61 -6.09 -8.05
N GLU A 82 10.35 -6.14 -7.62
CA GLU A 82 9.72 -7.37 -7.13
C GLU A 82 10.41 -7.87 -5.87
N VAL A 83 10.98 -6.95 -5.11
CA VAL A 83 11.62 -7.29 -3.84
C VAL A 83 10.92 -6.59 -2.69
N MET A 84 10.90 -7.26 -1.54
CA MET A 84 10.32 -6.72 -0.34
C MET A 84 11.43 -6.32 0.63
N PHE A 85 11.16 -5.32 1.45
CA PHE A 85 12.12 -4.90 2.46
C PHE A 85 11.37 -4.41 3.69
N ASP A 86 12.08 -4.20 4.79
CA ASP A 86 11.43 -3.77 6.02
C ASP A 86 11.48 -2.25 6.15
N LEU A 87 10.45 -1.70 6.75
CA LEU A 87 10.36 -0.26 6.97
C LEU A 87 9.92 0.01 8.41
N SER A 88 10.36 -0.85 9.32
CA SER A 88 9.94 -0.78 10.72
C SER A 88 10.20 0.60 11.33
N ASP A 89 11.32 1.21 10.96
CA ASP A 89 11.69 2.53 11.49
C ASP A 89 10.79 3.63 10.96
N ARG A 90 10.13 3.37 9.84
CA ARG A 90 9.31 4.39 9.19
C ARG A 90 7.91 3.86 8.92
N MET A 91 7.48 2.88 9.70
CA MET A 91 6.23 2.16 9.43
C MET A 91 5.01 3.07 9.44
N THR A 92 4.09 2.81 8.52
CA THR A 92 2.84 3.56 8.46
C THR A 92 1.71 2.76 9.10
N PRO A 93 1.20 3.21 10.26
CA PRO A 93 0.12 2.54 10.98
C PRO A 93 -1.24 2.78 10.33
N HIS A 94 -2.22 1.92 10.65
CA HIS A 94 -3.56 2.06 10.09
C HIS A 94 -4.23 3.33 10.60
N ASN A 95 -5.13 3.88 9.81
CA ASN A 95 -5.83 5.12 10.19
C ASN A 95 -6.79 4.85 11.34
N GLY A 96 -7.67 3.88 11.17
CA GLY A 96 -8.65 3.56 12.19
C GLY A 96 -9.17 2.14 12.06
N PRO A 97 -10.37 1.86 12.60
CA PRO A 97 -10.99 0.53 12.52
C PRO A 97 -11.33 0.15 11.09
N ILE A 98 -10.64 -0.86 10.58
CA ILE A 98 -10.83 -1.31 9.21
C ILE A 98 -11.84 -2.45 9.16
N PRO A 99 -12.86 -2.33 8.30
CA PRO A 99 -13.85 -3.40 8.08
C PRO A 99 -13.19 -4.64 7.49
N ARG A 100 -13.01 -5.65 8.32
CA ARG A 100 -12.35 -6.87 7.89
C ARG A 100 -13.33 -7.79 7.19
N TYR A 101 -12.96 -8.24 6.00
CA TYR A 101 -13.79 -9.16 5.25
C TYR A 101 -13.16 -10.56 5.26
N VAL A 102 -11.93 -10.65 4.77
CA VAL A 102 -11.21 -11.92 4.76
C VAL A 102 -9.96 -11.83 5.63
ZN ZN B . 12.93 -0.25 -6.55
ZN ZN C . 0.26 6.45 -5.04
N MET A 1 12.06 -11.31 2.75
CA MET A 1 12.10 -9.84 2.62
C MET A 1 13.53 -9.38 2.36
N THR A 2 13.65 -8.18 1.80
CA THR A 2 14.95 -7.59 1.55
C THR A 2 15.03 -6.24 2.26
N MET A 3 16.06 -5.45 1.95
CA MET A 3 16.21 -4.13 2.55
C MET A 3 15.89 -3.05 1.54
N GLY A 4 15.83 -1.81 2.03
CA GLY A 4 15.46 -0.67 1.18
C GLY A 4 16.29 -0.55 -0.07
N CYS A 5 15.67 -0.07 -1.14
CA CYS A 5 16.35 0.14 -2.40
C CYS A 5 16.51 1.64 -2.65
N ARG A 6 17.25 1.99 -3.70
CA ARG A 6 17.51 3.39 -4.06
C ARG A 6 16.24 4.23 -4.10
N HIS A 7 15.12 3.61 -4.46
CA HIS A 7 13.83 4.29 -4.55
C HIS A 7 13.35 4.76 -3.18
N VAL A 8 13.83 4.11 -2.12
CA VAL A 8 13.44 4.43 -0.76
C VAL A 8 13.83 5.88 -0.41
N ALA A 9 14.90 6.37 -1.02
CA ALA A 9 15.34 7.73 -0.79
C ALA A 9 14.36 8.73 -1.40
N GLY A 10 13.56 8.26 -2.35
CA GLY A 10 12.61 9.13 -3.02
C GLY A 10 11.27 9.19 -2.31
N ILE A 11 10.88 8.09 -1.67
CA ILE A 11 9.59 8.02 -0.99
C ILE A 11 9.63 8.79 0.33
N ARG A 12 8.47 9.27 0.75
CA ARG A 12 8.34 9.98 2.01
C ARG A 12 7.33 9.26 2.90
N THR A 13 7.17 9.72 4.13
CA THR A 13 6.08 9.24 4.96
C THR A 13 4.79 9.93 4.56
N VAL A 14 3.84 9.14 4.13
CA VAL A 14 2.62 9.69 3.55
C VAL A 14 1.43 9.52 4.49
N THR A 15 0.44 10.36 4.30
CA THR A 15 -0.76 10.34 5.11
C THR A 15 -1.86 9.53 4.40
N PRO A 16 -2.44 8.54 5.09
CA PRO A 16 -3.51 7.72 4.53
C PRO A 16 -4.76 8.54 4.25
N SER A 17 -5.21 8.50 3.00
CA SER A 17 -6.40 9.25 2.60
C SER A 17 -7.66 8.67 3.25
N ALA A 18 -7.67 7.37 3.48
CA ALA A 18 -8.80 6.70 4.09
C ALA A 18 -8.36 5.49 4.90
N LEU A 19 -9.32 4.78 5.47
CA LEU A 19 -9.04 3.56 6.21
C LEU A 19 -8.64 2.44 5.26
N GLY A 20 -9.55 2.07 4.37
CA GLY A 20 -9.29 1.00 3.44
C GLY A 20 -9.13 1.51 2.02
N CYS A 21 -9.45 0.66 1.06
CA CYS A 21 -9.33 1.01 -0.36
C CYS A 21 -10.33 2.09 -0.72
N GLU A 22 -9.82 3.28 -1.03
CA GLU A 22 -10.64 4.42 -1.44
C GLU A 22 -11.59 4.03 -2.57
N GLU A 23 -11.05 3.34 -3.56
CA GLU A 23 -11.81 2.92 -4.72
C GLU A 23 -12.96 1.99 -4.33
N CYS A 24 -12.68 1.03 -3.48
CA CYS A 24 -13.70 0.07 -3.07
C CYS A 24 -14.79 0.76 -2.26
N LEU A 25 -14.44 1.82 -1.54
CA LEU A 25 -15.39 2.52 -0.69
C LEU A 25 -16.47 3.24 -1.50
N LYS A 26 -16.19 3.54 -2.76
CA LYS A 26 -17.12 4.29 -3.60
C LYS A 26 -18.32 3.43 -3.99
N ILE A 27 -18.17 2.12 -3.92
CA ILE A 27 -19.23 1.20 -4.31
C ILE A 27 -19.57 0.21 -3.20
N GLY A 28 -18.81 0.25 -2.12
CA GLY A 28 -19.01 -0.69 -1.04
C GLY A 28 -18.46 -2.06 -1.37
N SER A 29 -17.24 -2.09 -1.89
CA SER A 29 -16.59 -3.33 -2.26
C SER A 29 -15.59 -3.74 -1.18
N PRO A 30 -15.49 -5.04 -0.90
CA PRO A 30 -14.51 -5.58 0.05
C PRO A 30 -13.09 -5.54 -0.51
N TRP A 31 -12.12 -5.86 0.33
CA TRP A 31 -10.72 -5.91 -0.08
C TRP A 31 -9.97 -6.95 0.74
N VAL A 32 -8.86 -7.41 0.20
CA VAL A 32 -8.04 -8.42 0.87
C VAL A 32 -6.97 -7.73 1.72
N HIS A 33 -6.01 -7.11 1.07
CA HIS A 33 -4.94 -6.42 1.79
C HIS A 33 -4.84 -4.98 1.29
N LEU A 34 -4.48 -4.09 2.20
CA LEU A 34 -4.30 -2.70 1.86
C LEU A 34 -2.84 -2.40 1.59
N ARG A 35 -2.58 -1.68 0.53
CA ARG A 35 -1.24 -1.19 0.25
C ARG A 35 -1.29 0.31 0.00
N ILE A 36 -0.61 1.06 0.85
CA ILE A 36 -0.63 2.51 0.77
C ILE A 36 0.58 2.99 -0.01
N CYS A 37 0.29 3.76 -1.03
CA CYS A 37 1.30 4.22 -1.95
C CYS A 37 2.16 5.30 -1.31
N ARG A 38 3.43 4.98 -1.08
CA ARG A 38 4.35 5.83 -0.31
C ARG A 38 4.78 7.09 -1.06
N THR A 39 4.16 7.35 -2.20
CA THR A 39 4.50 8.54 -2.98
C THR A 39 3.38 9.58 -2.91
N CYS A 40 2.13 9.13 -2.88
CA CYS A 40 1.01 10.07 -2.91
C CYS A 40 0.03 9.82 -1.76
N GLY A 41 0.35 8.84 -0.92
CA GLY A 41 -0.43 8.64 0.31
C GLY A 41 -1.78 8.01 0.08
N HIS A 42 -2.02 7.52 -1.13
CA HIS A 42 -3.32 6.93 -1.43
C HIS A 42 -3.29 5.43 -1.24
N VAL A 43 -4.38 4.89 -0.74
CA VAL A 43 -4.48 3.47 -0.44
C VAL A 43 -5.10 2.73 -1.61
N GLY A 44 -4.40 1.71 -2.09
CA GLY A 44 -4.88 0.96 -3.23
C GLY A 44 -5.12 -0.49 -2.88
N CYS A 45 -6.06 -1.10 -3.58
CA CYS A 45 -6.34 -2.51 -3.44
C CYS A 45 -5.23 -3.33 -4.08
N CYS A 46 -4.66 -4.24 -3.31
CA CYS A 46 -3.51 -5.01 -3.73
C CYS A 46 -3.85 -6.00 -4.84
N ASP A 47 -2.83 -6.71 -5.32
CA ASP A 47 -3.00 -7.70 -6.38
C ASP A 47 -3.68 -8.97 -5.85
N ASP A 48 -3.89 -9.03 -4.54
CA ASP A 48 -4.66 -10.13 -3.95
C ASP A 48 -6.14 -9.91 -4.25
N SER A 49 -6.48 -8.66 -4.52
CA SER A 49 -7.87 -8.29 -4.78
C SER A 49 -8.17 -8.37 -6.28
N PRO A 50 -9.41 -8.72 -6.64
CA PRO A 50 -9.84 -8.78 -8.06
C PRO A 50 -9.81 -7.41 -8.74
N HIS A 51 -9.61 -6.35 -7.95
CA HIS A 51 -9.50 -5.01 -8.50
C HIS A 51 -8.10 -4.75 -9.03
N LYS A 52 -7.09 -4.90 -8.16
CA LYS A 52 -5.69 -4.64 -8.51
C LYS A 52 -5.49 -3.20 -8.98
N HIS A 53 -6.13 -2.26 -8.31
CA HIS A 53 -5.99 -0.85 -8.69
C HIS A 53 -4.62 -0.31 -8.28
N ALA A 54 -4.01 -0.95 -7.28
CA ALA A 54 -2.69 -0.53 -6.82
C ALA A 54 -1.62 -0.74 -7.87
N THR A 55 -1.66 -1.90 -8.52
CA THR A 55 -0.67 -2.24 -9.54
C THR A 55 -0.84 -1.36 -10.77
N ARG A 56 -2.09 -1.21 -11.21
CA ARG A 56 -2.40 -0.38 -12.38
C ARG A 56 -2.10 1.09 -12.09
N HIS A 57 -2.14 1.45 -10.80
CA HIS A 57 -1.84 2.80 -10.37
C HIS A 57 -0.39 3.17 -10.68
N PHE A 58 0.50 2.18 -10.58
CA PHE A 58 1.91 2.41 -10.87
C PHE A 58 2.12 2.79 -12.32
N HIS A 59 1.45 2.08 -13.22
CA HIS A 59 1.58 2.35 -14.64
C HIS A 59 1.05 3.74 -14.98
N ALA A 60 0.12 4.22 -14.18
CA ALA A 60 -0.50 5.52 -14.40
C ALA A 60 0.36 6.66 -13.83
N THR A 61 0.66 6.60 -12.55
CA THR A 61 1.33 7.70 -11.86
C THR A 61 2.85 7.54 -11.86
N GLY A 62 3.33 6.32 -12.04
CA GLY A 62 4.75 6.07 -11.97
C GLY A 62 5.26 6.08 -10.53
N HIS A 63 4.49 5.49 -9.64
CA HIS A 63 4.85 5.42 -8.22
C HIS A 63 5.23 3.98 -7.86
N PRO A 64 6.54 3.71 -7.76
CA PRO A 64 7.07 2.34 -7.71
C PRO A 64 7.01 1.67 -6.34
N ILE A 65 6.71 2.43 -5.29
CA ILE A 65 6.73 1.86 -3.94
C ILE A 65 5.39 2.00 -3.23
N ILE A 66 4.89 0.88 -2.75
CA ILE A 66 3.68 0.85 -1.93
C ILE A 66 3.93 0.09 -0.64
N GLU A 67 3.35 0.56 0.44
CA GLU A 67 3.57 -0.03 1.75
C GLU A 67 2.41 -0.94 2.13
N GLY A 68 2.71 -2.02 2.85
CA GLY A 68 1.66 -2.87 3.36
C GLY A 68 0.95 -2.23 4.54
N TYR A 69 -0.21 -1.65 4.27
CA TYR A 69 -0.93 -0.86 5.26
C TYR A 69 -1.75 -1.77 6.17
N ASP A 70 -2.35 -2.79 5.60
CA ASP A 70 -3.13 -3.76 6.37
C ASP A 70 -2.23 -4.74 7.13
N PRO A 71 -1.27 -5.42 6.46
CA PRO A 71 -0.38 -6.36 7.13
C PRO A 71 0.44 -5.69 8.23
N PRO A 72 0.28 -6.14 9.48
CA PRO A 72 1.00 -5.59 10.63
C PRO A 72 2.50 -5.83 10.57
N GLU A 73 2.94 -6.54 9.51
CA GLU A 73 4.35 -6.80 9.29
C GLU A 73 5.12 -5.50 9.08
N GLY A 74 4.53 -4.60 8.30
CA GLY A 74 5.19 -3.35 7.97
C GLY A 74 6.27 -3.54 6.93
N TRP A 75 5.87 -3.63 5.66
CA TRP A 75 6.82 -3.81 4.58
C TRP A 75 6.45 -2.94 3.39
N GLY A 76 7.38 -2.79 2.46
CA GLY A 76 7.14 -2.02 1.27
C GLY A 76 7.43 -2.82 0.02
N TRP A 77 6.54 -2.71 -0.96
CA TRP A 77 6.68 -3.43 -2.21
C TRP A 77 7.13 -2.46 -3.30
N CYS A 78 8.13 -2.86 -4.06
CA CYS A 78 8.62 -2.05 -5.15
C CYS A 78 8.38 -2.77 -6.47
N TYR A 79 7.56 -2.16 -7.32
CA TYR A 79 7.11 -2.81 -8.56
C TYR A 79 8.27 -3.22 -9.48
N VAL A 80 8.98 -2.24 -10.02
CA VAL A 80 10.05 -2.50 -10.99
C VAL A 80 11.19 -3.32 -10.39
N ASP A 81 11.30 -3.31 -9.07
CA ASP A 81 12.35 -4.07 -8.38
C ASP A 81 11.88 -5.49 -8.14
N GLU A 82 10.58 -5.63 -7.88
CA GLU A 82 9.96 -6.89 -7.51
C GLU A 82 10.51 -7.41 -6.19
N VAL A 83 10.94 -6.48 -5.35
CA VAL A 83 11.46 -6.82 -4.04
C VAL A 83 10.56 -6.26 -2.95
N MET A 84 10.40 -7.04 -1.89
CA MET A 84 9.64 -6.62 -0.73
C MET A 84 10.58 -6.35 0.44
N PHE A 85 10.69 -5.09 0.83
CA PHE A 85 11.62 -4.71 1.88
C PHE A 85 10.88 -4.30 3.14
N ASP A 86 11.51 -4.47 4.28
CA ASP A 86 10.87 -4.15 5.56
C ASP A 86 10.80 -2.65 5.78
N LEU A 87 9.63 -2.19 6.23
CA LEU A 87 9.40 -0.79 6.52
C LEU A 87 8.77 -0.64 7.90
N SER A 88 8.92 -1.67 8.75
CA SER A 88 8.21 -1.73 10.02
C SER A 88 8.56 -0.54 10.92
N ASP A 89 9.79 -0.07 10.83
CA ASP A 89 10.24 1.06 11.63
C ASP A 89 9.76 2.38 11.03
N ARG A 90 9.41 2.35 9.75
CA ARG A 90 9.10 3.57 9.01
C ARG A 90 7.70 3.49 8.42
N MET A 91 6.84 2.67 8.98
CA MET A 91 5.55 2.38 8.36
C MET A 91 4.51 3.43 8.70
N THR A 92 3.40 3.38 7.97
CA THR A 92 2.35 4.37 8.07
C THR A 92 1.35 4.02 9.17
N PRO A 93 1.08 4.96 10.08
CA PRO A 93 0.09 4.78 11.15
C PRO A 93 -1.32 4.68 10.59
N HIS A 94 -2.10 3.74 11.11
CA HIS A 94 -3.48 3.59 10.70
C HIS A 94 -4.34 4.65 11.39
N ASN A 95 -5.14 5.35 10.61
CA ASN A 95 -5.92 6.50 11.12
C ASN A 95 -7.17 6.04 11.84
N GLY A 96 -7.31 4.73 12.00
CA GLY A 96 -8.44 4.17 12.72
C GLY A 96 -8.50 2.68 12.54
N PRO A 97 -9.41 1.99 13.24
CA PRO A 97 -9.62 0.55 13.07
C PRO A 97 -10.06 0.22 11.65
N ILE A 98 -9.17 -0.41 10.89
CA ILE A 98 -9.43 -0.72 9.50
C ILE A 98 -10.30 -1.97 9.36
N PRO A 99 -11.37 -1.89 8.54
CA PRO A 99 -12.23 -3.04 8.24
C PRO A 99 -11.50 -4.08 7.39
N ARG A 100 -11.16 -5.20 8.01
CA ARG A 100 -10.50 -6.29 7.31
C ARG A 100 -11.52 -7.41 7.04
N TYR A 101 -11.85 -7.59 5.77
CA TYR A 101 -12.93 -8.49 5.38
C TYR A 101 -12.47 -9.95 5.30
N VAL A 102 -11.18 -10.15 5.05
CA VAL A 102 -10.64 -11.48 4.87
C VAL A 102 -10.18 -12.10 6.19
ZN ZN B . 13.00 0.03 -5.99
ZN ZN C . 0.71 6.86 -5.90
N MET A 1 12.44 -11.39 4.86
CA MET A 1 13.18 -10.12 4.93
C MET A 1 13.99 -9.88 3.66
N THR A 2 14.15 -8.61 3.30
CA THR A 2 14.92 -8.24 2.13
C THR A 2 15.57 -6.88 2.35
N MET A 3 16.76 -6.70 1.80
CA MET A 3 17.45 -5.41 1.86
C MET A 3 16.68 -4.37 1.07
N GLY A 4 16.44 -3.22 1.70
CA GLY A 4 15.79 -2.13 1.02
C GLY A 4 16.60 -1.65 -0.17
N CYS A 5 15.98 -1.68 -1.35
CA CYS A 5 16.68 -1.30 -2.58
C CYS A 5 16.92 0.20 -2.62
N ARG A 6 17.73 0.66 -3.57
CA ARG A 6 18.08 2.09 -3.65
C ARG A 6 16.83 2.96 -3.80
N HIS A 7 15.76 2.39 -4.35
CA HIS A 7 14.49 3.09 -4.48
C HIS A 7 13.91 3.46 -3.11
N VAL A 8 14.28 2.69 -2.08
CA VAL A 8 13.75 2.90 -0.74
C VAL A 8 14.23 4.24 -0.18
N ALA A 9 15.38 4.70 -0.66
CA ALA A 9 15.90 6.00 -0.25
C ALA A 9 15.17 7.13 -0.97
N GLY A 10 14.26 6.76 -1.87
CA GLY A 10 13.52 7.76 -2.63
C GLY A 10 12.08 7.88 -2.17
N ILE A 11 11.67 7.05 -1.23
CA ILE A 11 10.31 7.12 -0.69
C ILE A 11 10.25 8.11 0.46
N ARG A 12 9.10 8.71 0.65
CA ARG A 12 8.91 9.67 1.73
C ARG A 12 7.84 9.18 2.69
N THR A 13 7.75 9.82 3.85
CA THR A 13 6.73 9.50 4.82
C THR A 13 5.41 10.16 4.42
N VAL A 14 4.55 9.37 3.81
CA VAL A 14 3.29 9.86 3.27
C VAL A 14 2.17 9.63 4.27
N THR A 15 1.03 10.26 4.03
CA THR A 15 -0.13 10.10 4.88
C THR A 15 -1.26 9.42 4.11
N PRO A 16 -1.85 8.35 4.70
CA PRO A 16 -2.91 7.57 4.05
C PRO A 16 -4.10 8.43 3.62
N SER A 17 -4.54 8.24 2.38
CA SER A 17 -5.70 8.94 1.85
C SER A 17 -6.95 8.58 2.65
N ALA A 18 -7.06 7.30 2.99
CA ALA A 18 -8.21 6.78 3.72
C ALA A 18 -7.79 5.53 4.48
N LEU A 19 -8.73 4.92 5.19
CA LEU A 19 -8.45 3.72 5.96
C LEU A 19 -8.40 2.52 5.03
N GLY A 20 -9.41 2.41 4.18
CA GLY A 20 -9.47 1.32 3.22
C GLY A 20 -9.28 1.81 1.80
N CYS A 21 -9.62 0.97 0.84
CA CYS A 21 -9.51 1.36 -0.55
C CYS A 21 -10.70 2.23 -0.94
N GLU A 22 -10.45 3.53 -1.05
CA GLU A 22 -11.48 4.53 -1.34
C GLU A 22 -12.33 4.11 -2.54
N GLU A 23 -11.67 3.62 -3.59
CA GLU A 23 -12.36 3.18 -4.81
C GLU A 23 -13.48 2.18 -4.51
N CYS A 24 -13.13 1.07 -3.86
CA CYS A 24 -14.11 0.00 -3.63
C CYS A 24 -15.17 0.44 -2.61
N LEU A 25 -14.78 1.33 -1.70
CA LEU A 25 -15.67 1.84 -0.67
C LEU A 25 -16.90 2.52 -1.27
N LYS A 26 -16.77 3.09 -2.46
CA LYS A 26 -17.86 3.86 -3.06
C LYS A 26 -19.03 2.95 -3.46
N ILE A 27 -18.73 1.67 -3.67
CA ILE A 27 -19.76 0.71 -4.06
C ILE A 27 -19.89 -0.40 -3.03
N GLY A 28 -19.12 -0.30 -1.95
CA GLY A 28 -19.16 -1.32 -0.93
C GLY A 28 -18.57 -2.64 -1.38
N SER A 29 -17.41 -2.56 -2.03
CA SER A 29 -16.73 -3.76 -2.51
C SER A 29 -15.68 -4.19 -1.50
N PRO A 30 -15.76 -5.45 -1.02
CA PRO A 30 -14.85 -5.97 -0.01
C PRO A 30 -13.43 -6.16 -0.54
N TRP A 31 -12.46 -5.64 0.19
CA TRP A 31 -11.07 -5.78 -0.17
C TRP A 31 -10.45 -6.98 0.55
N VAL A 32 -9.34 -7.45 0.03
CA VAL A 32 -8.61 -8.54 0.68
C VAL A 32 -7.38 -7.99 1.37
N HIS A 33 -6.57 -7.24 0.64
CA HIS A 33 -5.37 -6.64 1.18
C HIS A 33 -5.21 -5.22 0.70
N LEU A 34 -4.58 -4.39 1.51
CA LEU A 34 -4.44 -2.96 1.22
C LEU A 34 -2.98 -2.56 1.28
N ARG A 35 -2.55 -1.78 0.30
CA ARG A 35 -1.20 -1.25 0.29
C ARG A 35 -1.22 0.26 0.11
N ILE A 36 -0.35 0.94 0.84
CA ILE A 36 -0.23 2.38 0.75
C ILE A 36 0.99 2.75 -0.08
N CYS A 37 0.74 3.53 -1.10
CA CYS A 37 1.79 3.95 -2.01
C CYS A 37 2.70 4.98 -1.36
N ARG A 38 3.93 4.58 -1.04
CA ARG A 38 4.86 5.41 -0.25
C ARG A 38 5.33 6.65 -1.01
N THR A 39 4.86 6.85 -2.23
CA THR A 39 5.26 8.01 -3.00
C THR A 39 4.28 9.15 -2.86
N CYS A 40 3.01 8.88 -3.14
CA CYS A 40 2.00 9.92 -3.13
C CYS A 40 1.09 9.80 -1.91
N GLY A 41 1.11 8.64 -1.26
CA GLY A 41 0.33 8.44 -0.05
C GLY A 41 -1.04 7.87 -0.31
N HIS A 42 -1.27 7.35 -1.51
CA HIS A 42 -2.60 6.86 -1.84
C HIS A 42 -2.72 5.37 -1.51
N VAL A 43 -3.80 5.01 -0.85
CA VAL A 43 -4.05 3.65 -0.46
C VAL A 43 -4.85 2.91 -1.53
N GLY A 44 -4.50 1.65 -1.78
CA GLY A 44 -5.22 0.87 -2.75
C GLY A 44 -5.18 -0.62 -2.42
N CYS A 45 -6.22 -1.34 -2.82
CA CYS A 45 -6.26 -2.77 -2.61
C CYS A 45 -5.32 -3.48 -3.57
N CYS A 46 -4.76 -4.60 -3.13
CA CYS A 46 -3.76 -5.31 -3.91
C CYS A 46 -4.41 -6.01 -5.11
N ASP A 47 -3.58 -6.62 -5.95
CA ASP A 47 -4.06 -7.28 -7.17
C ASP A 47 -4.85 -8.54 -6.84
N ASP A 48 -4.64 -9.06 -5.63
CA ASP A 48 -5.39 -10.21 -5.15
C ASP A 48 -6.86 -9.82 -4.94
N SER A 49 -7.09 -8.53 -4.74
CA SER A 49 -8.44 -8.01 -4.61
C SER A 49 -8.99 -7.68 -6.01
N PRO A 50 -10.32 -7.81 -6.20
CA PRO A 50 -10.95 -7.72 -7.53
C PRO A 50 -10.84 -6.34 -8.20
N HIS A 51 -10.14 -5.42 -7.56
CA HIS A 51 -9.96 -4.08 -8.12
C HIS A 51 -8.53 -3.85 -8.58
N LYS A 52 -7.58 -4.54 -7.95
CA LYS A 52 -6.15 -4.39 -8.28
C LYS A 52 -5.75 -2.91 -8.30
N HIS A 53 -6.26 -2.16 -7.33
CA HIS A 53 -6.12 -0.71 -7.35
C HIS A 53 -4.67 -0.29 -7.10
N ALA A 54 -3.89 -1.18 -6.50
CA ALA A 54 -2.48 -0.91 -6.24
C ALA A 54 -1.64 -1.05 -7.52
N THR A 55 -1.88 -2.13 -8.26
CA THR A 55 -1.11 -2.41 -9.46
C THR A 55 -1.49 -1.46 -10.60
N ARG A 56 -2.80 -1.26 -10.77
CA ARG A 56 -3.31 -0.30 -11.75
C ARG A 56 -2.71 1.08 -11.54
N HIS A 57 -2.56 1.45 -10.27
CA HIS A 57 -2.02 2.74 -9.91
C HIS A 57 -0.58 2.89 -10.37
N PHE A 58 0.21 1.83 -10.18
CA PHE A 58 1.61 1.85 -10.61
C PHE A 58 1.71 2.09 -12.10
N HIS A 59 0.85 1.44 -12.86
CA HIS A 59 0.86 1.55 -14.31
C HIS A 59 0.51 2.98 -14.75
N ALA A 60 -0.26 3.68 -13.92
CA ALA A 60 -0.71 5.02 -14.26
C ALA A 60 0.29 6.09 -13.83
N THR A 61 0.82 5.97 -12.62
CA THR A 61 1.69 7.00 -12.07
C THR A 61 3.16 6.68 -12.23
N GLY A 62 3.49 5.39 -12.19
CA GLY A 62 4.88 4.99 -12.21
C GLY A 62 5.50 5.00 -10.81
N HIS A 63 4.69 4.65 -9.82
CA HIS A 63 5.14 4.62 -8.43
C HIS A 63 5.40 3.18 -8.02
N PRO A 64 6.66 2.74 -8.05
CA PRO A 64 7.02 1.32 -7.98
C PRO A 64 7.11 0.75 -6.57
N ILE A 65 6.73 1.52 -5.56
CA ILE A 65 6.82 1.04 -4.18
C ILE A 65 5.50 1.23 -3.42
N ILE A 66 5.00 0.14 -2.87
CA ILE A 66 3.82 0.16 -2.03
C ILE A 66 4.11 -0.51 -0.70
N GLU A 67 3.58 0.04 0.38
CA GLU A 67 3.80 -0.49 1.70
C GLU A 67 2.57 -1.27 2.17
N GLY A 68 2.79 -2.36 2.90
CA GLY A 68 1.69 -3.13 3.43
C GLY A 68 0.93 -2.36 4.48
N TYR A 69 -0.26 -1.86 4.11
CA TYR A 69 -1.04 -1.03 5.02
C TYR A 69 -2.04 -1.88 5.81
N ASP A 70 -2.53 -2.95 5.21
CA ASP A 70 -3.46 -3.84 5.89
C ASP A 70 -2.74 -4.79 6.87
N PRO A 71 -1.50 -5.28 6.56
CA PRO A 71 -0.72 -6.04 7.51
C PRO A 71 0.34 -5.19 8.22
N PRO A 72 0.13 -4.92 9.52
CA PRO A 72 1.07 -4.13 10.33
C PRO A 72 2.39 -4.85 10.62
N GLU A 73 2.83 -5.65 9.66
CA GLU A 73 4.09 -6.38 9.79
C GLU A 73 5.26 -5.43 9.49
N GLY A 74 5.00 -4.45 8.65
CA GLY A 74 6.02 -3.48 8.29
C GLY A 74 6.88 -3.97 7.15
N TRP A 75 6.36 -3.91 5.94
CA TRP A 75 7.12 -4.30 4.77
C TRP A 75 6.64 -3.54 3.53
N GLY A 76 7.49 -3.46 2.53
CA GLY A 76 7.16 -2.76 1.32
C GLY A 76 7.47 -3.58 0.09
N TRP A 77 6.65 -3.44 -0.94
CA TRP A 77 6.81 -4.18 -2.16
C TRP A 77 7.27 -3.25 -3.28
N CYS A 78 8.28 -3.66 -4.00
CA CYS A 78 8.79 -2.89 -5.12
C CYS A 78 8.50 -3.63 -6.41
N TYR A 79 7.58 -3.08 -7.21
CA TYR A 79 7.09 -3.75 -8.41
C TYR A 79 8.22 -4.20 -9.35
N VAL A 80 9.01 -3.25 -9.81
CA VAL A 80 10.07 -3.53 -10.79
C VAL A 80 11.18 -4.41 -10.22
N ASP A 81 11.30 -4.45 -8.89
CA ASP A 81 12.33 -5.23 -8.24
C ASP A 81 11.82 -6.63 -7.94
N GLU A 82 10.51 -6.73 -7.68
CA GLU A 82 9.85 -7.99 -7.37
C GLU A 82 10.30 -8.50 -6.00
N VAL A 83 10.81 -7.60 -5.18
CA VAL A 83 11.27 -7.96 -3.84
C VAL A 83 10.40 -7.29 -2.78
N MET A 84 10.22 -7.99 -1.68
CA MET A 84 9.47 -7.47 -0.54
C MET A 84 10.43 -7.21 0.62
N PHE A 85 10.69 -5.95 0.89
CA PHE A 85 11.67 -5.57 1.92
C PHE A 85 10.97 -5.11 3.19
N ASP A 86 11.75 -4.99 4.26
CA ASP A 86 11.20 -4.66 5.56
C ASP A 86 11.09 -3.15 5.75
N LEU A 87 9.94 -2.71 6.22
CA LEU A 87 9.70 -1.31 6.52
C LEU A 87 9.19 -1.16 7.94
N SER A 88 9.56 -2.11 8.80
CA SER A 88 9.07 -2.12 10.17
C SER A 88 9.59 -0.92 10.97
N ASP A 89 10.61 -0.24 10.44
CA ASP A 89 11.18 0.91 11.13
C ASP A 89 10.73 2.21 10.49
N ARG A 90 10.01 2.12 9.37
CA ARG A 90 9.59 3.31 8.63
C ARG A 90 8.11 3.25 8.26
N MET A 91 7.41 2.26 8.80
CA MET A 91 6.01 2.01 8.40
C MET A 91 5.11 3.21 8.70
N THR A 92 4.13 3.40 7.82
CA THR A 92 3.22 4.53 7.90
C THR A 92 2.25 4.39 9.06
N PRO A 93 2.09 5.46 9.86
CA PRO A 93 1.12 5.49 10.95
C PRO A 93 -0.32 5.43 10.43
N HIS A 94 -1.03 4.37 10.80
CA HIS A 94 -2.41 4.19 10.35
C HIS A 94 -3.30 5.32 10.84
N ASN A 95 -4.23 5.74 9.99
CA ASN A 95 -5.09 6.88 10.30
C ASN A 95 -6.37 6.43 11.01
N GLY A 96 -6.52 5.14 11.20
CA GLY A 96 -7.69 4.62 11.89
C GLY A 96 -7.75 3.11 11.85
N PRO A 97 -8.78 2.50 12.46
CA PRO A 97 -8.98 1.06 12.45
C PRO A 97 -9.57 0.58 11.13
N ILE A 98 -8.82 -0.22 10.41
CA ILE A 98 -9.25 -0.72 9.11
C ILE A 98 -10.16 -1.94 9.27
N PRO A 99 -11.35 -1.91 8.64
CA PRO A 99 -12.27 -3.05 8.66
C PRO A 99 -11.63 -4.30 8.05
N ARG A 100 -11.43 -5.30 8.88
CA ARG A 100 -10.77 -6.53 8.44
C ARG A 100 -11.81 -7.54 7.98
N TYR A 101 -11.90 -7.74 6.67
CA TYR A 101 -12.81 -8.72 6.12
C TYR A 101 -12.18 -10.11 6.13
N VAL A 102 -10.85 -10.15 6.03
CA VAL A 102 -10.12 -11.40 6.02
C VAL A 102 -9.33 -11.59 7.31
ZN ZN B . 13.26 -1.06 -6.11
ZN ZN C . 1.36 6.64 -5.97
N MET A 1 12.40 -11.56 3.24
CA MET A 1 12.43 -10.08 3.16
C MET A 1 13.85 -9.60 2.89
N THR A 2 13.96 -8.40 2.35
CA THR A 2 15.25 -7.80 2.05
C THR A 2 15.49 -6.56 2.91
N MET A 3 16.58 -5.86 2.66
CA MET A 3 16.89 -4.64 3.40
C MET A 3 16.19 -3.45 2.76
N GLY A 4 16.15 -3.44 1.43
CA GLY A 4 15.53 -2.36 0.71
C GLY A 4 16.18 -2.13 -0.64
N CYS A 5 16.20 -0.89 -1.09
CA CYS A 5 16.81 -0.54 -2.36
C CYS A 5 16.97 0.97 -2.44
N ARG A 6 17.63 1.46 -3.50
CA ARG A 6 17.90 2.89 -3.66
C ARG A 6 16.62 3.73 -3.63
N HIS A 7 15.52 3.13 -4.07
CA HIS A 7 14.22 3.80 -4.06
C HIS A 7 13.76 4.13 -2.65
N VAL A 8 14.25 3.38 -1.67
CA VAL A 8 13.84 3.54 -0.28
C VAL A 8 14.21 4.93 0.23
N ALA A 9 15.27 5.52 -0.34
CA ALA A 9 15.72 6.84 0.07
C ALA A 9 14.76 7.94 -0.42
N GLY A 10 13.69 7.54 -1.09
CA GLY A 10 12.74 8.50 -1.59
C GLY A 10 11.35 8.33 -1.01
N ILE A 11 11.21 7.44 -0.03
CA ILE A 11 9.92 7.24 0.61
C ILE A 11 9.85 7.95 1.96
N ARG A 12 8.66 8.44 2.30
CA ARG A 12 8.46 9.14 3.55
C ARG A 12 7.21 8.61 4.25
N THR A 13 6.98 9.03 5.48
CA THR A 13 5.78 8.65 6.20
C THR A 13 4.61 9.52 5.74
N VAL A 14 3.80 8.96 4.86
CA VAL A 14 2.76 9.71 4.18
C VAL A 14 1.43 9.66 4.94
N THR A 15 0.59 10.65 4.68
CA THR A 15 -0.71 10.72 5.30
C THR A 15 -1.72 9.86 4.54
N PRO A 16 -2.38 8.91 5.23
CA PRO A 16 -3.38 8.04 4.62
C PRO A 16 -4.57 8.82 4.08
N SER A 17 -4.79 8.71 2.77
CA SER A 17 -5.89 9.39 2.11
C SER A 17 -7.22 8.69 2.40
N ALA A 18 -7.15 7.38 2.64
CA ALA A 18 -8.33 6.60 2.93
C ALA A 18 -8.00 5.53 3.97
N LEU A 19 -9.02 4.98 4.61
CA LEU A 19 -8.82 3.92 5.59
C LEU A 19 -8.46 2.63 4.88
N GLY A 20 -9.06 2.43 3.73
CA GLY A 20 -8.78 1.27 2.91
C GLY A 20 -8.91 1.59 1.44
N CYS A 21 -9.68 0.78 0.73
CA CYS A 21 -9.93 1.05 -0.67
C CYS A 21 -11.15 1.95 -0.80
N GLU A 22 -10.89 3.21 -1.09
CA GLU A 22 -11.92 4.25 -1.11
C GLU A 22 -13.04 3.95 -2.11
N GLU A 23 -12.65 3.42 -3.27
CA GLU A 23 -13.62 3.09 -4.32
C GLU A 23 -14.52 1.94 -3.88
N CYS A 24 -13.94 0.89 -3.33
CA CYS A 24 -14.71 -0.25 -2.87
C CYS A 24 -15.74 0.17 -1.82
N LEU A 25 -15.39 1.17 -1.02
CA LEU A 25 -16.26 1.64 0.04
C LEU A 25 -17.49 2.38 -0.48
N LYS A 26 -17.47 2.78 -1.75
CA LYS A 26 -18.59 3.52 -2.32
C LYS A 26 -19.73 2.56 -2.66
N ILE A 27 -19.42 1.29 -2.84
CA ILE A 27 -20.43 0.30 -3.19
C ILE A 27 -20.47 -0.85 -2.18
N GLY A 28 -19.64 -0.76 -1.16
CA GLY A 28 -19.58 -1.81 -0.15
C GLY A 28 -18.92 -3.07 -0.68
N SER A 29 -17.88 -2.89 -1.48
CA SER A 29 -17.15 -4.01 -2.06
C SER A 29 -16.03 -4.46 -1.13
N PRO A 30 -15.97 -5.77 -0.86
CA PRO A 30 -14.91 -6.34 -0.02
C PRO A 30 -13.59 -6.46 -0.77
N TRP A 31 -12.50 -6.15 -0.08
CA TRP A 31 -11.17 -6.27 -0.64
C TRP A 31 -10.43 -7.44 -0.03
N VAL A 32 -9.25 -7.73 -0.54
CA VAL A 32 -8.43 -8.80 0.02
C VAL A 32 -7.29 -8.21 0.84
N HIS A 33 -6.45 -7.40 0.19
CA HIS A 33 -5.36 -6.73 0.88
C HIS A 33 -5.29 -5.26 0.49
N LEU A 34 -4.67 -4.45 1.34
CA LEU A 34 -4.56 -3.02 1.12
C LEU A 34 -3.12 -2.57 1.25
N ARG A 35 -2.76 -1.56 0.46
CA ARG A 35 -1.41 -1.02 0.48
C ARG A 35 -1.43 0.51 0.48
N ILE A 36 -0.62 1.10 1.34
CA ILE A 36 -0.46 2.53 1.38
C ILE A 36 0.78 2.93 0.59
N CYS A 37 0.57 3.76 -0.40
CA CYS A 37 1.63 4.20 -1.28
C CYS A 37 2.51 5.24 -0.59
N ARG A 38 3.74 4.84 -0.25
CA ARG A 38 4.63 5.64 0.60
C ARG A 38 5.14 6.90 -0.09
N THR A 39 4.64 7.18 -1.29
CA THR A 39 5.09 8.36 -2.02
C THR A 39 4.07 9.50 -1.92
N CYS A 40 2.79 9.16 -1.87
CA CYS A 40 1.74 10.18 -1.92
C CYS A 40 0.72 9.99 -0.80
N GLY A 41 0.68 8.80 -0.21
CA GLY A 41 -0.24 8.57 0.91
C GLY A 41 -1.56 7.95 0.47
N HIS A 42 -1.65 7.54 -0.79
CA HIS A 42 -2.90 7.00 -1.29
C HIS A 42 -2.95 5.50 -1.03
N VAL A 43 -4.03 5.06 -0.41
CA VAL A 43 -4.22 3.66 -0.08
C VAL A 43 -5.04 2.97 -1.17
N GLY A 44 -4.64 1.78 -1.56
CA GLY A 44 -5.37 1.05 -2.56
C GLY A 44 -5.40 -0.43 -2.28
N CYS A 45 -6.34 -1.12 -2.91
CA CYS A 45 -6.41 -2.56 -2.81
C CYS A 45 -5.32 -3.20 -3.66
N CYS A 46 -4.76 -4.31 -3.20
CA CYS A 46 -3.68 -4.98 -3.90
C CYS A 46 -4.20 -5.67 -5.17
N ASP A 47 -3.29 -6.34 -5.88
CA ASP A 47 -3.61 -7.03 -7.12
C ASP A 47 -4.63 -8.15 -6.87
N ASP A 48 -4.53 -8.76 -5.69
CA ASP A 48 -5.47 -9.80 -5.28
C ASP A 48 -6.91 -9.32 -5.31
N SER A 49 -7.11 -8.04 -5.04
CA SER A 49 -8.43 -7.45 -5.04
C SER A 49 -8.83 -7.02 -6.45
N PRO A 50 -10.08 -7.32 -6.86
CA PRO A 50 -10.54 -7.14 -8.26
C PRO A 50 -10.37 -5.72 -8.80
N HIS A 51 -10.37 -4.73 -7.91
CA HIS A 51 -10.25 -3.33 -8.34
C HIS A 51 -8.79 -2.96 -8.66
N LYS A 52 -7.86 -3.82 -8.23
CA LYS A 52 -6.42 -3.70 -8.53
C LYS A 52 -5.92 -2.25 -8.52
N HIS A 53 -6.15 -1.53 -7.43
CA HIS A 53 -5.70 -0.15 -7.33
C HIS A 53 -4.20 -0.06 -7.08
N ALA A 54 -3.61 -1.16 -6.67
CA ALA A 54 -2.18 -1.20 -6.43
C ALA A 54 -1.40 -1.10 -7.75
N THR A 55 -1.80 -1.89 -8.73
CA THR A 55 -1.10 -1.94 -10.00
C THR A 55 -1.38 -0.72 -10.86
N ARG A 56 -2.66 -0.40 -11.02
CA ARG A 56 -3.07 0.70 -11.89
C ARG A 56 -2.53 2.04 -11.40
N HIS A 57 -2.48 2.22 -10.08
CA HIS A 57 -1.95 3.46 -9.50
C HIS A 57 -0.48 3.64 -9.86
N PHE A 58 0.27 2.55 -9.87
CA PHE A 58 1.69 2.60 -10.19
C PHE A 58 1.90 3.09 -11.61
N HIS A 59 1.11 2.57 -12.54
CA HIS A 59 1.23 2.94 -13.94
C HIS A 59 0.73 4.38 -14.16
N ALA A 60 -0.19 4.81 -13.31
CA ALA A 60 -0.79 6.13 -13.43
C ALA A 60 0.12 7.23 -12.89
N THR A 61 0.73 6.99 -11.74
CA THR A 61 1.55 8.02 -11.09
C THR A 61 3.04 7.77 -11.27
N GLY A 62 3.44 6.51 -11.23
CA GLY A 62 4.85 6.18 -11.26
C GLY A 62 5.42 6.12 -9.85
N HIS A 63 4.70 5.47 -8.95
CA HIS A 63 5.12 5.34 -7.56
C HIS A 63 5.39 3.89 -7.25
N PRO A 64 6.68 3.48 -7.27
CA PRO A 64 7.07 2.08 -7.27
C PRO A 64 7.14 1.43 -5.89
N ILE A 65 6.82 2.17 -4.83
CA ILE A 65 6.90 1.60 -3.49
C ILE A 65 5.59 1.75 -2.72
N ILE A 66 5.14 0.64 -2.14
CA ILE A 66 3.94 0.61 -1.34
C ILE A 66 4.22 -0.11 -0.02
N GLU A 67 3.44 0.20 0.99
CA GLU A 67 3.56 -0.45 2.28
C GLU A 67 2.28 -1.21 2.61
N GLY A 68 2.43 -2.36 3.24
CA GLY A 68 1.27 -3.15 3.64
C GLY A 68 0.48 -2.47 4.72
N TYR A 69 -0.64 -1.86 4.35
CA TYR A 69 -1.44 -1.10 5.30
C TYR A 69 -2.46 -2.00 5.99
N ASP A 70 -2.89 -3.02 5.28
CA ASP A 70 -3.81 -4.02 5.82
C ASP A 70 -3.06 -5.04 6.69
N PRO A 71 -2.02 -5.72 6.17
CA PRO A 71 -1.26 -6.68 6.96
C PRO A 71 -0.46 -6.01 8.07
N PRO A 72 -0.73 -6.37 9.34
CA PRO A 72 -0.06 -5.78 10.50
C PRO A 72 1.39 -6.23 10.66
N GLU A 73 2.08 -6.40 9.54
CA GLU A 73 3.48 -6.81 9.54
C GLU A 73 4.38 -5.60 9.37
N GLY A 74 3.94 -4.66 8.54
CA GLY A 74 4.74 -3.49 8.27
C GLY A 74 5.89 -3.78 7.32
N TRP A 75 5.57 -3.92 6.04
CA TRP A 75 6.58 -4.17 5.02
C TRP A 75 6.28 -3.38 3.77
N GLY A 76 7.30 -3.19 2.95
CA GLY A 76 7.16 -2.42 1.73
C GLY A 76 7.49 -3.23 0.50
N TRP A 77 6.73 -3.03 -0.55
CA TRP A 77 6.93 -3.72 -1.80
C TRP A 77 7.37 -2.72 -2.87
N CYS A 78 8.38 -3.09 -3.64
CA CYS A 78 8.86 -2.24 -4.72
C CYS A 78 8.54 -2.91 -6.05
N TYR A 79 7.62 -2.33 -6.81
CA TYR A 79 7.06 -2.95 -8.02
C TYR A 79 8.14 -3.43 -9.00
N VAL A 80 8.92 -2.50 -9.55
CA VAL A 80 9.89 -2.83 -10.58
C VAL A 80 11.04 -3.70 -10.04
N ASP A 81 11.23 -3.67 -8.73
CA ASP A 81 12.29 -4.46 -8.10
C ASP A 81 11.79 -5.86 -7.80
N GLU A 82 10.52 -5.93 -7.39
CA GLU A 82 9.87 -7.18 -6.99
C GLU A 82 10.48 -7.71 -5.71
N VAL A 83 11.12 -6.82 -4.96
CA VAL A 83 11.69 -7.16 -3.67
C VAL A 83 10.84 -6.60 -2.55
N MET A 84 10.65 -7.42 -1.52
CA MET A 84 9.89 -7.01 -0.35
C MET A 84 10.83 -6.79 0.82
N PHE A 85 10.71 -5.64 1.46
CA PHE A 85 11.54 -5.31 2.61
C PHE A 85 10.66 -4.85 3.76
N ASP A 86 11.09 -5.05 4.98
CA ASP A 86 10.29 -4.69 6.14
C ASP A 86 10.43 -3.21 6.44
N LEU A 87 9.34 -2.60 6.87
CA LEU A 87 9.31 -1.17 7.15
C LEU A 87 8.78 -0.92 8.56
N SER A 88 8.92 -1.91 9.43
CA SER A 88 8.40 -1.84 10.79
C SER A 88 8.88 -0.59 11.53
N ASP A 89 10.09 -0.14 11.19
CA ASP A 89 10.67 1.03 11.86
C ASP A 89 10.16 2.34 11.27
N ARG A 90 9.63 2.28 10.06
CA ARG A 90 9.10 3.46 9.39
C ARG A 90 7.62 3.31 9.10
N MET A 91 7.00 2.30 9.69
CA MET A 91 5.65 1.89 9.30
C MET A 91 4.61 2.96 9.60
N THR A 92 3.64 3.07 8.70
CA THR A 92 2.55 4.02 8.87
C THR A 92 1.45 3.42 9.74
N PRO A 93 1.14 4.07 10.88
CA PRO A 93 0.05 3.63 11.75
C PRO A 93 -1.30 3.73 11.05
N HIS A 94 -2.13 2.71 11.16
CA HIS A 94 -3.44 2.72 10.52
C HIS A 94 -4.37 3.68 11.26
N ASN A 95 -4.94 4.61 10.50
CA ASN A 95 -5.73 5.70 11.07
C ASN A 95 -7.19 5.31 11.25
N GLY A 96 -7.45 4.01 11.16
CA GLY A 96 -8.80 3.51 11.37
C GLY A 96 -8.81 2.01 11.55
N PRO A 97 -9.95 1.45 11.98
CA PRO A 97 -10.12 0.01 12.11
C PRO A 97 -10.42 -0.63 10.77
N ILE A 98 -9.36 -1.09 10.10
CA ILE A 98 -9.50 -1.64 8.76
C ILE A 98 -10.10 -3.04 8.80
N PRO A 99 -11.28 -3.21 8.17
CA PRO A 99 -11.96 -4.51 8.12
C PRO A 99 -11.24 -5.52 7.24
N ARG A 100 -10.58 -6.47 7.87
CA ARG A 100 -9.99 -7.60 7.16
C ARG A 100 -11.07 -8.63 6.86
N TYR A 101 -11.30 -8.88 5.58
CA TYR A 101 -12.35 -9.79 5.17
C TYR A 101 -11.81 -11.22 4.99
N VAL A 102 -10.55 -11.34 4.62
CA VAL A 102 -9.94 -12.65 4.42
C VAL A 102 -9.18 -13.12 5.66
ZN ZN B . 13.28 -0.35 -5.76
ZN ZN C . 1.19 7.07 -5.09
N MET A 1 12.57 -11.52 3.07
CA MET A 1 12.58 -10.08 2.80
C MET A 1 13.99 -9.61 2.48
N THR A 2 14.13 -8.32 2.19
CA THR A 2 15.44 -7.71 1.96
C THR A 2 15.52 -6.38 2.69
N MET A 3 16.63 -5.67 2.54
CA MET A 3 16.82 -4.38 3.19
C MET A 3 16.18 -3.28 2.35
N GLY A 4 15.99 -3.56 1.07
CA GLY A 4 15.33 -2.60 0.20
C GLY A 4 16.06 -2.42 -1.10
N CYS A 5 15.85 -1.27 -1.71
CA CYS A 5 16.53 -0.92 -2.95
C CYS A 5 16.74 0.58 -2.99
N ARG A 6 17.55 1.07 -3.94
CA ARG A 6 17.86 2.50 -4.01
C ARG A 6 16.62 3.35 -4.21
N HIS A 7 15.56 2.73 -4.75
CA HIS A 7 14.26 3.41 -4.89
C HIS A 7 13.73 3.88 -3.54
N VAL A 8 14.17 3.20 -2.47
CA VAL A 8 13.69 3.48 -1.13
C VAL A 8 14.02 4.93 -0.71
N ALA A 9 15.08 5.48 -1.29
CA ALA A 9 15.50 6.85 -0.98
C ALA A 9 14.51 7.87 -1.54
N GLY A 10 13.55 7.41 -2.31
CA GLY A 10 12.57 8.31 -2.92
C GLY A 10 11.23 8.28 -2.22
N ILE A 11 11.11 7.44 -1.21
CA ILE A 11 9.87 7.35 -0.44
C ILE A 11 9.99 8.11 0.87
N ARG A 12 8.87 8.59 1.40
CA ARG A 12 8.88 9.38 2.61
C ARG A 12 7.81 8.89 3.59
N THR A 13 7.66 9.60 4.71
CA THR A 13 6.66 9.25 5.71
C THR A 13 5.30 9.80 5.31
N VAL A 14 4.45 8.93 4.79
CA VAL A 14 3.19 9.35 4.19
C VAL A 14 2.02 9.24 5.16
N THR A 15 0.93 9.89 4.80
CA THR A 15 -0.28 9.88 5.60
C THR A 15 -1.44 9.32 4.77
N PRO A 16 -2.16 8.32 5.31
CA PRO A 16 -3.28 7.69 4.61
C PRO A 16 -4.51 8.59 4.55
N SER A 17 -5.21 8.56 3.43
CA SER A 17 -6.41 9.38 3.26
C SER A 17 -7.66 8.50 3.21
N ALA A 18 -7.50 7.23 3.51
CA ALA A 18 -8.63 6.29 3.49
C ALA A 18 -8.44 5.19 4.52
N LEU A 19 -9.52 4.74 5.11
CA LEU A 19 -9.47 3.69 6.12
C LEU A 19 -9.07 2.36 5.48
N GLY A 20 -9.76 2.02 4.40
CA GLY A 20 -9.47 0.80 3.67
C GLY A 20 -9.33 1.05 2.20
N CYS A 21 -9.82 0.13 1.39
CA CYS A 21 -9.76 0.29 -0.05
C CYS A 21 -10.79 1.31 -0.51
N GLU A 22 -10.29 2.50 -0.85
CA GLU A 22 -11.11 3.60 -1.33
C GLU A 22 -12.11 3.15 -2.40
N GLU A 23 -11.63 2.35 -3.35
CA GLU A 23 -12.46 1.87 -4.44
C GLU A 23 -13.62 1.04 -3.91
N CYS A 24 -13.31 0.08 -3.06
CA CYS A 24 -14.33 -0.81 -2.52
C CYS A 24 -15.29 -0.06 -1.61
N LEU A 25 -14.78 0.95 -0.91
CA LEU A 25 -15.59 1.72 0.04
C LEU A 25 -16.68 2.53 -0.66
N LYS A 26 -16.52 2.79 -1.95
CA LYS A 26 -17.47 3.63 -2.67
C LYS A 26 -18.78 2.89 -2.91
N ILE A 27 -18.73 1.56 -2.91
CA ILE A 27 -19.93 0.76 -3.17
C ILE A 27 -20.21 -0.22 -2.05
N GLY A 28 -19.26 -0.36 -1.13
CA GLY A 28 -19.40 -1.35 -0.07
C GLY A 28 -18.96 -2.72 -0.54
N SER A 29 -17.76 -2.78 -1.08
CA SER A 29 -17.21 -4.01 -1.60
C SER A 29 -16.14 -4.53 -0.64
N PRO A 30 -16.05 -5.86 -0.47
CA PRO A 30 -15.03 -6.48 0.38
C PRO A 30 -13.63 -6.44 -0.24
N TRP A 31 -12.63 -6.64 0.60
CA TRP A 31 -11.24 -6.68 0.14
C TRP A 31 -10.46 -7.69 0.96
N VAL A 32 -9.30 -8.07 0.46
CA VAL A 32 -8.44 -9.01 1.17
C VAL A 32 -7.49 -8.25 2.11
N HIS A 33 -6.55 -7.51 1.54
CA HIS A 33 -5.64 -6.67 2.32
C HIS A 33 -5.43 -5.34 1.61
N LEU A 34 -4.85 -4.37 2.32
CA LEU A 34 -4.69 -3.03 1.78
C LEU A 34 -3.23 -2.70 1.52
N ARG A 35 -3.01 -1.89 0.49
CA ARG A 35 -1.68 -1.42 0.13
C ARG A 35 -1.66 0.09 0.06
N ILE A 36 -0.64 0.71 0.62
CA ILE A 36 -0.49 2.15 0.57
C ILE A 36 0.88 2.50 0.00
N CYS A 37 0.94 3.52 -0.86
CA CYS A 37 2.22 3.97 -1.38
C CYS A 37 3.07 4.55 -0.26
N ARG A 38 4.37 4.39 -0.37
CA ARG A 38 5.29 5.11 0.50
C ARG A 38 5.63 6.46 -0.12
N THR A 39 4.95 6.75 -1.22
CA THR A 39 5.16 7.99 -1.96
C THR A 39 4.06 9.01 -1.66
N CYS A 40 2.83 8.72 -2.11
CA CYS A 40 1.75 9.68 -2.00
C CYS A 40 0.88 9.42 -0.77
N GLY A 41 0.70 8.15 -0.41
CA GLY A 41 -0.13 7.83 0.76
C GLY A 41 -1.56 7.48 0.41
N HIS A 42 -1.84 7.27 -0.87
CA HIS A 42 -3.17 6.90 -1.31
C HIS A 42 -3.35 5.39 -1.14
N VAL A 43 -4.45 4.99 -0.52
CA VAL A 43 -4.67 3.59 -0.18
C VAL A 43 -5.42 2.85 -1.28
N GLY A 44 -5.08 1.59 -1.48
CA GLY A 44 -5.77 0.74 -2.43
C GLY A 44 -5.75 -0.71 -2.00
N CYS A 45 -6.48 -1.57 -2.69
CA CYS A 45 -6.50 -2.98 -2.36
C CYS A 45 -5.42 -3.72 -3.12
N CYS A 46 -4.98 -4.86 -2.59
CA CYS A 46 -4.01 -5.70 -3.26
C CYS A 46 -4.53 -6.15 -4.63
N ASP A 47 -3.61 -6.57 -5.51
CA ASP A 47 -4.00 -7.01 -6.84
C ASP A 47 -4.61 -8.41 -6.79
N ASP A 48 -4.60 -9.01 -5.61
CA ASP A 48 -5.28 -10.28 -5.40
C ASP A 48 -6.78 -10.10 -5.56
N SER A 49 -7.29 -9.03 -4.97
CA SER A 49 -8.70 -8.67 -5.09
C SER A 49 -8.98 -8.15 -6.49
N PRO A 50 -10.03 -8.67 -7.14
CA PRO A 50 -10.39 -8.38 -8.54
C PRO A 50 -10.26 -6.90 -8.93
N HIS A 51 -10.66 -6.01 -8.03
CA HIS A 51 -10.58 -4.57 -8.28
C HIS A 51 -9.16 -4.13 -8.64
N LYS A 52 -8.19 -4.68 -7.92
CA LYS A 52 -6.77 -4.36 -8.11
C LYS A 52 -6.54 -2.85 -8.17
N HIS A 53 -7.03 -2.14 -7.17
CA HIS A 53 -6.97 -0.68 -7.18
C HIS A 53 -5.54 -0.18 -7.02
N ALA A 54 -4.70 -0.97 -6.36
CA ALA A 54 -3.31 -0.59 -6.13
C ALA A 54 -2.51 -0.59 -7.42
N THR A 55 -2.72 -1.61 -8.26
CA THR A 55 -1.99 -1.73 -9.51
C THR A 55 -2.48 -0.70 -10.53
N ARG A 56 -3.79 -0.48 -10.58
CA ARG A 56 -4.35 0.55 -11.44
C ARG A 56 -3.75 1.91 -11.09
N HIS A 57 -3.74 2.20 -9.79
CA HIS A 57 -3.17 3.45 -9.29
C HIS A 57 -1.67 3.53 -9.56
N PHE A 58 -0.99 2.38 -9.47
CA PHE A 58 0.44 2.32 -9.77
C PHE A 58 0.70 2.77 -11.20
N HIS A 59 -0.09 2.28 -12.13
CA HIS A 59 0.06 2.66 -13.54
C HIS A 59 -0.35 4.11 -13.76
N ALA A 60 -1.24 4.60 -12.91
CA ALA A 60 -1.76 5.97 -13.04
C ALA A 60 -0.75 7.00 -12.55
N THR A 61 -0.17 6.78 -11.38
CA THR A 61 0.70 7.78 -10.75
C THR A 61 2.18 7.38 -10.78
N GLY A 62 2.45 6.16 -11.22
CA GLY A 62 3.82 5.69 -11.25
C GLY A 62 4.44 5.60 -9.86
N HIS A 63 3.78 4.88 -8.97
CA HIS A 63 4.28 4.71 -7.61
C HIS A 63 4.55 3.24 -7.34
N PRO A 64 5.79 2.79 -7.58
CA PRO A 64 6.15 1.36 -7.54
C PRO A 64 6.35 0.83 -6.13
N ILE A 65 6.50 1.71 -5.16
CA ILE A 65 6.76 1.27 -3.79
C ILE A 65 5.52 1.44 -2.92
N ILE A 66 5.08 0.31 -2.39
CA ILE A 66 3.94 0.26 -1.51
C ILE A 66 4.34 -0.34 -0.17
N GLU A 67 3.46 -0.23 0.80
CA GLU A 67 3.67 -0.82 2.11
C GLU A 67 2.38 -1.51 2.56
N GLY A 68 2.51 -2.53 3.38
CA GLY A 68 1.36 -3.23 3.90
C GLY A 68 0.54 -2.36 4.84
N TYR A 69 -0.55 -1.83 4.33
CA TYR A 69 -1.39 -0.91 5.08
C TYR A 69 -2.31 -1.66 6.03
N ASP A 70 -2.70 -2.86 5.61
CA ASP A 70 -3.59 -3.70 6.42
C ASP A 70 -2.82 -4.41 7.54
N PRO A 71 -1.70 -5.11 7.23
CA PRO A 71 -0.88 -5.77 8.26
C PRO A 71 0.00 -4.77 9.00
N PRO A 72 -0.17 -4.65 10.32
CA PRO A 72 0.59 -3.70 11.16
C PRO A 72 2.04 -4.14 11.40
N GLU A 73 2.64 -4.74 10.39
CA GLU A 73 4.02 -5.21 10.48
C GLU A 73 5.00 -4.13 10.06
N GLY A 74 4.74 -3.55 8.88
CA GLY A 74 5.63 -2.56 8.34
C GLY A 74 6.60 -3.16 7.34
N TRP A 75 6.09 -3.56 6.19
CA TRP A 75 6.94 -4.08 5.13
C TRP A 75 6.53 -3.46 3.80
N GLY A 76 7.52 -3.25 2.95
CA GLY A 76 7.28 -2.59 1.69
C GLY A 76 7.51 -3.50 0.50
N TRP A 77 6.79 -3.20 -0.58
CA TRP A 77 6.91 -3.97 -1.80
C TRP A 77 7.23 -3.04 -2.96
N CYS A 78 8.18 -3.43 -3.78
CA CYS A 78 8.55 -2.63 -4.94
C CYS A 78 8.10 -3.34 -6.20
N TYR A 79 7.01 -2.88 -6.80
CA TYR A 79 6.38 -3.53 -7.96
C TYR A 79 7.39 -3.90 -9.04
N VAL A 80 8.16 -2.92 -9.48
CA VAL A 80 9.10 -3.12 -10.58
C VAL A 80 10.25 -4.06 -10.20
N ASP A 81 10.51 -4.19 -8.90
CA ASP A 81 11.62 -5.02 -8.43
C ASP A 81 11.13 -6.42 -8.05
N GLU A 82 9.88 -6.47 -7.58
CA GLU A 82 9.27 -7.72 -7.12
C GLU A 82 9.90 -8.20 -5.82
N VAL A 83 10.50 -7.27 -5.09
CA VAL A 83 11.14 -7.60 -3.83
C VAL A 83 10.39 -6.97 -2.66
N MET A 84 10.35 -7.68 -1.55
CA MET A 84 9.73 -7.18 -0.33
C MET A 84 10.81 -6.84 0.69
N PHE A 85 10.73 -5.65 1.26
CA PHE A 85 11.74 -5.19 2.19
C PHE A 85 11.12 -4.66 3.47
N ASP A 86 11.92 -4.58 4.52
CA ASP A 86 11.46 -4.13 5.82
C ASP A 86 11.37 -2.62 5.91
N LEU A 87 10.22 -2.13 6.33
CA LEU A 87 9.99 -0.71 6.50
C LEU A 87 9.44 -0.43 7.89
N SER A 88 9.60 -1.39 8.80
CA SER A 88 8.95 -1.31 10.11
C SER A 88 9.41 -0.10 10.92
N ASP A 89 10.61 0.41 10.61
CA ASP A 89 11.14 1.58 11.31
C ASP A 89 10.51 2.87 10.76
N ARG A 90 9.82 2.75 9.64
CA ARG A 90 9.22 3.90 8.96
C ARG A 90 7.75 3.66 8.71
N MET A 91 7.23 2.55 9.21
CA MET A 91 5.93 2.02 8.83
C MET A 91 4.81 3.05 8.97
N THR A 92 3.89 3.01 8.01
CA THR A 92 2.72 3.85 8.04
C THR A 92 1.50 3.04 8.49
N PRO A 93 1.14 3.14 9.78
CA PRO A 93 -0.01 2.42 10.33
C PRO A 93 -1.32 2.95 9.78
N HIS A 94 -2.37 2.15 9.83
CA HIS A 94 -3.67 2.57 9.33
C HIS A 94 -4.31 3.55 10.29
N ASN A 95 -4.88 4.61 9.74
CA ASN A 95 -5.40 5.73 10.51
C ASN A 95 -6.69 5.38 11.23
N GLY A 96 -7.32 4.30 10.83
CA GLY A 96 -8.53 3.85 11.47
C GLY A 96 -8.67 2.35 11.49
N PRO A 97 -9.56 1.81 12.31
CA PRO A 97 -9.83 0.37 12.35
C PRO A 97 -10.42 -0.14 11.05
N ILE A 98 -9.67 -0.96 10.34
CA ILE A 98 -10.09 -1.47 9.05
C ILE A 98 -11.06 -2.63 9.20
N PRO A 99 -12.22 -2.56 8.51
CA PRO A 99 -13.19 -3.66 8.49
C PRO A 99 -12.55 -4.98 8.05
N ARG A 100 -12.68 -5.99 8.89
CA ARG A 100 -12.06 -7.28 8.64
C ARG A 100 -13.03 -8.17 7.87
N TYR A 101 -12.85 -8.23 6.56
CA TYR A 101 -13.69 -9.08 5.73
C TYR A 101 -13.17 -10.51 5.76
N VAL A 102 -11.87 -10.66 5.58
CA VAL A 102 -11.23 -11.97 5.57
C VAL A 102 -10.20 -12.05 6.68
ZN ZN B . 12.98 -0.87 -6.37
ZN ZN C . 0.43 6.61 -5.05
#